data_3GBI
# 
_entry.id   3GBI 
# 
_audit_conform.dict_name       mmcif_pdbx.dic 
_audit_conform.dict_version    5.387 
_audit_conform.dict_location   http://mmcif.pdb.org/dictionaries/ascii/mmcif_pdbx.dic 
# 
loop_
_database_2.database_id 
_database_2.database_code 
_database_2.pdbx_database_accession 
_database_2.pdbx_DOI 
PDB   3GBI         pdb_00003gbi 10.2210/pdb3gbi/pdb 
NDB   BD0116       ?            ?                   
RCSB  RCSB051659   ?            ?                   
WWPDB D_1000051659 ?            ?                   
# 
loop_
_pdbx_audit_revision_history.ordinal 
_pdbx_audit_revision_history.data_content_type 
_pdbx_audit_revision_history.major_revision 
_pdbx_audit_revision_history.minor_revision 
_pdbx_audit_revision_history.revision_date 
1 'Structure model' 1 0 2009-09-01 
2 'Structure model' 1 1 2011-07-13 
3 'Structure model' 1 2 2017-11-01 
4 'Structure model' 1 3 2024-02-21 
# 
_pdbx_audit_revision_details.ordinal             1 
_pdbx_audit_revision_details.revision_ordinal    1 
_pdbx_audit_revision_details.data_content_type   'Structure model' 
_pdbx_audit_revision_details.provider            repository 
_pdbx_audit_revision_details.type                'Initial release' 
_pdbx_audit_revision_details.description         ? 
_pdbx_audit_revision_details.details             ? 
# 
loop_
_pdbx_audit_revision_group.ordinal 
_pdbx_audit_revision_group.revision_ordinal 
_pdbx_audit_revision_group.data_content_type 
_pdbx_audit_revision_group.group 
1 2 'Structure model' 'Version format compliance' 
2 3 'Structure model' 'Refinement description'    
3 4 'Structure model' 'Data collection'           
4 4 'Structure model' 'Database references'       
5 4 'Structure model' 'Derived calculations'      
# 
loop_
_pdbx_audit_revision_category.ordinal 
_pdbx_audit_revision_category.revision_ordinal 
_pdbx_audit_revision_category.data_content_type 
_pdbx_audit_revision_category.category 
1 3 'Structure model' software       
2 4 'Structure model' chem_comp_atom 
3 4 'Structure model' chem_comp_bond 
4 4 'Structure model' database_2     
5 4 'Structure model' struct_conn    
6 4 'Structure model' struct_ref_seq 
# 
loop_
_pdbx_audit_revision_item.ordinal 
_pdbx_audit_revision_item.revision_ordinal 
_pdbx_audit_revision_item.data_content_type 
_pdbx_audit_revision_item.item 
1  3 'Structure model' '_software.name'                      
2  4 'Structure model' '_database_2.pdbx_DOI'                
3  4 'Structure model' '_database_2.pdbx_database_accession' 
4  4 'Structure model' '_struct_conn.pdbx_leaving_atom_flag' 
5  4 'Structure model' '_struct_conn.ptnr1_auth_asym_id'     
6  4 'Structure model' '_struct_conn.ptnr1_auth_comp_id'     
7  4 'Structure model' '_struct_conn.ptnr1_auth_seq_id'      
8  4 'Structure model' '_struct_conn.ptnr1_label_asym_id'    
9  4 'Structure model' '_struct_conn.ptnr1_label_atom_id'    
10 4 'Structure model' '_struct_conn.ptnr1_label_comp_id'    
11 4 'Structure model' '_struct_conn.ptnr1_label_seq_id'     
12 4 'Structure model' '_struct_conn.ptnr1_symmetry'         
13 4 'Structure model' '_struct_conn.ptnr2_auth_asym_id'     
14 4 'Structure model' '_struct_conn.ptnr2_auth_comp_id'     
15 4 'Structure model' '_struct_conn.ptnr2_auth_seq_id'      
16 4 'Structure model' '_struct_conn.ptnr2_label_asym_id'    
17 4 'Structure model' '_struct_conn.ptnr2_label_atom_id'    
18 4 'Structure model' '_struct_conn.ptnr2_label_comp_id'    
19 4 'Structure model' '_struct_conn.ptnr2_label_seq_id'     
20 4 'Structure model' '_struct_conn.ptnr2_symmetry'         
21 4 'Structure model' '_struct_ref_seq.db_align_beg'        
22 4 'Structure model' '_struct_ref_seq.db_align_end'        
# 
_pdbx_database_status.entry_id                        3GBI 
_pdbx_database_status.deposit_site                    RCSB 
_pdbx_database_status.process_site                    RCSB 
_pdbx_database_status.recvd_initial_deposition_date   2009-02-19 
_pdbx_database_status.status_code                     REL 
_pdbx_database_status.status_code_sf                  REL 
_pdbx_database_status.status_code_mr                  ? 
_pdbx_database_status.SG_entry                        ? 
_pdbx_database_status.pdb_format_compatible           Y 
_pdbx_database_status.status_code_cs                  ? 
_pdbx_database_status.methods_development_category    ? 
_pdbx_database_status.status_code_nmr_data            ? 
# 
loop_
_audit_author.name 
_audit_author.pdbx_ordinal 
'Birktoft, J.J.' 1 
'Zheng, J.'      2 
'Seeman, N.C.'   3 
# 
_citation.id                        primary 
_citation.title                     'From molecular to macroscopic via the rational design of a self-assembled 3D DNA crystal.' 
_citation.journal_abbrev            Nature 
_citation.journal_volume            461 
_citation.page_first                74 
_citation.page_last                 77 
_citation.year                      2009 
_citation.journal_id_ASTM           NATUAS 
_citation.country                   UK 
_citation.journal_id_ISSN           0028-0836 
_citation.journal_id_CSD            0006 
_citation.book_publisher            ? 
_citation.pdbx_database_id_PubMed   19727196 
_citation.pdbx_database_id_DOI      10.1038/nature08274 
# 
loop_
_citation_author.citation_id 
_citation_author.name 
_citation_author.ordinal 
_citation_author.identifier_ORCID 
primary 'Zheng, J.'          1 ? 
primary 'Birktoft, J.J.'     2 ? 
primary 'Chen, Y.'           3 ? 
primary 'Wang, T.'           4 ? 
primary 'Sha, R.'            5 ? 
primary 'Constantinou, P.E.' 6 ? 
primary 'Ginell, S.L.'       7 ? 
primary 'Mao, C.'            8 ? 
primary 'Seeman, N.C.'       9 ? 
# 
loop_
_entity.id 
_entity.type 
_entity.src_method 
_entity.pdbx_description 
_entity.formula_weight 
_entity.pdbx_number_of_molecules 
_entity.pdbx_ec 
_entity.pdbx_mutation 
_entity.pdbx_fragment 
_entity.details 
1 polymer syn 
;DNA (5'-D(*GP*AP*GP*CP*AP*GP*CP*CP*TP*GP*TP*AP*CP*GP*GP*AP*CP*AP*TP*CP*A)-3')
;
6457.188 1 ? ? ?                                                                                                         ? 
2 polymer syn 
;DNA (5'-D(P*CP*CP*GP*TP*AP*CP*A)-3')
;
2082.400 1 ? ? 'symmetrically- and sequentially repeating unit of a circular DNA molecules, see remark 400 for details.' ? 
3 polymer syn 
;DNA (5'-D(P*GP*GP*CP*TP*GP*C)-3')
;
1825.216 1 ? ? 'last 6 residues of a DNA molecule used in experiment, see remark 400 for details.'                       ? 
4 polymer syn 
;DNA (5'-D(*TP*CP*TP*GP*AP*TP*GP*T)-3')
;
2432.614 1 ? ? 'first 8 residues of a DNA molecule used in experiment, see remark 400 for details.'                      ? 
# 
loop_
_entity_poly.entity_id 
_entity_poly.type 
_entity_poly.nstd_linkage 
_entity_poly.nstd_monomer 
_entity_poly.pdbx_seq_one_letter_code 
_entity_poly.pdbx_seq_one_letter_code_can 
_entity_poly.pdbx_strand_id 
_entity_poly.pdbx_target_identifier 
1 polydeoxyribonucleotide no no 
;(DG)(DA)(DG)(DC)(DA)(DG)(DC)(DC)(DT)(DG)(DT)(DA)(DC)(DG)(DG)(DA)(DC)(DA)(DT)(DC)
(DA)
;
GAGCAGCCTGTACGGACATCA A ? 
2 polydeoxyribonucleotide no no '(DC)(DC)(DG)(DT)(DA)(DC)(DA)'                                                          CCGTACA B 
? 
3 polydeoxyribonucleotide no no '(DG)(DG)(DC)(DT)(DG)(DC)'                                                              GGCTGC C ? 
4 polydeoxyribonucleotide no no '(DT)(DC)(DT)(DG)(DA)(DT)(DG)(DT)'                                                      TCTGATGT D 
? 
# 
loop_
_entity_poly_seq.entity_id 
_entity_poly_seq.num 
_entity_poly_seq.mon_id 
_entity_poly_seq.hetero 
1 1  DG n 
1 2  DA n 
1 3  DG n 
1 4  DC n 
1 5  DA n 
1 6  DG n 
1 7  DC n 
1 8  DC n 
1 9  DT n 
1 10 DG n 
1 11 DT n 
1 12 DA n 
1 13 DC n 
1 14 DG n 
1 15 DG n 
1 16 DA n 
1 17 DC n 
1 18 DA n 
1 19 DT n 
1 20 DC n 
1 21 DA n 
2 1  DC n 
2 2  DC n 
2 3  DG n 
2 4  DT n 
2 5  DA n 
2 6  DC n 
2 7  DA n 
3 1  DG n 
3 2  DG n 
3 3  DC n 
3 4  DT n 
3 5  DG n 
3 6  DC n 
4 1  DT n 
4 2  DC n 
4 3  DT n 
4 4  DG n 
4 5  DA n 
4 6  DT n 
4 7  DG n 
4 8  DT n 
# 
loop_
_pdbx_entity_src_syn.entity_id 
_pdbx_entity_src_syn.pdbx_src_id 
_pdbx_entity_src_syn.pdbx_alt_source_flag 
_pdbx_entity_src_syn.pdbx_beg_seq_num 
_pdbx_entity_src_syn.pdbx_end_seq_num 
_pdbx_entity_src_syn.organism_scientific 
_pdbx_entity_src_syn.organism_common_name 
_pdbx_entity_src_syn.ncbi_taxonomy_id 
_pdbx_entity_src_syn.details 
1 1 sample ? ? ? ? ? 
;DNA strands were synthesized by standard phosphoramidite techniques on an Applied Biosystems 394 DNA synthesizer using trityl-on mode.
;
2 1 sample ? ? ? ? ? 
'DNA strands were synthesized by standard phosphoramidite techniques on an Applied Biosystems 394 DNA synthesizer using trityl-on' 
3 1 sample ? ? ? ? ? 
'DNA strands were synthesized by standard phosphoramidite techniques on an Applied Biosystems 394 DNA synthesizer using trityl-on' 
4 1 sample ? ? ? ? ? 
'DNA strands were synthesized by standard phosphoramidite techniques on an Applied Biosystems 394 DNA synthesizer using trityl-on' 
# 
loop_
_chem_comp.id 
_chem_comp.type 
_chem_comp.mon_nstd_flag 
_chem_comp.name 
_chem_comp.pdbx_synonyms 
_chem_comp.formula 
_chem_comp.formula_weight 
DA 'DNA linking' y "2'-DEOXYADENOSINE-5'-MONOPHOSPHATE" ? 'C10 H14 N5 O6 P' 331.222 
DC 'DNA linking' y "2'-DEOXYCYTIDINE-5'-MONOPHOSPHATE"  ? 'C9 H14 N3 O7 P'  307.197 
DG 'DNA linking' y "2'-DEOXYGUANOSINE-5'-MONOPHOSPHATE" ? 'C10 H14 N5 O7 P' 347.221 
DT 'DNA linking' y "THYMIDINE-5'-MONOPHOSPHATE"         ? 'C10 H15 N2 O8 P' 322.208 
# 
loop_
_pdbx_poly_seq_scheme.asym_id 
_pdbx_poly_seq_scheme.entity_id 
_pdbx_poly_seq_scheme.seq_id 
_pdbx_poly_seq_scheme.mon_id 
_pdbx_poly_seq_scheme.ndb_seq_num 
_pdbx_poly_seq_scheme.pdb_seq_num 
_pdbx_poly_seq_scheme.auth_seq_num 
_pdbx_poly_seq_scheme.pdb_mon_id 
_pdbx_poly_seq_scheme.auth_mon_id 
_pdbx_poly_seq_scheme.pdb_strand_id 
_pdbx_poly_seq_scheme.pdb_ins_code 
_pdbx_poly_seq_scheme.hetero 
A 1 1  DG 1  101 101 DG DG A . n 
A 1 2  DA 2  102 102 DA DA A . n 
A 1 3  DG 3  103 103 DG DG A . n 
A 1 4  DC 4  104 104 DC DC A . n 
A 1 5  DA 5  105 105 DA DA A . n 
A 1 6  DG 6  106 106 DG DG A . n 
A 1 7  DC 7  107 107 DC DC A . n 
A 1 8  DC 8  108 108 DC DC A . n 
A 1 9  DT 9  109 109 DT DT A . n 
A 1 10 DG 10 110 110 DG DG A . n 
A 1 11 DT 11 111 111 DT DT A . n 
A 1 12 DA 12 112 112 DA DA A . n 
A 1 13 DC 13 113 113 DC DC A . n 
A 1 14 DG 14 114 114 DG DG A . n 
A 1 15 DG 15 115 115 DG DG A . n 
A 1 16 DA 16 116 116 DA DA A . n 
A 1 17 DC 17 117 117 DC DC A . n 
A 1 18 DA 18 118 118 DA DA A . n 
A 1 19 DT 19 119 119 DT DT A . n 
A 1 20 DC 20 120 120 DC DC A . n 
A 1 21 DA 21 121 121 DA DA A . n 
B 2 1  DC 1  119 119 DC DC B . n 
B 2 2  DC 2  120 120 DC DC B . n 
B 2 3  DG 3  121 121 DG DG B . n 
B 2 4  DT 4  122 122 DT DT B . n 
B 2 5  DA 5  123 123 DA DA B . n 
B 2 6  DC 6  124 124 DC DC B . n 
B 2 7  DA 7  125 125 DA DA B . n 
C 3 1  DG 1  209 209 DG DG C . n 
C 3 2  DG 2  210 210 DG DG C . n 
C 3 3  DC 3  211 211 DC DC C . n 
C 3 4  DT 4  212 212 DT DT C . n 
C 3 5  DG 5  213 213 DG DG C . n 
C 3 6  DC 6  214 214 DC DC C . n 
D 4 1  DT 1  101 101 DT DT D . n 
D 4 2  DC 2  102 102 DC DC D . n 
D 4 3  DT 3  103 103 DT DT D . n 
D 4 4  DG 4  104 104 DG DG D . n 
D 4 5  DA 5  105 105 DA DA D . n 
D 4 6  DT 6  106 106 DT DT D . n 
D 4 7  DG 7  107 107 DG DG D . n 
D 4 8  DT 8  108 108 DT DT D . n 
# 
loop_
_software.name 
_software.version 
_software.date 
_software.type 
_software.contact_author 
_software.contact_author_email 
_software.classification 
_software.location 
_software.language 
_software.citation_id 
_software.pdbx_ordinal 
PHENIX      .     ?               package 'Paul D. Adams' PDAdams@lbl.gov       refinement        http://www.phenix-online.org/ 
C++ ? 1 
PDB_EXTRACT 3.006 'June 11, 2008' package PDB             help@deposit.rcsb.org 'data extraction' 
http://sw-tools.pdb.org/apps/PDB_EXTRACT/ C++ ? 2 
HKL-3000    .     ?               ?       ?               ?                     'data collection' ? ?   ? 3 
HKL-3000    .     ?               ?       ?               ?                     'data reduction'  ? ?   ? 4 
HKL-3000    .     ?               ?       ?               ?                     'data scaling'    ? ?   ? 5 
HKL2Map     .     ?               ?       ?               ?                     phasing           ? ?   ? 6 
# 
_cell.entry_id           3GBI 
_cell.length_a           107.161 
_cell.length_b           107.161 
_cell.length_c           93.144 
_cell.angle_alpha        90.00 
_cell.angle_beta         90.00 
_cell.angle_gamma        120.00 
_cell.Z_PDB              9 
_cell.pdbx_unique_axis   ? 
_cell.length_a_esd       ? 
_cell.length_b_esd       ? 
_cell.length_c_esd       ? 
_cell.angle_alpha_esd    ? 
_cell.angle_beta_esd     ? 
_cell.angle_gamma_esd    ? 
# 
_symmetry.entry_id                         3GBI 
_symmetry.space_group_name_H-M             'H 3' 
_symmetry.pdbx_full_space_group_name_H-M   ? 
_symmetry.cell_setting                     ? 
_symmetry.Int_Tables_number                146 
_symmetry.space_group_name_Hall            ? 
# 
_exptl.entry_id          3GBI 
_exptl.method            'X-RAY DIFFRACTION' 
_exptl.crystals_number   1 
# 
_exptl_crystal.id                    1 
_exptl_crystal.density_meas          ? 
_exptl_crystal.density_Matthews      ? 
_exptl_crystal.density_percent_sol   ? 
_exptl_crystal.description           ? 
_exptl_crystal.F_000                 ? 
_exptl_crystal.preparation           ? 
# 
_exptl_crystal_grow.crystal_id      1 
_exptl_crystal_grow.method          'VAPOR DIFFUSION, SITTING DROP' 
_exptl_crystal_grow.temp            293 
_exptl_crystal_grow.temp_details    ? 
_exptl_crystal_grow.pH              8.5 
_exptl_crystal_grow.pdbx_pH_range   ? 
_exptl_crystal_grow.pdbx_details    
;Grown by vapor diffusion while treated with a controlled temperature gradient from 333 degs to 293 degs., pH 8.5, VAPOR DIFFUSION, SITTING DROP
;
# 
_diffrn.id                     1 
_diffrn.ambient_temp           ? 
_diffrn.ambient_temp_details   ? 
_diffrn.crystal_id             1 
# 
_diffrn_detector.diffrn_id              1 
_diffrn_detector.detector               CCD 
_diffrn_detector.type                   'ADSC QUANTUM 315r' 
_diffrn_detector.pdbx_collection_date   2008-06-17 
_diffrn_detector.details                ? 
# 
_diffrn_radiation.diffrn_id                        1 
_diffrn_radiation.wavelength_id                    1 
_diffrn_radiation.pdbx_monochromatic_or_laue_m_l   M 
_diffrn_radiation.monochromator                    Graphite 
_diffrn_radiation.pdbx_diffrn_protocol             'SINGLE WAVELENGTH' 
_diffrn_radiation.pdbx_scattering_type             x-ray 
# 
_diffrn_radiation_wavelength.id           1 
_diffrn_radiation_wavelength.wavelength   1.0 
_diffrn_radiation_wavelength.wt           1.0 
# 
_diffrn_source.diffrn_id                   1 
_diffrn_source.source                      SYNCHROTRON 
_diffrn_source.type                        'APS BEAMLINE 19-ID' 
_diffrn_source.pdbx_synchrotron_site       APS 
_diffrn_source.pdbx_synchrotron_beamline   19-ID 
_diffrn_source.pdbx_wavelength             ? 
_diffrn_source.pdbx_wavelength_list        1.0 
# 
_reflns.entry_id                     3GBI 
_reflns.observed_criterion_sigma_I   0 
_reflns.observed_criterion_sigma_F   0 
_reflns.d_resolution_low             17.3 
_reflns.d_resolution_high            4.01 
_reflns.number_obs                   3211 
_reflns.number_all                   3341 
_reflns.percent_possible_obs         96.1 
_reflns.pdbx_Rmerge_I_obs            0.067 
_reflns.pdbx_Rsym_value              ? 
_reflns.pdbx_netI_over_sigmaI        10.9 
_reflns.B_iso_Wilson_estimate        199.880 
_reflns.pdbx_redundancy              7.3 
_reflns.R_free_details               ? 
_reflns.pdbx_chi_squared             ? 
_reflns.pdbx_scaling_rejects         ? 
_reflns.pdbx_diffrn_id               1 
_reflns.pdbx_ordinal                 1 
# 
_reflns_shell.d_res_high             4.00 
_reflns_shell.d_res_low              4.07 
_reflns_shell.percent_possible_all   100 
_reflns_shell.Rmerge_I_obs           ? 
_reflns_shell.pdbx_Rsym_value        ? 
_reflns_shell.meanI_over_sigI_obs    ? 
_reflns_shell.pdbx_redundancy        ? 
_reflns_shell.percent_possible_obs   ? 
_reflns_shell.number_unique_all      ? 
_reflns_shell.number_measured_all    ? 
_reflns_shell.number_measured_obs    ? 
_reflns_shell.number_unique_obs      ? 
_reflns_shell.pdbx_chi_squared       ? 
_reflns_shell.pdbx_diffrn_id         ? 
_reflns_shell.pdbx_ordinal           1 
# 
_refine.pdbx_refine_id                           'X-RAY DIFFRACTION' 
_refine.entry_id                                 3GBI 
_refine.ls_number_reflns_obs                     2022 
_refine.ls_number_reflns_all                     3211 
_refine.pdbx_ls_sigma_I                          ? 
_refine.pdbx_ls_sigma_F                          0.14 
_refine.pdbx_data_cutoff_high_absF               ? 
_refine.pdbx_data_cutoff_low_absF                ? 
_refine.pdbx_data_cutoff_high_rms_absF           ? 
_refine.ls_d_res_low                             17.288 
_refine.ls_d_res_high                            4.018 
_refine.ls_percent_reflns_obs                    61.140 
_refine.ls_R_factor_obs                          0.246 
_refine.ls_R_factor_all                          0.246 
_refine.ls_R_factor_R_work                       0.240 
_refine.ls_R_factor_R_free                       0.309 
_refine.ls_R_factor_R_free_error                 ? 
_refine.ls_R_factor_R_free_error_details         ? 
_refine.ls_percent_reflns_R_free                 10.040 
_refine.ls_number_reflns_R_free                  203 
_refine.ls_number_parameters                     ? 
_refine.ls_number_restraints                     ? 
_refine.occupancy_min                            1.00 
_refine.occupancy_max                            1.00 
_refine.correlation_coeff_Fo_to_Fc               ? 
_refine.correlation_coeff_Fo_to_Fc_free          ? 
_refine.B_iso_mean                               80.000 
_refine.aniso_B[1][1]                            63.252 
_refine.aniso_B[2][2]                            63.252 
_refine.aniso_B[3][3]                            227.851 
_refine.aniso_B[1][2]                            0.000 
_refine.aniso_B[1][3]                            0.000 
_refine.aniso_B[2][3]                            0.000 
_refine.solvent_model_details                    'FLAT BULK SOLVENT MODEL' 
_refine.solvent_model_param_ksol                 0.090 
_refine.solvent_model_param_bsol                 20.001 
_refine.pdbx_solvent_vdw_probe_radii             ? 
_refine.pdbx_solvent_ion_probe_radii             ? 
_refine.pdbx_solvent_shrinkage_radii             ? 
_refine.pdbx_ls_cross_valid_method               ? 
_refine.details                                  
;In reality all 3211 measured reflections were used in the refinement (using PHENIX). Of these only 2022 had FOBS/SIGMA_FOBS >/=  0.140.
;
_refine.pdbx_starting_model                      ? 
_refine.pdbx_method_to_determine_struct          ? 
_refine.pdbx_isotropic_thermal_model             ? 
_refine.pdbx_stereochemistry_target_values       ML 
_refine.pdbx_stereochem_target_val_spec_case     ? 
_refine.pdbx_R_Free_selection_details            Random 
_refine.pdbx_overall_ESU_R                       ? 
_refine.pdbx_overall_ESU_R_Free                  ? 
_refine.overall_SU_ML                            0.830 
_refine.pdbx_overall_phase_error                 ? 
_refine.overall_SU_B                             ? 
_refine.ls_redundancy_reflns_obs                 ? 
_refine.overall_SU_R_Cruickshank_DPI             ? 
_refine.overall_SU_R_free                        ? 
_refine.ls_wR_factor_R_free                      ? 
_refine.ls_wR_factor_R_work                      ? 
_refine.overall_FOM_free_R_set                   ? 
_refine.overall_FOM_work_R_set                   ? 
_refine.pdbx_diffrn_id                           1 
_refine.pdbx_TLS_residual_ADP_flag               ? 
_refine.pdbx_overall_SU_R_free_Cruickshank_DPI   ? 
_refine.pdbx_overall_SU_R_Blow_DPI               ? 
_refine.pdbx_overall_SU_R_free_Blow_DPI          ? 
# 
_refine_hist.pdbx_refine_id                   'X-RAY DIFFRACTION' 
_refine_hist.cycle_id                         LAST 
_refine_hist.pdbx_number_atoms_protein        0 
_refine_hist.pdbx_number_atoms_nucleic_acid   855 
_refine_hist.pdbx_number_atoms_ligand         0 
_refine_hist.number_atoms_solvent             0 
_refine_hist.number_atoms_total               855 
_refine_hist.d_res_high                       4.018 
_refine_hist.d_res_low                        17.288 
# 
loop_
_refine_ls_restr.type 
_refine_ls_restr.dev_ideal 
_refine_ls_restr.dev_ideal_target 
_refine_ls_restr.weight 
_refine_ls_restr.number 
_refine_ls_restr.pdbx_refine_id 
_refine_ls_restr.pdbx_restraint_function 
f_bond_d           0.016  ? ? 1052 'X-RAY DIFFRACTION' ? 
f_angle_d          1.364  ? ? 1465 'X-RAY DIFFRACTION' ? 
f_dihedral_angle_d 31.823 ? ? 406  'X-RAY DIFFRACTION' ? 
f_chiral_restr     0.058  ? ? 166  'X-RAY DIFFRACTION' ? 
f_plane_restr      0.002  ? ? 42   'X-RAY DIFFRACTION' ? 
# 
_refine_ls_shell.pdbx_refine_id                   'X-RAY DIFFRACTION' 
_refine_ls_shell.pdbx_total_number_of_bins_used   1 
_refine_ls_shell.d_res_high                       4.018 
_refine_ls_shell.d_res_low                        ? 
_refine_ls_shell.number_reflns_R_work             1819 
_refine_ls_shell.R_factor_R_work                  0.240 
_refine_ls_shell.percent_reflns_obs               61.000 
_refine_ls_shell.R_factor_R_free                  0.309 
_refine_ls_shell.R_factor_R_free_error            ? 
_refine_ls_shell.percent_reflns_R_free            ? 
_refine_ls_shell.number_reflns_R_free             203 
_refine_ls_shell.number_reflns_all                2022 
_refine_ls_shell.R_factor_all                     ? 
_refine_ls_shell.redundancy_reflns_obs            ? 
_refine_ls_shell.number_reflns_obs                ? 
# 
_struct.entry_id                  3GBI 
_struct.title                     'The Rational Design and Structural Analysis of a Self-Assembled Three-Dimensional DNA Crystal' 
_struct.pdbx_model_details        ? 
_struct.pdbx_CASP_flag            N 
_struct.pdbx_model_type_details   ? 
# 
_struct_keywords.entry_id        3GBI 
_struct_keywords.pdbx_keywords   DNA 
_struct_keywords.text            'nanotechnology, DNA crystals, DNA crossover, designed crystal lattice, DNA' 
# 
loop_
_struct_asym.id 
_struct_asym.pdbx_blank_PDB_chainid_flag 
_struct_asym.pdbx_modified 
_struct_asym.entity_id 
_struct_asym.details 
A N N 1 ? 
B N N 2 ? 
C N N 3 ? 
D N N 4 ? 
# 
loop_
_struct_ref.entity_id 
_struct_ref.pdbx_db_accession 
_struct_ref.db_code 
_struct_ref.db_name 
_struct_ref.id 
_struct_ref.pdbx_align_begin 
_struct_ref.pdbx_seq_one_letter_code 
_struct_ref.pdbx_db_isoform 
1 3GBI 3GBI PDB 1 1 GAGCAGCCTGTACGGACATCA ? 
2 3GBI 3GBI PDB 2 1 CCGTACA               ? 
3 3GBI 3GBI PDB 3 1 GGCTGC                ? 
4 3GBI 3GBI PDB 4 1 TCTGATGT              ? 
# 
loop_
_struct_ref_seq.align_id 
_struct_ref_seq.ref_id 
_struct_ref_seq.pdbx_PDB_id_code 
_struct_ref_seq.pdbx_strand_id 
_struct_ref_seq.seq_align_beg 
_struct_ref_seq.pdbx_seq_align_beg_ins_code 
_struct_ref_seq.seq_align_end 
_struct_ref_seq.pdbx_seq_align_end_ins_code 
_struct_ref_seq.pdbx_db_accession 
_struct_ref_seq.db_align_beg 
_struct_ref_seq.pdbx_db_align_beg_ins_code 
_struct_ref_seq.db_align_end 
_struct_ref_seq.pdbx_db_align_end_ins_code 
_struct_ref_seq.pdbx_auth_seq_align_beg 
_struct_ref_seq.pdbx_auth_seq_align_end 
1 1 3GBI A 1 ? 21 ? 3GBI 101 ? 121 ? 101 121 
2 2 3GBI B 1 ? 7  ? 3GBI 119 ? 125 ? 119 125 
3 3 3GBI C 1 ? 6  ? 3GBI 209 ? 214 ? 209 214 
4 4 3GBI D 1 ? 8  ? 3GBI 101 ? 108 ? 101 108 
# 
_pdbx_struct_assembly.id                   1 
_pdbx_struct_assembly.details              author_defined_assembly 
_pdbx_struct_assembly.method_details       ? 
_pdbx_struct_assembly.oligomeric_details   heptameric 
_pdbx_struct_assembly.oligomeric_count     7 
# 
_pdbx_struct_assembly_gen.assembly_id       1 
_pdbx_struct_assembly_gen.oper_expression   1,2,3 
_pdbx_struct_assembly_gen.asym_id_list      A,B,C,D 
# 
loop_
_pdbx_struct_oper_list.id 
_pdbx_struct_oper_list.type 
_pdbx_struct_oper_list.name 
_pdbx_struct_oper_list.symmetry_operation 
_pdbx_struct_oper_list.matrix[1][1] 
_pdbx_struct_oper_list.matrix[1][2] 
_pdbx_struct_oper_list.matrix[1][3] 
_pdbx_struct_oper_list.vector[1] 
_pdbx_struct_oper_list.matrix[2][1] 
_pdbx_struct_oper_list.matrix[2][2] 
_pdbx_struct_oper_list.matrix[2][3] 
_pdbx_struct_oper_list.vector[2] 
_pdbx_struct_oper_list.matrix[3][1] 
_pdbx_struct_oper_list.matrix[3][2] 
_pdbx_struct_oper_list.matrix[3][3] 
_pdbx_struct_oper_list.vector[3] 
1 'identity operation'         1_555 x,y,z     1.0000000000 0.0000000000  0.0000000000  0.0000000000   0.0000000000  1.0000000000  0.0000000000  0.0000000000   0.0000000000  0.0000000000  1.0000000000 0.0000000000   
2 'crystal symmetry operation' 2_555 -y,x-y,z  0.2396651418 -0.6715136972 -0.7011633007 -14.7762189257 0.5581108184  -0.4956533666 0.6654622864  -15.3249171859 -0.7944009908 -0.5508149368 0.2559882248 -13.4537970201 
3 'crystal symmetry operation' 3_555 -x+y,-x,z 0.2396651418 0.5581108184  -0.7944009908 1.4066369950   -0.6715136972 -0.4956533666 -0.5508149368 -24.9288325532 -0.7011633007 0.6654622864  0.2559882248 3.2816256109 
# 
_struct_biol.id        1 
_struct_biol.details   
;Authors state that the crystal is an infinite network made from three DNA strands that self-associate. In the current entry the asymmetric unit is comprised of 4 chains, 3 of which are fragments of longer DNA strands. Applying the space group H3 symmetry operators (X, Y, Z,), (-Y, X-Y, Z), and (-X+Y,-X,Z) to the contents of the asymmetric unit generates one trimeric unit of the self-associated DNA network. Additional details about the chemical composition and association are included in remark 400.
;
# 
loop_
_struct_conn.id 
_struct_conn.conn_type_id 
_struct_conn.pdbx_leaving_atom_flag 
_struct_conn.pdbx_PDB_id 
_struct_conn.ptnr1_label_asym_id 
_struct_conn.ptnr1_label_comp_id 
_struct_conn.ptnr1_label_seq_id 
_struct_conn.ptnr1_label_atom_id 
_struct_conn.pdbx_ptnr1_label_alt_id 
_struct_conn.pdbx_ptnr1_PDB_ins_code 
_struct_conn.pdbx_ptnr1_standard_comp_id 
_struct_conn.ptnr1_symmetry 
_struct_conn.ptnr2_label_asym_id 
_struct_conn.ptnr2_label_comp_id 
_struct_conn.ptnr2_label_seq_id 
_struct_conn.ptnr2_label_atom_id 
_struct_conn.pdbx_ptnr2_label_alt_id 
_struct_conn.pdbx_ptnr2_PDB_ins_code 
_struct_conn.ptnr1_auth_asym_id 
_struct_conn.ptnr1_auth_comp_id 
_struct_conn.ptnr1_auth_seq_id 
_struct_conn.ptnr2_auth_asym_id 
_struct_conn.ptnr2_auth_comp_id 
_struct_conn.ptnr2_auth_seq_id 
_struct_conn.ptnr2_symmetry 
_struct_conn.pdbx_ptnr3_label_atom_id 
_struct_conn.pdbx_ptnr3_label_seq_id 
_struct_conn.pdbx_ptnr3_label_comp_id 
_struct_conn.pdbx_ptnr3_label_asym_id 
_struct_conn.pdbx_ptnr3_label_alt_id 
_struct_conn.pdbx_ptnr3_PDB_ins_code 
_struct_conn.details 
_struct_conn.pdbx_dist_value 
_struct_conn.pdbx_value_order 
_struct_conn.pdbx_role 
covale1  covale both ? B DC 1  P  ? ? ? 1_555 B DA 7 "O3'" ? ? B DC 119 B DA 125 2_555 ? ? ? ? ? ? ?               1.612 ? ? 
covale2  covale both ? B DC 1  P  ? ? ? 3_555 B DA 7 "O3'" ? ? B DC 119 B DA 125 1_555 ? ? ? ? ? ? ?               1.612 ? ? 
covale3  covale both ? C DG 1  P  ? ? ? 1_555 D DT 8 "O3'" ? ? C DG 209 D DT 108 3_555 ? ? ? ? ? ? ?               1.614 ? ? 
covale4  covale both ? C DG 1  P  ? ? ? 2_555 D DT 8 "O3'" ? ? C DG 209 D DT 108 1_555 ? ? ? ? ? ? ?               1.614 ? ? 
hydrog1  hydrog ?    ? A DG 3  N1 ? ? ? 1_555 C DC 6 N3    ? ? A DG 103 C DC 214 1_555 ? ? ? ? ? ? WATSON-CRICK    ?     ? ? 
hydrog2  hydrog ?    ? A DG 3  N2 ? ? ? 1_555 C DC 6 O2    ? ? A DG 103 C DC 214 1_555 ? ? ? ? ? ? WATSON-CRICK    ?     ? ? 
hydrog3  hydrog ?    ? A DG 3  O6 ? ? ? 1_555 C DC 6 N4    ? ? A DG 103 C DC 214 1_555 ? ? ? ? ? ? WATSON-CRICK    ?     ? ? 
hydrog4  hydrog ?    ? A DC 4  N3 ? ? ? 1_555 C DG 5 N1    ? ? A DC 104 C DG 213 1_555 ? ? ? ? ? ? WATSON-CRICK    ?     ? ? 
hydrog5  hydrog ?    ? A DC 4  N4 ? ? ? 1_555 C DG 5 O6    ? ? A DC 104 C DG 213 1_555 ? ? ? ? ? ? WATSON-CRICK    ?     ? ? 
hydrog6  hydrog ?    ? A DC 4  O2 ? ? ? 1_555 C DG 5 N2    ? ? A DC 104 C DG 213 1_555 ? ? ? ? ? ? WATSON-CRICK    ?     ? ? 
hydrog7  hydrog ?    ? A DA 5  N1 ? ? ? 1_555 C DT 4 N3    ? ? A DA 105 C DT 212 1_555 ? ? ? ? ? ? WATSON-CRICK    ?     ? ? 
hydrog8  hydrog ?    ? A DA 5  N6 ? ? ? 1_555 C DT 4 O4    ? ? A DA 105 C DT 212 1_555 ? ? ? ? ? ? WATSON-CRICK    ?     ? ? 
hydrog9  hydrog ?    ? A DG 6  N2 ? ? ? 1_555 C DC 3 N3    ? ? A DG 106 C DC 211 1_555 ? ? ? ? ? ? 'DG-DC PAIR'    ?     ? ? 
hydrog10 hydrog ?    ? A DC 7  N3 ? ? ? 1_555 C DG 2 N1    ? ? A DC 107 C DG 210 1_555 ? ? ? ? ? ? WATSON-CRICK    ?     ? ? 
hydrog11 hydrog ?    ? A DC 7  N4 ? ? ? 1_555 C DG 2 O6    ? ? A DC 107 C DG 210 1_555 ? ? ? ? ? ? WATSON-CRICK    ?     ? ? 
hydrog12 hydrog ?    ? A DC 7  O2 ? ? ? 1_555 C DG 2 N2    ? ? A DC 107 C DG 210 1_555 ? ? ? ? ? ? WATSON-CRICK    ?     ? ? 
hydrog13 hydrog ?    ? A DC 8  N3 ? ? ? 1_555 C DG 1 N1    ? ? A DC 108 C DG 209 1_555 ? ? ? ? ? ? WATSON-CRICK    ?     ? ? 
hydrog14 hydrog ?    ? A DC 8  N4 ? ? ? 1_555 C DG 1 O6    ? ? A DC 108 C DG 209 1_555 ? ? ? ? ? ? WATSON-CRICK    ?     ? ? 
hydrog15 hydrog ?    ? A DC 8  O2 ? ? ? 1_555 C DG 1 N2    ? ? A DC 108 C DG 209 1_555 ? ? ? ? ? ? WATSON-CRICK    ?     ? ? 
hydrog16 hydrog ?    ? A DT 9  N3 ? ? ? 1_555 B DA 7 N1    ? ? A DT 109 B DA 125 1_555 ? ? ? ? ? ? WATSON-CRICK    ?     ? ? 
hydrog17 hydrog ?    ? A DT 9  O4 ? ? ? 1_555 B DA 7 N6    ? ? A DT 109 B DA 125 1_555 ? ? ? ? ? ? WATSON-CRICK    ?     ? ? 
hydrog18 hydrog ?    ? A DG 10 N1 ? ? ? 1_555 B DA 5 N1    ? ? A DG 110 B DA 123 1_555 ? ? ? ? ? ? TYPE_8_PAIR     ?     ? ? 
hydrog19 hydrog ?    ? A DG 10 O6 ? ? ? 1_555 B DA 5 N6    ? ? A DG 110 B DA 123 1_555 ? ? ? ? ? ? TYPE_8_PAIR     ?     ? ? 
hydrog20 hydrog ?    ? A DG 10 N1 ? ? ? 1_555 B DC 6 N3    ? ? A DG 110 B DC 124 1_555 ? ? ? ? ? ? WATSON-CRICK    ?     ? ? 
hydrog21 hydrog ?    ? A DG 10 N2 ? ? ? 1_555 B DC 6 O2    ? ? A DG 110 B DC 124 1_555 ? ? ? ? ? ? WATSON-CRICK    ?     ? ? 
hydrog22 hydrog ?    ? A DG 10 O6 ? ? ? 1_555 B DC 6 N4    ? ? A DG 110 B DC 124 1_555 ? ? ? ? ? ? WATSON-CRICK    ?     ? ? 
hydrog23 hydrog ?    ? A DT 11 N3 ? ? ? 1_555 B DA 5 N1    ? ? A DT 111 B DA 123 1_555 ? ? ? ? ? ? WATSON-CRICK    ?     ? ? 
hydrog24 hydrog ?    ? A DT 11 O4 ? ? ? 1_555 B DA 5 N6    ? ? A DT 111 B DA 123 1_555 ? ? ? ? ? ? WATSON-CRICK    ?     ? ? 
hydrog25 hydrog ?    ? A DA 12 N1 ? ? ? 1_555 B DT 4 N3    ? ? A DA 112 B DT 122 1_555 ? ? ? ? ? ? WATSON-CRICK    ?     ? ? 
hydrog26 hydrog ?    ? A DA 12 N6 ? ? ? 1_555 B DT 4 O4    ? ? A DA 112 B DT 122 1_555 ? ? ? ? ? ? WATSON-CRICK    ?     ? ? 
hydrog27 hydrog ?    ? A DC 13 N3 ? ? ? 1_555 B DC 2 N4    ? ? A DC 113 B DC 120 1_555 ? ? ? ? ? ? 'DC-DC MISPAIR' ?     ? ? 
hydrog28 hydrog ?    ? A DC 13 N3 ? ? ? 1_555 B DG 3 N1    ? ? A DC 113 B DG 121 1_555 ? ? ? ? ? ? WATSON-CRICK    ?     ? ? 
hydrog29 hydrog ?    ? A DC 13 N4 ? ? ? 1_555 B DG 3 O6    ? ? A DC 113 B DG 121 1_555 ? ? ? ? ? ? WATSON-CRICK    ?     ? ? 
hydrog30 hydrog ?    ? A DC 13 O2 ? ? ? 1_555 B DG 3 N2    ? ? A DC 113 B DG 121 1_555 ? ? ? ? ? ? WATSON-CRICK    ?     ? ? 
hydrog31 hydrog ?    ? A DG 14 N1 ? ? ? 1_555 B DC 2 N3    ? ? A DG 114 B DC 120 1_555 ? ? ? ? ? ? WATSON-CRICK    ?     ? ? 
hydrog32 hydrog ?    ? A DG 14 N2 ? ? ? 1_555 B DC 2 O2    ? ? A DG 114 B DC 120 1_555 ? ? ? ? ? ? WATSON-CRICK    ?     ? ? 
hydrog33 hydrog ?    ? A DG 14 O6 ? ? ? 1_555 B DC 2 N4    ? ? A DG 114 B DC 120 1_555 ? ? ? ? ? ? WATSON-CRICK    ?     ? ? 
hydrog34 hydrog ?    ? A DG 15 N1 ? ? ? 1_555 B DC 1 N3    ? ? A DG 115 B DC 119 1_555 ? ? ? ? ? ? WATSON-CRICK    ?     ? ? 
hydrog35 hydrog ?    ? A DG 15 N2 ? ? ? 1_555 B DC 1 O2    ? ? A DG 115 B DC 119 1_555 ? ? ? ? ? ? WATSON-CRICK    ?     ? ? 
hydrog36 hydrog ?    ? A DG 15 O6 ? ? ? 1_555 B DC 1 N4    ? ? A DG 115 B DC 119 1_555 ? ? ? ? ? ? WATSON-CRICK    ?     ? ? 
hydrog37 hydrog ?    ? A DA 16 N1 ? ? ? 1_555 D DT 8 N3    ? ? A DA 116 D DT 108 1_555 ? ? ? ? ? ? WATSON-CRICK    ?     ? ? 
hydrog38 hydrog ?    ? A DA 16 N6 ? ? ? 1_555 D DT 8 O4    ? ? A DA 116 D DT 108 1_555 ? ? ? ? ? ? WATSON-CRICK    ?     ? ? 
hydrog39 hydrog ?    ? A DC 17 N3 ? ? ? 1_555 D DG 7 N1    ? ? A DC 117 D DG 107 1_555 ? ? ? ? ? ? WATSON-CRICK    ?     ? ? 
hydrog40 hydrog ?    ? A DC 17 N4 ? ? ? 1_555 D DG 7 O6    ? ? A DC 117 D DG 107 1_555 ? ? ? ? ? ? WATSON-CRICK    ?     ? ? 
hydrog41 hydrog ?    ? A DC 17 O2 ? ? ? 1_555 D DG 7 N2    ? ? A DC 117 D DG 107 1_555 ? ? ? ? ? ? WATSON-CRICK    ?     ? ? 
hydrog42 hydrog ?    ? A DA 18 N1 ? ? ? 1_555 D DT 6 N3    ? ? A DA 118 D DT 106 1_555 ? ? ? ? ? ? WATSON-CRICK    ?     ? ? 
hydrog43 hydrog ?    ? A DA 18 N6 ? ? ? 1_555 D DT 6 O4    ? ? A DA 118 D DT 106 1_555 ? ? ? ? ? ? WATSON-CRICK    ?     ? ? 
hydrog44 hydrog ?    ? A DT 19 N3 ? ? ? 1_555 D DA 5 N1    ? ? A DT 119 D DA 105 1_555 ? ? ? ? ? ? WATSON-CRICK    ?     ? ? 
hydrog45 hydrog ?    ? A DT 19 O4 ? ? ? 1_555 D DA 5 N6    ? ? A DT 119 D DA 105 1_555 ? ? ? ? ? ? WATSON-CRICK    ?     ? ? 
hydrog46 hydrog ?    ? A DC 20 N3 ? ? ? 1_555 D DG 4 N1    ? ? A DC 120 D DG 104 1_555 ? ? ? ? ? ? WATSON-CRICK    ?     ? ? 
hydrog47 hydrog ?    ? A DC 20 N4 ? ? ? 1_555 D DG 4 O6    ? ? A DC 120 D DG 104 1_555 ? ? ? ? ? ? WATSON-CRICK    ?     ? ? 
hydrog48 hydrog ?    ? A DC 20 O2 ? ? ? 1_555 D DG 4 N2    ? ? A DC 120 D DG 104 1_555 ? ? ? ? ? ? WATSON-CRICK    ?     ? ? 
hydrog49 hydrog ?    ? A DA 21 N1 ? ? ? 1_555 D DT 3 N3    ? ? A DA 121 D DT 103 1_555 ? ? ? ? ? ? WATSON-CRICK    ?     ? ? 
hydrog50 hydrog ?    ? A DA 21 N6 ? ? ? 1_555 D DT 3 O4    ? ? A DA 121 D DT 103 1_555 ? ? ? ? ? ? WATSON-CRICK    ?     ? ? 
# 
loop_
_struct_conn_type.id 
_struct_conn_type.criteria 
_struct_conn_type.reference 
covale ? ? 
hydrog ? ? 
# 
_pdbx_validate_rmsd_bond.id                        1 
_pdbx_validate_rmsd_bond.PDB_model_num             1 
_pdbx_validate_rmsd_bond.auth_atom_id_1            C5 
_pdbx_validate_rmsd_bond.auth_asym_id_1            D 
_pdbx_validate_rmsd_bond.auth_comp_id_1            DT 
_pdbx_validate_rmsd_bond.auth_seq_id_1             106 
_pdbx_validate_rmsd_bond.PDB_ins_code_1            ? 
_pdbx_validate_rmsd_bond.label_alt_id_1            ? 
_pdbx_validate_rmsd_bond.auth_atom_id_2            C7 
_pdbx_validate_rmsd_bond.auth_asym_id_2            D 
_pdbx_validate_rmsd_bond.auth_comp_id_2            DT 
_pdbx_validate_rmsd_bond.auth_seq_id_2             106 
_pdbx_validate_rmsd_bond.PDB_ins_code_2            ? 
_pdbx_validate_rmsd_bond.label_alt_id_2            ? 
_pdbx_validate_rmsd_bond.bond_value                1.532 
_pdbx_validate_rmsd_bond.bond_target_value         1.496 
_pdbx_validate_rmsd_bond.bond_deviation            0.036 
_pdbx_validate_rmsd_bond.bond_standard_deviation   0.006 
_pdbx_validate_rmsd_bond.linker_flag               N 
# 
loop_
_pdbx_validate_rmsd_angle.id 
_pdbx_validate_rmsd_angle.PDB_model_num 
_pdbx_validate_rmsd_angle.auth_atom_id_1 
_pdbx_validate_rmsd_angle.auth_asym_id_1 
_pdbx_validate_rmsd_angle.auth_comp_id_1 
_pdbx_validate_rmsd_angle.auth_seq_id_1 
_pdbx_validate_rmsd_angle.PDB_ins_code_1 
_pdbx_validate_rmsd_angle.label_alt_id_1 
_pdbx_validate_rmsd_angle.auth_atom_id_2 
_pdbx_validate_rmsd_angle.auth_asym_id_2 
_pdbx_validate_rmsd_angle.auth_comp_id_2 
_pdbx_validate_rmsd_angle.auth_seq_id_2 
_pdbx_validate_rmsd_angle.PDB_ins_code_2 
_pdbx_validate_rmsd_angle.label_alt_id_2 
_pdbx_validate_rmsd_angle.auth_atom_id_3 
_pdbx_validate_rmsd_angle.auth_asym_id_3 
_pdbx_validate_rmsd_angle.auth_comp_id_3 
_pdbx_validate_rmsd_angle.auth_seq_id_3 
_pdbx_validate_rmsd_angle.PDB_ins_code_3 
_pdbx_validate_rmsd_angle.label_alt_id_3 
_pdbx_validate_rmsd_angle.angle_value 
_pdbx_validate_rmsd_angle.angle_target_value 
_pdbx_validate_rmsd_angle.angle_deviation 
_pdbx_validate_rmsd_angle.angle_standard_deviation 
_pdbx_validate_rmsd_angle.linker_flag 
1  1 "O4'" A DA 102 ? ? "C1'" A DA 102 ? ? N9    A DA 102 ? ? 112.60 108.30 4.30  0.30 N 
2  1 "O4'" A DG 103 ? ? "C1'" A DG 103 ? ? N9    A DG 103 ? ? 112.60 108.30 4.30  0.30 N 
3  1 "C3'" A DA 105 ? ? "C2'" A DA 105 ? ? "C1'" A DA 105 ? ? 97.19  102.40 -5.21 0.80 N 
4  1 "O4'" A DA 105 ? ? "C1'" A DA 105 ? ? N9    A DA 105 ? ? 110.89 108.30 2.59  0.30 N 
5  1 "C1'" A DC 107 ? ? "O4'" A DC 107 ? ? "C4'" A DC 107 ? ? 103.88 110.10 -6.22 1.00 N 
6  1 "C3'" A DC 107 ? ? "C2'" A DC 107 ? ? "C1'" A DC 107 ? ? 97.34  102.40 -5.06 0.80 N 
7  1 "O4'" A DC 107 ? ? "C1'" A DC 107 ? ? N1    A DC 107 ? ? 112.74 108.30 4.44  0.30 N 
8  1 "O4'" A DT 111 ? ? "C1'" A DT 111 ? ? N1    A DT 111 ? ? 110.17 108.30 1.87  0.30 N 
9  1 "O4'" A DA 116 ? ? "C1'" A DA 116 ? ? N9    A DA 116 ? ? 111.99 108.30 3.69  0.30 N 
10 1 "O4'" A DC 117 ? ? "C1'" A DC 117 ? ? N1    A DC 117 ? ? 111.08 108.30 2.78  0.30 N 
11 1 "O4'" A DA 118 ? ? "C4'" A DA 118 ? ? "C3'" A DA 118 ? ? 101.45 104.50 -3.05 0.40 N 
12 1 "O4'" A DT 119 ? ? "C1'" A DT 119 ? ? N1    A DT 119 ? ? 110.20 108.30 1.90  0.30 N 
13 1 "C3'" A DA 121 ? ? "C2'" A DA 121 ? ? "C1'" A DA 121 ? ? 95.56  102.40 -6.84 0.80 N 
14 1 "O4'" A DA 121 ? ? "C1'" A DA 121 ? ? N9    A DA 121 ? ? 110.21 108.30 1.91  0.30 N 
15 1 "C3'" B DA 123 ? ? "C2'" B DA 123 ? ? "C1'" B DA 123 ? ? 95.50  102.40 -6.90 0.80 N 
16 1 "O4'" B DA 123 ? ? "C1'" B DA 123 ? ? N9    B DA 123 ? ? 111.74 108.30 3.44  0.30 N 
17 1 "O4'" C DG 210 ? ? "C1'" C DG 210 ? ? N9    C DG 210 ? ? 111.49 108.30 3.19  0.30 N 
18 1 "O4'" C DC 211 ? ? "C1'" C DC 211 ? ? N1    C DC 211 ? ? 111.27 108.30 2.97  0.30 N 
19 1 "O4'" C DG 213 ? ? "C1'" C DG 213 ? ? N9    C DG 213 ? ? 111.54 108.30 3.24  0.30 N 
20 1 "O4'" D DC 102 ? ? "C1'" D DC 102 ? ? N1    D DC 102 ? ? 110.26 108.30 1.96  0.30 N 
21 1 "O4'" D DT 103 ? ? "C1'" D DT 103 ? ? N1    D DT 103 ? ? 111.78 108.30 3.48  0.30 N 
22 1 "C3'" D DG 104 ? ? "C2'" D DG 104 ? ? "C1'" D DG 104 ? ? 96.44  102.40 -5.96 0.80 N 
23 1 "C3'" D DA 105 ? ? "C2'" D DA 105 ? ? "C1'" D DA 105 ? ? 97.27  102.40 -5.13 0.80 N 
24 1 "C1'" D DT 106 ? ? "O4'" D DT 106 ? ? "C4'" D DT 106 ? ? 103.69 110.10 -6.41 1.00 N 
25 1 "C3'" D DT 106 ? ? "C2'" D DT 106 ? ? "C1'" D DT 106 ? ? 97.28  102.40 -5.12 0.80 N 
26 1 "O4'" D DT 106 ? ? "C1'" D DT 106 ? ? N1    D DT 106 ? ? 111.08 108.30 2.78  0.30 N 
27 1 "O4'" D DT 108 ? ? "C1'" D DT 108 ? ? N1    D DT 108 ? ? 110.21 108.30 1.91  0.30 N 
# 
_pdbx_entry_details.entry_id                 3GBI 
_pdbx_entry_details.compound_details         
;THE STRUCTURE UNIT IS GENERATED FROM 7 DNA STRANDS WHICH FORM 
A NETWORK UNIT WITH INTERNAL 3-FOLD SYMMETRY. EXTENDING OF THE 
STRUCTURE UNIT IN 3-D SPACE RESULTS THE CRYSTAL AT R3 SPACE 
GROUP (REPRESENTED AS H3). THE DNA SEQUENCES OF THE 7 STRANDS 
ARE:
(#1) 3 STRANDS
5'-D(*GP*AP*GP*CP*AP*GP*CP*CP*TP*GP*TP*AP*CP*GP*GP*AP*CP*AP*TP
*CP*A)-3'

(#2) 1 STRAND
5'-D(*TP*AP*CP*AP*CP*CP*GP*TP*AP*CP*AP*CP*CP*GP*TP*AP*CP*AP*CP*
CP*G)-3'

(#3) 3 STRANDS
5'-D(*TP*CP*TP*GP*AP*TP*GP*TP*GP*GP*CP*TP*GP*C)-3'

THE ASYMMETRIC UNIT IS COMPRISED OF ONE FULL #1 STRAND (CHAIN A), 
7-RESIDUE REPEATING UNIT OF #2 STRAND (CHAIN B) AND TWO FRAGMENTS 
OF #3 STRAND (CHAINS C AND D).

THE #2 STRAND SELF-ASSOICATES TO FORM A CIRCULAR DNA MOLECULE 
WITH INTERNAL 3-FOLD SYMMETRY. IT HAS 3 SYMMETRIC AND SEQUENTIAL
REPEATING UNITS. CHAIN B IN THE ASYMMETRIC UNIT REPRESENTS ONE 
OF THESE REPEATING UNITS.

CHAINS D (FIRST 8 RESIDUES OF STRAND #3) AND C (NEXT 6 RESIDUES 
OF STRAND #3) TOGETHER FORM THE THIRD DNA STRAND (#3) OF THE 
EXPERIMENT. THIS DNA STRAND SPANS TWO ASYMMETRIC UNITS - HENCE IT 
WAS DIVIDED INTO THE CURRENT CHAINS C AND D FOR CONVENIENT
REPRESENTATION. CHAIN C (1_555) IS COVALENTLY LINKED TO
CHAIN D OF ANOTHER ASYMMETRIC UNIT (3_555); AND CHAIN D (1_555)
IS COVALENTLY LINKED TO CHAIN C OF ANOTHER ASYMMETRIC UNIT
(2_555).

THE SELECTION OF RESIDUES FROM THE DNA #2 AND #3
ARE DICTATED BY THEIR PROXIMITY (BASE PAIRING) TO CHAIN A.
;
_pdbx_entry_details.source_details           ? 
_pdbx_entry_details.nonpolymer_details       ? 
_pdbx_entry_details.sequence_details         ? 
_pdbx_entry_details.has_ligand_of_interest   ? 
# 
loop_
_chem_comp_atom.comp_id 
_chem_comp_atom.atom_id 
_chem_comp_atom.type_symbol 
_chem_comp_atom.pdbx_aromatic_flag 
_chem_comp_atom.pdbx_stereo_config 
_chem_comp_atom.pdbx_ordinal 
DA OP3    O N N 1   
DA P      P N N 2   
DA OP1    O N N 3   
DA OP2    O N N 4   
DA "O5'"  O N N 5   
DA "C5'"  C N N 6   
DA "C4'"  C N R 7   
DA "O4'"  O N N 8   
DA "C3'"  C N S 9   
DA "O3'"  O N N 10  
DA "C2'"  C N N 11  
DA "C1'"  C N R 12  
DA N9     N Y N 13  
DA C8     C Y N 14  
DA N7     N Y N 15  
DA C5     C Y N 16  
DA C6     C Y N 17  
DA N6     N N N 18  
DA N1     N Y N 19  
DA C2     C Y N 20  
DA N3     N Y N 21  
DA C4     C Y N 22  
DA HOP3   H N N 23  
DA HOP2   H N N 24  
DA "H5'"  H N N 25  
DA "H5''" H N N 26  
DA "H4'"  H N N 27  
DA "H3'"  H N N 28  
DA "HO3'" H N N 29  
DA "H2'"  H N N 30  
DA "H2''" H N N 31  
DA "H1'"  H N N 32  
DA H8     H N N 33  
DA H61    H N N 34  
DA H62    H N N 35  
DA H2     H N N 36  
DC OP3    O N N 37  
DC P      P N N 38  
DC OP1    O N N 39  
DC OP2    O N N 40  
DC "O5'"  O N N 41  
DC "C5'"  C N N 42  
DC "C4'"  C N R 43  
DC "O4'"  O N N 44  
DC "C3'"  C N S 45  
DC "O3'"  O N N 46  
DC "C2'"  C N N 47  
DC "C1'"  C N R 48  
DC N1     N N N 49  
DC C2     C N N 50  
DC O2     O N N 51  
DC N3     N N N 52  
DC C4     C N N 53  
DC N4     N N N 54  
DC C5     C N N 55  
DC C6     C N N 56  
DC HOP3   H N N 57  
DC HOP2   H N N 58  
DC "H5'"  H N N 59  
DC "H5''" H N N 60  
DC "H4'"  H N N 61  
DC "H3'"  H N N 62  
DC "HO3'" H N N 63  
DC "H2'"  H N N 64  
DC "H2''" H N N 65  
DC "H1'"  H N N 66  
DC H41    H N N 67  
DC H42    H N N 68  
DC H5     H N N 69  
DC H6     H N N 70  
DG OP3    O N N 71  
DG P      P N N 72  
DG OP1    O N N 73  
DG OP2    O N N 74  
DG "O5'"  O N N 75  
DG "C5'"  C N N 76  
DG "C4'"  C N R 77  
DG "O4'"  O N N 78  
DG "C3'"  C N S 79  
DG "O3'"  O N N 80  
DG "C2'"  C N N 81  
DG "C1'"  C N R 82  
DG N9     N Y N 83  
DG C8     C Y N 84  
DG N7     N Y N 85  
DG C5     C Y N 86  
DG C6     C N N 87  
DG O6     O N N 88  
DG N1     N N N 89  
DG C2     C N N 90  
DG N2     N N N 91  
DG N3     N N N 92  
DG C4     C Y N 93  
DG HOP3   H N N 94  
DG HOP2   H N N 95  
DG "H5'"  H N N 96  
DG "H5''" H N N 97  
DG "H4'"  H N N 98  
DG "H3'"  H N N 99  
DG "HO3'" H N N 100 
DG "H2'"  H N N 101 
DG "H2''" H N N 102 
DG "H1'"  H N N 103 
DG H8     H N N 104 
DG H1     H N N 105 
DG H21    H N N 106 
DG H22    H N N 107 
DT OP3    O N N 108 
DT P      P N N 109 
DT OP1    O N N 110 
DT OP2    O N N 111 
DT "O5'"  O N N 112 
DT "C5'"  C N N 113 
DT "C4'"  C N R 114 
DT "O4'"  O N N 115 
DT "C3'"  C N S 116 
DT "O3'"  O N N 117 
DT "C2'"  C N N 118 
DT "C1'"  C N R 119 
DT N1     N N N 120 
DT C2     C N N 121 
DT O2     O N N 122 
DT N3     N N N 123 
DT C4     C N N 124 
DT O4     O N N 125 
DT C5     C N N 126 
DT C7     C N N 127 
DT C6     C N N 128 
DT HOP3   H N N 129 
DT HOP2   H N N 130 
DT "H5'"  H N N 131 
DT "H5''" H N N 132 
DT "H4'"  H N N 133 
DT "H3'"  H N N 134 
DT "HO3'" H N N 135 
DT "H2'"  H N N 136 
DT "H2''" H N N 137 
DT "H1'"  H N N 138 
DT H3     H N N 139 
DT H71    H N N 140 
DT H72    H N N 141 
DT H73    H N N 142 
DT H6     H N N 143 
# 
loop_
_chem_comp_bond.comp_id 
_chem_comp_bond.atom_id_1 
_chem_comp_bond.atom_id_2 
_chem_comp_bond.value_order 
_chem_comp_bond.pdbx_aromatic_flag 
_chem_comp_bond.pdbx_stereo_config 
_chem_comp_bond.pdbx_ordinal 
DA OP3   P      sing N N 1   
DA OP3   HOP3   sing N N 2   
DA P     OP1    doub N N 3   
DA P     OP2    sing N N 4   
DA P     "O5'"  sing N N 5   
DA OP2   HOP2   sing N N 6   
DA "O5'" "C5'"  sing N N 7   
DA "C5'" "C4'"  sing N N 8   
DA "C5'" "H5'"  sing N N 9   
DA "C5'" "H5''" sing N N 10  
DA "C4'" "O4'"  sing N N 11  
DA "C4'" "C3'"  sing N N 12  
DA "C4'" "H4'"  sing N N 13  
DA "O4'" "C1'"  sing N N 14  
DA "C3'" "O3'"  sing N N 15  
DA "C3'" "C2'"  sing N N 16  
DA "C3'" "H3'"  sing N N 17  
DA "O3'" "HO3'" sing N N 18  
DA "C2'" "C1'"  sing N N 19  
DA "C2'" "H2'"  sing N N 20  
DA "C2'" "H2''" sing N N 21  
DA "C1'" N9     sing N N 22  
DA "C1'" "H1'"  sing N N 23  
DA N9    C8     sing Y N 24  
DA N9    C4     sing Y N 25  
DA C8    N7     doub Y N 26  
DA C8    H8     sing N N 27  
DA N7    C5     sing Y N 28  
DA C5    C6     sing Y N 29  
DA C5    C4     doub Y N 30  
DA C6    N6     sing N N 31  
DA C6    N1     doub Y N 32  
DA N6    H61    sing N N 33  
DA N6    H62    sing N N 34  
DA N1    C2     sing Y N 35  
DA C2    N3     doub Y N 36  
DA C2    H2     sing N N 37  
DA N3    C4     sing Y N 38  
DC OP3   P      sing N N 39  
DC OP3   HOP3   sing N N 40  
DC P     OP1    doub N N 41  
DC P     OP2    sing N N 42  
DC P     "O5'"  sing N N 43  
DC OP2   HOP2   sing N N 44  
DC "O5'" "C5'"  sing N N 45  
DC "C5'" "C4'"  sing N N 46  
DC "C5'" "H5'"  sing N N 47  
DC "C5'" "H5''" sing N N 48  
DC "C4'" "O4'"  sing N N 49  
DC "C4'" "C3'"  sing N N 50  
DC "C4'" "H4'"  sing N N 51  
DC "O4'" "C1'"  sing N N 52  
DC "C3'" "O3'"  sing N N 53  
DC "C3'" "C2'"  sing N N 54  
DC "C3'" "H3'"  sing N N 55  
DC "O3'" "HO3'" sing N N 56  
DC "C2'" "C1'"  sing N N 57  
DC "C2'" "H2'"  sing N N 58  
DC "C2'" "H2''" sing N N 59  
DC "C1'" N1     sing N N 60  
DC "C1'" "H1'"  sing N N 61  
DC N1    C2     sing N N 62  
DC N1    C6     sing N N 63  
DC C2    O2     doub N N 64  
DC C2    N3     sing N N 65  
DC N3    C4     doub N N 66  
DC C4    N4     sing N N 67  
DC C4    C5     sing N N 68  
DC N4    H41    sing N N 69  
DC N4    H42    sing N N 70  
DC C5    C6     doub N N 71  
DC C5    H5     sing N N 72  
DC C6    H6     sing N N 73  
DG OP3   P      sing N N 74  
DG OP3   HOP3   sing N N 75  
DG P     OP1    doub N N 76  
DG P     OP2    sing N N 77  
DG P     "O5'"  sing N N 78  
DG OP2   HOP2   sing N N 79  
DG "O5'" "C5'"  sing N N 80  
DG "C5'" "C4'"  sing N N 81  
DG "C5'" "H5'"  sing N N 82  
DG "C5'" "H5''" sing N N 83  
DG "C4'" "O4'"  sing N N 84  
DG "C4'" "C3'"  sing N N 85  
DG "C4'" "H4'"  sing N N 86  
DG "O4'" "C1'"  sing N N 87  
DG "C3'" "O3'"  sing N N 88  
DG "C3'" "C2'"  sing N N 89  
DG "C3'" "H3'"  sing N N 90  
DG "O3'" "HO3'" sing N N 91  
DG "C2'" "C1'"  sing N N 92  
DG "C2'" "H2'"  sing N N 93  
DG "C2'" "H2''" sing N N 94  
DG "C1'" N9     sing N N 95  
DG "C1'" "H1'"  sing N N 96  
DG N9    C8     sing Y N 97  
DG N9    C4     sing Y N 98  
DG C8    N7     doub Y N 99  
DG C8    H8     sing N N 100 
DG N7    C5     sing Y N 101 
DG C5    C6     sing N N 102 
DG C5    C4     doub Y N 103 
DG C6    O6     doub N N 104 
DG C6    N1     sing N N 105 
DG N1    C2     sing N N 106 
DG N1    H1     sing N N 107 
DG C2    N2     sing N N 108 
DG C2    N3     doub N N 109 
DG N2    H21    sing N N 110 
DG N2    H22    sing N N 111 
DG N3    C4     sing N N 112 
DT OP3   P      sing N N 113 
DT OP3   HOP3   sing N N 114 
DT P     OP1    doub N N 115 
DT P     OP2    sing N N 116 
DT P     "O5'"  sing N N 117 
DT OP2   HOP2   sing N N 118 
DT "O5'" "C5'"  sing N N 119 
DT "C5'" "C4'"  sing N N 120 
DT "C5'" "H5'"  sing N N 121 
DT "C5'" "H5''" sing N N 122 
DT "C4'" "O4'"  sing N N 123 
DT "C4'" "C3'"  sing N N 124 
DT "C4'" "H4'"  sing N N 125 
DT "O4'" "C1'"  sing N N 126 
DT "C3'" "O3'"  sing N N 127 
DT "C3'" "C2'"  sing N N 128 
DT "C3'" "H3'"  sing N N 129 
DT "O3'" "HO3'" sing N N 130 
DT "C2'" "C1'"  sing N N 131 
DT "C2'" "H2'"  sing N N 132 
DT "C2'" "H2''" sing N N 133 
DT "C1'" N1     sing N N 134 
DT "C1'" "H1'"  sing N N 135 
DT N1    C2     sing N N 136 
DT N1    C6     sing N N 137 
DT C2    O2     doub N N 138 
DT C2    N3     sing N N 139 
DT N3    C4     sing N N 140 
DT N3    H3     sing N N 141 
DT C4    O4     doub N N 142 
DT C4    C5     sing N N 143 
DT C5    C7     sing N N 144 
DT C5    C6     doub N N 145 
DT C7    H71    sing N N 146 
DT C7    H72    sing N N 147 
DT C7    H73    sing N N 148 
DT C6    H6     sing N N 149 
# 
loop_
_ndb_struct_conf_na.entry_id 
_ndb_struct_conf_na.feature 
3GBI 'double helix'         
3GBI 'b-form double helix'  
3GBI 'mismatched base pair' 
# 
loop_
_ndb_struct_na_base_pair.model_number 
_ndb_struct_na_base_pair.i_label_asym_id 
_ndb_struct_na_base_pair.i_label_comp_id 
_ndb_struct_na_base_pair.i_label_seq_id 
_ndb_struct_na_base_pair.i_symmetry 
_ndb_struct_na_base_pair.j_label_asym_id 
_ndb_struct_na_base_pair.j_label_comp_id 
_ndb_struct_na_base_pair.j_label_seq_id 
_ndb_struct_na_base_pair.j_symmetry 
_ndb_struct_na_base_pair.shear 
_ndb_struct_na_base_pair.stretch 
_ndb_struct_na_base_pair.stagger 
_ndb_struct_na_base_pair.buckle 
_ndb_struct_na_base_pair.propeller 
_ndb_struct_na_base_pair.opening 
_ndb_struct_na_base_pair.pair_number 
_ndb_struct_na_base_pair.pair_name 
_ndb_struct_na_base_pair.i_auth_asym_id 
_ndb_struct_na_base_pair.i_auth_seq_id 
_ndb_struct_na_base_pair.i_PDB_ins_code 
_ndb_struct_na_base_pair.j_auth_asym_id 
_ndb_struct_na_base_pair.j_auth_seq_id 
_ndb_struct_na_base_pair.j_PDB_ins_code 
_ndb_struct_na_base_pair.hbond_type_28 
_ndb_struct_na_base_pair.hbond_type_12 
1 A DG 3  1_555 C DC 6 1_555 -0.339 -0.255 1.131  10.421  7.577   -3.950  1  A_DG103:DC214_C A 103 ? C 214 ? 19 1 
1 A DC 4  1_555 C DG 5 1_555 0.198  -0.137 0.693  -8.699  -7.249  -8.925  2  A_DC104:DG213_C A 104 ? C 213 ? 19 1 
1 A DA 5  1_555 C DT 4 1_555 -0.061 -0.184 0.385  -14.211 -18.029 -9.386  3  A_DA105:DT212_C A 105 ? C 212 ? 20 1 
1 A DG 6  1_555 C DC 3 1_555 2.220  0.281  -0.081 0.211   -1.754  3.601   4  A_DG106:DC211_C A 106 ? C 211 ? ?  ? 
1 A DC 7  1_555 C DG 2 1_555 0.208  -0.306 -1.012 12.676  13.331  -12.689 5  A_DC107:DG210_C A 107 ? C 210 ? 19 1 
1 A DC 8  1_555 C DG 1 1_555 0.291  -0.116 -0.324 -3.890  -8.958  -7.533  6  A_DC108:DG209_C A 108 ? C 209 ? 19 1 
1 A DT 9  1_555 B DA 7 1_555 0.099  -0.155 0.880  -16.146 18.527  -0.152  7  A_DT109:DA125_B A 109 ? B 125 ? 20 1 
1 A DG 10 1_555 B DC 6 1_555 -0.321 -0.259 0.575  -22.498 -9.596  -8.824  8  A_DG110:DC124_B A 110 ? B 124 ? 19 1 
1 A DT 11 1_555 B DA 5 1_555 -0.012 -0.092 -0.087 -8.424  10.601  -12.047 9  A_DT111:DA123_B A 111 ? B 123 ? 20 1 
1 A DA 12 1_555 B DT 4 1_555 -0.105 -0.020 -0.006 -27.279 -14.283 -10.041 10 A_DA112:DT122_B A 112 ? B 122 ? 20 1 
1 A DC 13 1_555 B DG 3 1_555 0.219  -0.474 1.961  -27.559 7.372   -4.888  11 A_DC113:DG121_B A 113 ? B 121 ? 19 1 
1 A DG 14 1_555 B DC 2 1_555 -0.284 -0.384 1.002  -24.398 -14.288 -11.026 12 A_DG114:DC120_B A 114 ? B 120 ? 19 1 
1 A DG 15 1_555 B DC 1 1_555 -0.249 -0.088 0.173  -17.964 -3.624  -8.962  13 A_DG115:DC119_B A 115 ? B 119 ? 19 1 
1 A DA 16 1_555 D DT 8 1_555 0.008  -0.216 0.832  3.294   3.092   -4.762  14 A_DA116:DT108_D A 116 ? D 108 ? 20 1 
1 A DC 17 1_555 D DG 7 1_555 0.332  -0.154 0.441  7.501   -2.508  -7.189  15 A_DC117:DG107_D A 117 ? D 107 ? 19 1 
1 A DA 18 1_555 D DT 6 1_555 -0.126 -0.103 -0.055 -18.801 -16.679 -5.067  16 A_DA118:DT106_D A 118 ? D 106 ? 20 1 
1 A DT 19 1_555 D DA 5 1_555 -0.105 -0.008 0.301  -32.859 -10.734 -3.989  17 A_DT119:DA105_D A 119 ? D 105 ? 20 1 
1 A DC 20 1_555 D DG 4 1_555 0.145  0.182  0.319  -23.669 -5.736  8.064   18 A_DC120:DG104_D A 120 ? D 104 ? 19 1 
1 A DA 21 1_555 D DT 3 1_555 0.058  -0.141 0.244  1.063   9.309   -2.855  19 A_DA121:DT103_D A 121 ? D 103 ? 20 1 
# 
loop_
_ndb_struct_na_base_pair_step.model_number 
_ndb_struct_na_base_pair_step.i_label_asym_id_1 
_ndb_struct_na_base_pair_step.i_label_comp_id_1 
_ndb_struct_na_base_pair_step.i_label_seq_id_1 
_ndb_struct_na_base_pair_step.i_symmetry_1 
_ndb_struct_na_base_pair_step.j_label_asym_id_1 
_ndb_struct_na_base_pair_step.j_label_comp_id_1 
_ndb_struct_na_base_pair_step.j_label_seq_id_1 
_ndb_struct_na_base_pair_step.j_symmetry_1 
_ndb_struct_na_base_pair_step.i_label_asym_id_2 
_ndb_struct_na_base_pair_step.i_label_comp_id_2 
_ndb_struct_na_base_pair_step.i_label_seq_id_2 
_ndb_struct_na_base_pair_step.i_symmetry_2 
_ndb_struct_na_base_pair_step.j_label_asym_id_2 
_ndb_struct_na_base_pair_step.j_label_comp_id_2 
_ndb_struct_na_base_pair_step.j_label_seq_id_2 
_ndb_struct_na_base_pair_step.j_symmetry_2 
_ndb_struct_na_base_pair_step.shift 
_ndb_struct_na_base_pair_step.slide 
_ndb_struct_na_base_pair_step.rise 
_ndb_struct_na_base_pair_step.tilt 
_ndb_struct_na_base_pair_step.roll 
_ndb_struct_na_base_pair_step.twist 
_ndb_struct_na_base_pair_step.x_displacement 
_ndb_struct_na_base_pair_step.y_displacement 
_ndb_struct_na_base_pair_step.helical_rise 
_ndb_struct_na_base_pair_step.inclination 
_ndb_struct_na_base_pair_step.tip 
_ndb_struct_na_base_pair_step.helical_twist 
_ndb_struct_na_base_pair_step.step_number 
_ndb_struct_na_base_pair_step.step_name 
_ndb_struct_na_base_pair_step.i_auth_asym_id_1 
_ndb_struct_na_base_pair_step.i_auth_seq_id_1 
_ndb_struct_na_base_pair_step.i_PDB_ins_code_1 
_ndb_struct_na_base_pair_step.j_auth_asym_id_1 
_ndb_struct_na_base_pair_step.j_auth_seq_id_1 
_ndb_struct_na_base_pair_step.j_PDB_ins_code_1 
_ndb_struct_na_base_pair_step.i_auth_asym_id_2 
_ndb_struct_na_base_pair_step.i_auth_seq_id_2 
_ndb_struct_na_base_pair_step.i_PDB_ins_code_2 
_ndb_struct_na_base_pair_step.j_auth_asym_id_2 
_ndb_struct_na_base_pair_step.j_auth_seq_id_2 
_ndb_struct_na_base_pair_step.j_PDB_ins_code_2 
1 A DG 3  1_555 C DC 6 1_555 A DC 4  1_555 C DG 5 1_555 -0.382 -0.876 3.788 2.297   12.267  45.968 -2.198 0.682  3.438 15.377  
-2.880  47.543 1  AA_DG103DC104:DG213DC214_CC A 103 ? C 214 ? A 104 ? C 213 ? 
1 A DC 4  1_555 C DG 5 1_555 A DA 5  1_555 C DT 4 1_555 -0.759 -0.015 3.678 -2.626  9.423   32.721 -1.722 0.821  3.585 16.278  
4.536   34.114 2  AA_DC104DA105:DT212DG213_CC A 104 ? C 213 ? A 105 ? C 212 ? 
1 A DA 5  1_555 C DT 4 1_555 A DG 6  1_555 C DC 3 1_555 -0.535 -0.840 2.912 1.562   -2.171  42.240 -0.965 0.884  2.929 -3.008  
-2.165  42.321 3  AA_DA105DG106:DC211DT212_CC A 105 ? C 212 ? A 106 ? C 211 ? 
1 A DG 6  1_555 C DC 3 1_555 A DC 7  1_555 C DG 2 1_555 0.277  -1.613 3.053 3.114   -7.578  22.499 -1.378 0.363  3.413 -18.647 
-7.663  23.926 4  AA_DG106DC107:DG210DC211_CC A 106 ? C 211 ? A 107 ? C 210 ? 
1 A DC 7  1_555 C DG 2 1_555 A DC 8  1_555 C DG 1 1_555 0.982  -0.174 3.681 -0.310  12.201  42.136 -1.536 -1.349 3.496 16.558  
0.420   43.791 5  AA_DC107DC108:DG209DG210_CC A 107 ? C 210 ? A 108 ? C 209 ? 
1 A DC 8  1_555 C DG 1 1_555 A DT 9  1_555 B DA 7 1_555 -0.698 -2.092 4.099 -12.822 -17.856 18.922 2.001  -3.048 4.283 -40.418 
29.023  28.929 6  AA_DC108DT109:DA125DG209_BC A 108 ? C 209 ? A 109 ? B 125 ? 
1 A DT 9  1_555 B DA 7 1_555 A DG 10 1_555 B DC 6 1_555 0.827  -1.579 3.185 7.574   19.013  28.849 -5.070 -0.385 1.960 33.379  
-13.297 35.245 7  AA_DT109DG110:DC124DA125_BB A 109 ? B 125 ? A 110 ? B 124 ? 
1 A DG 10 1_555 B DC 6 1_555 A DT 11 1_555 B DA 5 1_555 -0.143 0.010  2.732 5.757   1.869   37.675 -0.181 0.824  2.680 2.871   
-8.844  38.140 8  AA_DG110DT111:DA123DC124_BB A 110 ? B 124 ? A 111 ? B 123 ? 
1 A DT 11 1_555 B DA 5 1_555 A DA 12 1_555 B DT 4 1_555 -1.304 -0.247 3.749 -4.283  9.463   37.038 -1.744 1.362  3.701 14.549  
6.584   38.418 9  AA_DT111DA112:DT122DA123_BB A 111 ? B 123 ? A 112 ? B 122 ? 
1 A DA 12 1_555 B DT 4 1_555 A DC 13 1_555 B DG 3 1_555 -0.826 -0.083 3.581 -16.294 -3.269  33.569 0.371  -1.204 3.587 -5.278  
26.304  37.351 10 AA_DA112DC113:DG121DT122_BB A 112 ? B 122 ? A 113 ? B 121 ? 
1 A DC 13 1_555 B DG 3 1_555 A DG 14 1_555 B DC 2 1_555 -1.058 2.307  3.564 -1.130  -32.803 39.936 4.641  1.155  1.420 -40.753 
1.403   51.264 11 AA_DC113DG114:DC120DG121_BB A 113 ? B 121 ? A 114 ? B 120 ? 
1 A DG 14 1_555 B DC 2 1_555 A DG 15 1_555 B DC 1 1_555 0.464  0.415  3.555 2.011   -10.497 37.731 1.972  -0.434 3.345 -15.847 
-3.036  39.163 12 AA_DG114DG115:DC119DC120_BB A 114 ? B 120 ? A 115 ? B 119 ? 
1 A DG 15 1_555 B DC 1 1_555 A DA 16 1_555 D DT 8 1_555 0.018  -0.279 2.591 -6.779  3.891   30.399 -1.093 -1.037 2.475 7.270   
12.667  31.365 13 AA_DG115DA116:DT108DC119_DB A 115 ? B 119 ? A 116 ? D 108 ? 
1 A DA 16 1_555 D DT 8 1_555 A DC 17 1_555 D DG 7 1_555 -0.702 -1.622 3.141 5.345   -5.230  31.350 -2.006 2.202  3.203 -9.510  
-9.718  32.208 14 AA_DA116DC117:DG107DT108_DD A 116 ? D 108 ? A 117 ? D 107 ? 
1 A DC 17 1_555 D DG 7 1_555 A DA 18 1_555 D DT 6 1_555 -0.450 -0.339 3.344 3.337   9.510   42.407 -1.382 0.932  3.157 12.929  
-4.537  43.535 15 AA_DC117DA118:DT106DG107_DD A 117 ? D 107 ? A 118 ? D 106 ? 
1 A DA 18 1_555 D DT 6 1_555 A DT 19 1_555 D DA 5 1_555 -0.670 0.117  3.561 -3.579  -12.060 31.624 2.317  0.519  3.350 -21.113 
6.267   33.975 16 AA_DA118DT119:DA105DT106_DD A 118 ? D 106 ? A 119 ? D 105 ? 
1 A DT 19 1_555 D DA 5 1_555 A DC 20 1_555 D DG 4 1_555 -0.244 -1.099 2.684 4.558   -6.116  29.518 -1.055 1.237  2.782 -11.758 
-8.763  30.466 17 AA_DT119DC120:DG104DA105_DD A 119 ? D 105 ? A 120 ? D 104 ? 
1 A DC 20 1_555 D DG 4 1_555 A DA 21 1_555 D DT 3 1_555 0.200  0.200  2.495 2.319   -0.618  38.725 0.359  -0.085 2.499 -0.931  
-3.493  38.797 18 AA_DC120DA121:DT103DG104_DD A 120 ? D 104 ? A 121 ? D 103 ? 
# 
_atom_sites.entry_id                    3GBI 
_atom_sites.fract_transf_matrix[1][1]   0.00622266 
_atom_sites.fract_transf_matrix[1][2]   0.00674890 
_atom_sites.fract_transf_matrix[1][3]   0.00564337 
_atom_sites.fract_transf_matrix[2][1]   -0.00077473 
_atom_sites.fract_transf_matrix[2][2]   0.01063145 
_atom_sites.fract_transf_matrix[2][3]   -0.00157246 
_atom_sites.fract_transf_matrix[3][1]   -0.00753901 
_atom_sites.fract_transf_matrix[3][2]   0.00057793 
_atom_sites.fract_transf_matrix[3][3]   0.00762174 
_atom_sites.fract_transf_vector[1]      0.137423 
_atom_sites.fract_transf_vector[2]      0.133868 
_atom_sites.fract_transf_vector[3]      0.086939 
# 
loop_
_atom_type.symbol 
C 
N 
O 
P 
# 
loop_
_atom_site.group_PDB 
_atom_site.id 
_atom_site.type_symbol 
_atom_site.label_atom_id 
_atom_site.label_alt_id 
_atom_site.label_comp_id 
_atom_site.label_asym_id 
_atom_site.label_entity_id 
_atom_site.label_seq_id 
_atom_site.pdbx_PDB_ins_code 
_atom_site.Cartn_x 
_atom_site.Cartn_y 
_atom_site.Cartn_z 
_atom_site.occupancy 
_atom_site.B_iso_or_equiv 
_atom_site.pdbx_formal_charge 
_atom_site.auth_seq_id 
_atom_site.auth_comp_id 
_atom_site.auth_asym_id 
_atom_site.auth_atom_id 
_atom_site.pdbx_PDB_model_num 
ATOM 1   O "O5'" . DG A 1 1  ? 27.230  -15.123 8.468   1.00 80.00 ? 101 DG A "O5'" 1 
ATOM 2   C "C5'" . DG A 1 1  ? 27.190  -16.520 8.739   1.00 80.00 ? 101 DG A "C5'" 1 
ATOM 3   C "C4'" . DG A 1 1  ? 28.032  -16.880 9.952   1.00 80.00 ? 101 DG A "C4'" 1 
ATOM 4   O "O4'" . DG A 1 1  ? 29.443  -16.773 9.624   1.00 80.00 ? 101 DG A "O4'" 1 
ATOM 5   C "C3'" . DG A 1 1  ? 27.885  -15.982 11.175  1.00 80.00 ? 101 DG A "C3'" 1 
ATOM 6   O "O3'" . DG A 1 1  ? 26.741  -16.242 12.002  1.00 80.00 ? 101 DG A "O3'" 1 
ATOM 7   C "C2'" . DG A 1 1  ? 29.150  -16.381 11.924  1.00 80.00 ? 101 DG A "C2'" 1 
ATOM 8   C "C1'" . DG A 1 1  ? 30.164  -16.401 10.787  1.00 80.00 ? 101 DG A "C1'" 1 
ATOM 9   N N9    . DG A 1 1  ? 30.817  -15.109 10.574  1.00 80.00 ? 101 DG A N9    1 
ATOM 10  C C8    . DG A 1 1  ? 31.407  -14.647 9.421   1.00 80.00 ? 101 DG A C8    1 
ATOM 11  N N7    . DG A 1 1  ? 31.908  -13.447 9.538   1.00 80.00 ? 101 DG A N7    1 
ATOM 12  C C5    . DG A 1 1  ? 31.633  -13.085 10.853  1.00 80.00 ? 101 DG A C5    1 
ATOM 13  C C6    . DG A 1 1  ? 31.932  -11.894 11.565  1.00 80.00 ? 101 DG A C6    1 
ATOM 14  O O6    . DG A 1 1  ? 32.521  -10.878 11.167  1.00 80.00 ? 101 DG A O6    1 
ATOM 15  N N1    . DG A 1 1  ? 31.471  -11.946 12.879  1.00 80.00 ? 101 DG A N1    1 
ATOM 16  C C2    . DG A 1 1  ? 30.806  -13.012 13.439  1.00 80.00 ? 101 DG A C2    1 
ATOM 17  N N2    . DG A 1 1  ? 30.435  -12.890 14.724  1.00 80.00 ? 101 DG A N2    1 
ATOM 18  N N3    . DG A 1 1  ? 30.523  -14.128 12.784  1.00 80.00 ? 101 DG A N3    1 
ATOM 19  C C4    . DG A 1 1  ? 30.961  -14.099 11.501  1.00 80.00 ? 101 DG A C4    1 
ATOM 20  P P     . DA A 1 2  ? 25.394  -16.989 11.552  1.00 80.00 ? 102 DA A P     1 
ATOM 21  O OP1   . DA A 1 2  ? 25.729  -18.210 10.785  1.00 80.00 ? 102 DA A OP1   1 
ATOM 22  O OP2   . DA A 1 2  ? 24.481  -15.977 10.975  1.00 80.00 ? 102 DA A OP2   1 
ATOM 23  O "O5'" . DA A 1 2  ? 24.798  -17.441 12.970  1.00 80.00 ? 102 DA A "O5'" 1 
ATOM 24  C "C5'" . DA A 1 2  ? 23.685  -16.770 13.559  1.00 80.00 ? 102 DA A "C5'" 1 
ATOM 25  C "C4'" . DA A 1 2  ? 24.081  -15.559 14.386  1.00 80.00 ? 102 DA A "C4'" 1 
ATOM 26  O "O4'" . DA A 1 2  ? 25.245  -14.926 13.789  1.00 80.00 ? 102 DA A "O4'" 1 
ATOM 27  C "C3'" . DA A 1 2  ? 22.988  -14.494 14.434  1.00 80.00 ? 102 DA A "C3'" 1 
ATOM 28  O "O3'" . DA A 1 2  ? 22.991  -13.753 15.666  1.00 80.00 ? 102 DA A "O3'" 1 
ATOM 29  C "C2'" . DA A 1 2  ? 23.404  -13.638 13.245  1.00 80.00 ? 102 DA A "C2'" 1 
ATOM 30  C "C1'" . DA A 1 2  ? 24.902  -13.588 13.506  1.00 80.00 ? 102 DA A "C1'" 1 
ATOM 31  N N9    . DA A 1 2  ? 25.675  -13.033 12.399  1.00 80.00 ? 102 DA A N9    1 
ATOM 32  C C8    . DA A 1 2  ? 25.612  -13.376 11.078  1.00 80.00 ? 102 DA A C8    1 
ATOM 33  N N7    . DA A 1 2  ? 26.428  -12.685 10.315  1.00 80.00 ? 102 DA A N7    1 
ATOM 34  C C5    . DA A 1 2  ? 27.064  -11.825 11.197  1.00 80.00 ? 102 DA A C5    1 
ATOM 35  C C6    . DA A 1 2  ? 28.048  -10.831 11.014  1.00 80.00 ? 102 DA A C6    1 
ATOM 36  N N6    . DA A 1 2  ? 28.581  -10.529 9.823   1.00 80.00 ? 102 DA A N6    1 
ATOM 37  N N1    . DA A 1 2  ? 28.464  -10.157 12.111  1.00 80.00 ? 102 DA A N1    1 
ATOM 38  C C2    . DA A 1 2  ? 27.929  -10.460 13.302  1.00 80.00 ? 102 DA A C2    1 
ATOM 39  N N3    . DA A 1 2  ? 27.002  -11.371 13.594  1.00 80.00 ? 102 DA A N3    1 
ATOM 40  C C4    . DA A 1 2  ? 26.608  -12.025 12.487  1.00 80.00 ? 102 DA A C4    1 
ATOM 41  P P     . DG A 1 3  ? 23.169  -12.157 15.667  1.00 80.00 ? 103 DG A P     1 
ATOM 42  O OP1   . DG A 1 3  ? 22.337  -11.599 14.581  1.00 80.00 ? 103 DG A OP1   1 
ATOM 43  O OP2   . DG A 1 3  ? 24.619  -11.871 15.729  1.00 80.00 ? 103 DG A OP2   1 
ATOM 44  O "O5'" . DG A 1 3  ? 22.517  -11.651 17.032  1.00 80.00 ? 103 DG A "O5'" 1 
ATOM 45  C "C5'" . DG A 1 3  ? 22.981  -10.426 17.604  1.00 80.00 ? 103 DG A "C5'" 1 
ATOM 46  C "C4'" . DG A 1 3  ? 22.938  -9.233  16.652  1.00 80.00 ? 103 DG A "C4'" 1 
ATOM 47  O "O4'" . DG A 1 3  ? 23.804  -9.408  15.498  1.00 80.00 ? 103 DG A "O4'" 1 
ATOM 48  C "C3'" . DG A 1 3  ? 21.566  -8.866  16.080  1.00 80.00 ? 103 DG A "C3'" 1 
ATOM 49  O "O3'" . DG A 1 3  ? 21.076  -7.664  16.681  1.00 80.00 ? 103 DG A "O3'" 1 
ATOM 50  C "C2'" . DG A 1 3  ? 21.806  -8.681  14.580  1.00 80.00 ? 103 DG A "C2'" 1 
ATOM 51  C "C1'" . DG A 1 3  ? 23.316  -8.490  14.544  1.00 80.00 ? 103 DG A "C1'" 1 
ATOM 52  N N9    . DG A 1 3  ? 23.932  -8.664  13.230  1.00 80.00 ? 103 DG A N9    1 
ATOM 53  C C8    . DG A 1 3  ? 23.794  -9.704  12.342  1.00 80.00 ? 103 DG A C8    1 
ATOM 54  N N7    . DG A 1 3  ? 24.483  -9.540  11.244  1.00 80.00 ? 103 DG A N7    1 
ATOM 55  C C5    . DG A 1 3  ? 25.117  -8.312  11.411  1.00 80.00 ? 103 DG A C5    1 
ATOM 56  C C6    . DG A 1 3  ? 25.998  -7.603  10.556  1.00 80.00 ? 103 DG A C6    1 
ATOM 57  O O6    . DG A 1 3  ? 26.419  -7.924  9.431   1.00 80.00 ? 103 DG A O6    1 
ATOM 58  N N1    . DG A 1 3  ? 26.399  -6.397  11.131  1.00 80.00 ? 103 DG A N1    1 
ATOM 59  C C2    . DG A 1 3  ? 26.002  -5.936  12.369  1.00 80.00 ? 103 DG A C2    1 
ATOM 60  N N2    . DG A 1 3  ? 26.490  -4.751  12.758  1.00 80.00 ? 103 DG A N2    1 
ATOM 61  N N3    . DG A 1 3  ? 25.180  -6.592  13.174  1.00 80.00 ? 103 DG A N3    1 
ATOM 62  C C4    . DG A 1 3  ? 24.781  -7.765  12.631  1.00 80.00 ? 103 DG A C4    1 
ATOM 63  P P     . DC A 1 4  ? 22.039  -6.432  17.036  1.00 80.00 ? 104 DC A P     1 
ATOM 64  O OP1   . DC A 1 4  ? 22.878  -6.115  15.860  1.00 80.00 ? 104 DC A OP1   1 
ATOM 65  O OP2   . DC A 1 4  ? 22.681  -6.720  18.338  1.00 80.00 ? 104 DC A OP2   1 
ATOM 66  O "O5'" . DC A 1 4  ? 21.005  -5.232  17.258  1.00 80.00 ? 104 DC A "O5'" 1 
ATOM 67  C "C5'" . DC A 1 4  ? 20.450  -4.542  16.144  1.00 80.00 ? 104 DC A "C5'" 1 
ATOM 68  C "C4'" . DC A 1 4  ? 21.338  -3.377  15.742  1.00 80.00 ? 104 DC A "C4'" 1 
ATOM 69  O "O4'" . DC A 1 4  ? 22.408  -3.840  14.879  1.00 80.00 ? 104 DC A "O4'" 1 
ATOM 70  C "C3'" . DC A 1 4  ? 20.611  -2.266  15.002  1.00 80.00 ? 104 DC A "C3'" 1 
ATOM 71  O "O3'" . DC A 1 4  ? 20.865  -1.030  15.654  1.00 80.00 ? 104 DC A "O3'" 1 
ATOM 72  C "C2'" . DC A 1 4  ? 21.176  -2.282  13.584  1.00 80.00 ? 104 DC A "C2'" 1 
ATOM 73  C "C1'" . DC A 1 4  ? 22.446  -3.122  13.662  1.00 80.00 ? 104 DC A "C1'" 1 
ATOM 74  N N1    . DC A 1 4  ? 22.571  -4.107  12.548  1.00 80.00 ? 104 DC A N1    1 
ATOM 75  C C2    . DC A 1 4  ? 23.242  -3.764  11.365  1.00 80.00 ? 104 DC A C2    1 
ATOM 76  O O2    . DC A 1 4  ? 23.736  -2.635  11.244  1.00 80.00 ? 104 DC A O2    1 
ATOM 77  N N3    . DC A 1 4  ? 23.337  -4.688  10.373  1.00 80.00 ? 104 DC A N3    1 
ATOM 78  C C4    . DC A 1 4  ? 22.797  -5.899  10.526  1.00 80.00 ? 104 DC A C4    1 
ATOM 79  N N4    . DC A 1 4  ? 22.915  -6.778  9.521   1.00 80.00 ? 104 DC A N4    1 
ATOM 80  C C5    . DC A 1 4  ? 22.110  -6.263  11.723  1.00 80.00 ? 104 DC A C5    1 
ATOM 81  C C6    . DC A 1 4  ? 22.023  -5.348  12.695  1.00 80.00 ? 104 DC A C6    1 
ATOM 82  P P     . DA A 1 5  ? 20.323  0.335   15.020  1.00 80.00 ? 105 DA A P     1 
ATOM 83  O OP1   . DA A 1 5  ? 20.043  1.279   16.126  1.00 80.00 ? 105 DA A OP1   1 
ATOM 84  O OP2   . DA A 1 5  ? 19.250  -0.001  14.058  1.00 80.00 ? 105 DA A OP2   1 
ATOM 85  O "O5'" . DA A 1 5  ? 21.578  0.866   14.183  1.00 80.00 ? 105 DA A "O5'" 1 
ATOM 86  C "C5'" . DA A 1 5  ? 21.582  2.216   13.752  1.00 80.00 ? 105 DA A "C5'" 1 
ATOM 87  C "C4'" . DA A 1 5  ? 22.010  2.318   12.305  1.00 80.00 ? 105 DA A "C4'" 1 
ATOM 88  O "O4'" . DA A 1 5  ? 22.146  0.995   11.722  1.00 80.00 ? 105 DA A "O4'" 1 
ATOM 89  C "C3'" . DA A 1 5  ? 20.994  3.046   11.437  1.00 80.00 ? 105 DA A "C3'" 1 
ATOM 90  O "O3'" . DA A 1 5  ? 21.654  3.745   10.399  1.00 80.00 ? 105 DA A "O3'" 1 
ATOM 91  C "C2'" . DA A 1 5  ? 20.192  1.882   10.872  1.00 80.00 ? 105 DA A "C2'" 1 
ATOM 92  C "C1'" . DA A 1 5  ? 21.371  0.983   10.540  1.00 80.00 ? 105 DA A "C1'" 1 
ATOM 93  N N9    . DA A 1 5  ? 21.022  -0.383  10.160  1.00 80.00 ? 105 DA A N9    1 
ATOM 94  C C8    . DA A 1 5  ? 20.365  -1.332  10.889  1.00 80.00 ? 105 DA A C8    1 
ATOM 95  N N7    . DA A 1 5  ? 20.207  -2.472  10.256  1.00 80.00 ? 105 DA A N7    1 
ATOM 96  C C5    . DA A 1 5  ? 20.800  -2.252  9.023   1.00 80.00 ? 105 DA A C5    1 
ATOM 97  C C6    . DA A 1 5  ? 20.977  -3.062  7.881   1.00 80.00 ? 105 DA A C6    1 
ATOM 98  N N6    . DA A 1 5  ? 20.547  -4.327  7.788   1.00 80.00 ? 105 DA A N6    1 
ATOM 99  N N1    . DA A 1 5  ? 21.614  -2.514  6.827   1.00 80.00 ? 105 DA A N1    1 
ATOM 100 C C2    . DA A 1 5  ? 22.049  -1.250  6.906   1.00 80.00 ? 105 DA A C2    1 
ATOM 101 N N3    . DA A 1 5  ? 21.944  -0.398  7.920   1.00 80.00 ? 105 DA A N3    1 
ATOM 102 C C4    . DA A 1 5  ? 21.305  -0.968  8.952   1.00 80.00 ? 105 DA A C4    1 
ATOM 103 P P     . DG A 1 6  ? 20.821  4.797   9.529   1.00 80.00 ? 106 DG A P     1 
ATOM 104 O OP1   . DG A 1 6  ? 21.303  6.148   9.887   1.00 80.00 ? 106 DG A OP1   1 
ATOM 105 O OP2   . DG A 1 6  ? 19.387  4.465   9.679   1.00 80.00 ? 106 DG A OP2   1 
ATOM 106 O "O5'" . DG A 1 6  ? 21.233  4.486   8.014   1.00 80.00 ? 106 DG A "O5'" 1 
ATOM 107 C "C5'" . DG A 1 6  ? 20.692  5.297   6.972   1.00 80.00 ? 106 DG A "C5'" 1 
ATOM 108 C "C4'" . DG A 1 6  ? 20.642  4.531   5.664   1.00 80.00 ? 106 DG A "C4'" 1 
ATOM 109 O "O4'" . DG A 1 6  ? 20.802  3.123   5.952   1.00 80.00 ? 106 DG A "O4'" 1 
ATOM 110 C "C3'" . DG A 1 6  ? 19.326  4.686   4.904   1.00 80.00 ? 106 DG A "C3'" 1 
ATOM 111 O "O3'" . DG A 1 6  ? 19.465  5.630   3.814   1.00 80.00 ? 106 DG A "O3'" 1 
ATOM 112 C "C2'" . DG A 1 6  ? 18.947  3.268   4.466   1.00 80.00 ? 106 DG A "C2'" 1 
ATOM 113 C "C1'" . DG A 1 6  ? 20.013  2.354   5.073   1.00 80.00 ? 106 DG A "C1'" 1 
ATOM 114 N N9    . DG A 1 6  ? 19.450  1.238   5.826   1.00 80.00 ? 106 DG A N9    1 
ATOM 115 C C8    . DG A 1 6  ? 18.818  1.289   7.045   1.00 80.00 ? 106 DG A C8    1 
ATOM 116 N N7    . DG A 1 6  ? 18.415  0.124   7.470   1.00 80.00 ? 106 DG A N7    1 
ATOM 117 C C5    . DG A 1 6  ? 18.806  -0.756  6.468   1.00 80.00 ? 106 DG A C5    1 
ATOM 118 C C6    . DG A 1 6  ? 18.641  -2.157  6.369   1.00 80.00 ? 106 DG A C6    1 
ATOM 119 O O6    . DG A 1 6  ? 18.099  -2.924  7.177   1.00 80.00 ? 106 DG A O6    1 
ATOM 120 N N1    . DG A 1 6  ? 19.187  -2.656  5.187   1.00 80.00 ? 106 DG A N1    1 
ATOM 121 C C2    . DG A 1 6  ? 19.810  -1.894  4.225   1.00 80.00 ? 106 DG A C2    1 
ATOM 122 N N2    . DG A 1 6  ? 20.274  -2.545  3.150   1.00 80.00 ? 106 DG A N2    1 
ATOM 123 N N3    . DG A 1 6  ? 19.969  -0.581  4.306   1.00 80.00 ? 106 DG A N3    1 
ATOM 124 C C4    . DG A 1 6  ? 19.444  -0.084  5.451   1.00 80.00 ? 106 DG A C4    1 
ATOM 125 P P     . DC A 1 7  ? 19.427  5.245   2.252   1.00 80.00 ? 107 DC A P     1 
ATOM 126 O OP1   . DC A 1 7  ? 20.263  6.236   1.537   1.00 80.00 ? 107 DC A OP1   1 
ATOM 127 O OP2   . DC A 1 7  ? 18.010  5.079   1.860   1.00 80.00 ? 107 DC A OP2   1 
ATOM 128 O "O5'" . DC A 1 7  ? 20.135  3.812   2.162   1.00 80.00 ? 107 DC A "O5'" 1 
ATOM 129 C "C5'" . DC A 1 7  ? 20.485  3.232   0.910   1.00 80.00 ? 107 DC A "C5'" 1 
ATOM 130 C "C4'" . DC A 1 7  ? 19.497  2.163   0.466   1.00 80.00 ? 107 DC A "C4'" 1 
ATOM 131 O "O4'" . DC A 1 7  ? 19.242  1.186   1.515   1.00 80.00 ? 107 DC A "O4'" 1 
ATOM 132 C "C3'" . DC A 1 7  ? 18.117  2.666   0.041   1.00 80.00 ? 107 DC A "C3'" 1 
ATOM 133 O "O3'" . DC A 1 7  ? 17.818  2.151   -1.243  1.00 80.00 ? 107 DC A "O3'" 1 
ATOM 134 C "C2'" . DC A 1 7  ? 17.188  2.043   1.076   1.00 80.00 ? 107 DC A "C2'" 1 
ATOM 135 C "C1'" . DC A 1 7  ? 17.934  0.731   1.242   1.00 80.00 ? 107 DC A "C1'" 1 
ATOM 136 N N1    . DC A 1 7  ? 17.405  -0.171  2.305   1.00 80.00 ? 107 DC A N1    1 
ATOM 137 C C2    . DC A 1 7  ? 17.499  -1.558  2.128   1.00 80.00 ? 107 DC A C2    1 
ATOM 138 O O2    . DC A 1 7  ? 18.035  -2.000  1.103   1.00 80.00 ? 107 DC A O2    1 
ATOM 139 N N3    . DC A 1 7  ? 17.007  -2.375  3.095   1.00 80.00 ? 107 DC A N3    1 
ATOM 140 C C4    . DC A 1 7  ? 16.438  -1.859  4.186   1.00 80.00 ? 107 DC A C4    1 
ATOM 141 N N4    . DC A 1 7  ? 15.967  -2.705  5.110   1.00 80.00 ? 107 DC A N4    1 
ATOM 142 C C5    . DC A 1 7  ? 16.328  -0.449  4.375   1.00 80.00 ? 107 DC A C5    1 
ATOM 143 C C6    . DC A 1 7  ? 16.816  0.349   3.419   1.00 80.00 ? 107 DC A C6    1 
ATOM 144 P P     . DC A 1 8  ? 17.150  3.099   -2.337  1.00 80.00 ? 108 DC A P     1 
ATOM 145 O OP1   . DC A 1 8  ? 17.952  4.344   -2.408  1.00 80.00 ? 108 DC A OP1   1 
ATOM 146 O OP2   . DC A 1 8  ? 15.702  3.166   -2.032  1.00 80.00 ? 108 DC A OP2   1 
ATOM 147 O "O5'" . DC A 1 8  ? 17.317  2.266   -3.694  1.00 80.00 ? 108 DC A "O5'" 1 
ATOM 148 C "C5'" . DC A 1 8  ? 16.188  1.613   -4.260  1.00 80.00 ? 108 DC A "C5'" 1 
ATOM 149 C "C4'" . DC A 1 8  ? 16.236  0.107   -4.082  1.00 80.00 ? 108 DC A "C4'" 1 
ATOM 150 O "O4'" . DC A 1 8  ? 16.556  -0.241  -2.717  1.00 80.00 ? 108 DC A "O4'" 1 
ATOM 151 C "C3'" . DC A 1 8  ? 14.906  -0.577  -4.346  1.00 80.00 ? 108 DC A "C3'" 1 
ATOM 152 O "O3'" . DC A 1 8  ? 14.783  -0.788  -5.748  1.00 80.00 ? 108 DC A "O3'" 1 
ATOM 153 C "C2'" . DC A 1 8  ? 15.042  -1.874  -3.557  1.00 80.00 ? 108 DC A "C2'" 1 
ATOM 154 C "C1'" . DC A 1 8  ? 15.963  -1.487  -2.402  1.00 80.00 ? 108 DC A "C1'" 1 
ATOM 155 N N1    . DC A 1 8  ? 15.270  -1.346  -1.089  1.00 80.00 ? 108 DC A N1    1 
ATOM 156 C C2    . DC A 1 8  ? 14.722  -2.464  -0.445  1.00 80.00 ? 108 DC A C2    1 
ATOM 157 O O2    . DC A 1 8  ? 14.805  -3.579  -0.973  1.00 80.00 ? 108 DC A O2    1 
ATOM 158 N N3    . DC A 1 8  ? 14.104  -2.297  0.751   1.00 80.00 ? 108 DC A N3    1 
ATOM 159 C C4    . DC A 1 8  ? 14.027  -1.083  1.298   1.00 80.00 ? 108 DC A C4    1 
ATOM 160 N N4    . DC A 1 8  ? 13.408  -0.967  2.477   1.00 80.00 ? 108 DC A N4    1 
ATOM 161 C C5    . DC A 1 8  ? 14.580  0.064   0.658   1.00 80.00 ? 108 DC A C5    1 
ATOM 162 C C6    . DC A 1 8  ? 15.187  -0.111  -0.520  1.00 80.00 ? 108 DC A C6    1 
ATOM 163 P P     . DT A 1 9  ? 13.990  -2.038  -6.361  1.00 80.00 ? 109 DT A P     1 
ATOM 164 O OP1   . DT A 1 9  ? 14.802  -3.247  -6.086  1.00 80.00 ? 109 DT A OP1   1 
ATOM 165 O OP2   . DT A 1 9  ? 13.630  -1.704  -7.757  1.00 80.00 ? 109 DT A OP2   1 
ATOM 166 O "O5'" . DT A 1 9  ? 12.627  -2.088  -5.523  1.00 80.00 ? 109 DT A "O5'" 1 
ATOM 167 C "C5'" . DT A 1 9  ? 11.663  -3.099  -5.802  1.00 80.00 ? 109 DT A "C5'" 1 
ATOM 168 C "C4'" . DT A 1 9  ? 12.274  -4.461  -5.535  1.00 80.00 ? 109 DT A "C4'" 1 
ATOM 169 O "O4'" . DT A 1 9  ? 13.085  -4.354  -4.337  1.00 80.00 ? 109 DT A "O4'" 1 
ATOM 170 C "C3'" . DT A 1 9  ? 11.275  -5.584  -5.289  1.00 80.00 ? 109 DT A "C3'" 1 
ATOM 171 O "O3'" . DT A 1 9  ? 11.141  -6.444  -6.419  1.00 80.00 ? 109 DT A "O3'" 1 
ATOM 172 C "C2'" . DT A 1 9  ? 11.885  -6.351  -4.121  1.00 80.00 ? 109 DT A "C2'" 1 
ATOM 173 C "C1'" . DT A 1 9  ? 12.605  -5.247  -3.355  1.00 80.00 ? 109 DT A "C1'" 1 
ATOM 174 N N1    . DT A 1 9  ? 11.766  -4.481  -2.371  1.00 80.00 ? 109 DT A N1    1 
ATOM 175 C C2    . DT A 1 9  ? 10.750  -5.113  -1.683  1.00 80.00 ? 109 DT A C2    1 
ATOM 176 O O2    . DT A 1 9  ? 10.462  -6.288  -1.824  1.00 80.00 ? 109 DT A O2    1 
ATOM 177 N N3    . DT A 1 9  ? 10.063  -4.310  -0.808  1.00 80.00 ? 109 DT A N3    1 
ATOM 178 C C4    . DT A 1 9  ? 10.277  -2.970  -0.545  1.00 80.00 ? 109 DT A C4    1 
ATOM 179 O O4    . DT A 1 9  ? 9.593   -2.348  0.267   1.00 80.00 ? 109 DT A O4    1 
ATOM 180 C C5    . DT A 1 9  ? 11.358  -2.371  -1.294  1.00 80.00 ? 109 DT A C5    1 
ATOM 181 C C7    . DT A 1 9  ? 11.696  -0.921  -1.107  1.00 80.00 ? 109 DT A C7    1 
ATOM 182 C C6    . DT A 1 9  ? 12.038  -3.143  -2.154  1.00 80.00 ? 109 DT A C6    1 
ATOM 183 P P     . DG A 1 10 ? 10.633  -5.917  -7.842  1.00 80.00 ? 110 DG A P     1 
ATOM 184 O OP1   . DG A 1 10 ? 10.288  -7.114  -8.641  1.00 80.00 ? 110 DG A OP1   1 
ATOM 185 O OP2   . DG A 1 10 ? 11.620  -4.943  -8.360  1.00 80.00 ? 110 DG A OP2   1 
ATOM 186 O "O5'" . DG A 1 10 ? 9.282   -5.128  -7.514  1.00 80.00 ? 110 DG A "O5'" 1 
ATOM 187 C "C5'" . DG A 1 10 ? 8.052   -5.837  -7.465  1.00 80.00 ? 110 DG A "C5'" 1 
ATOM 188 C "C4'" . DG A 1 10 ? 8.060   -6.768  -6.274  1.00 80.00 ? 110 DG A "C4'" 1 
ATOM 189 O "O4'" . DG A 1 10 ? 8.624   -6.030  -5.176  1.00 80.00 ? 110 DG A "O4'" 1 
ATOM 190 C "C3'" . DG A 1 10 ? 6.697   -7.209  -5.777  1.00 80.00 ? 110 DG A "C3'" 1 
ATOM 191 O "O3'" . DG A 1 10 ? 6.341   -8.413  -6.409  1.00 80.00 ? 110 DG A "O3'" 1 
ATOM 192 C "C2'" . DG A 1 10 ? 6.906   -7.414  -4.284  1.00 80.00 ? 110 DG A "C2'" 1 
ATOM 193 C "C1'" . DG A 1 10 ? 8.066   -6.476  -3.964  1.00 80.00 ? 110 DG A "C1'" 1 
ATOM 194 N N9    . DG A 1 10 ? 7.719   -5.283  -3.203  1.00 80.00 ? 110 DG A N9    1 
ATOM 195 C C8    . DG A 1 10 ? 8.296   -4.043  -3.330  1.00 80.00 ? 110 DG A C8    1 
ATOM 196 N N7    . DG A 1 10 ? 7.799   -3.156  -2.516  1.00 80.00 ? 110 DG A N7    1 
ATOM 197 C C5    . DG A 1 10 ? 6.833   -3.854  -1.800  1.00 80.00 ? 110 DG A C5    1 
ATOM 198 C C6    . DG A 1 10 ? 5.961   -3.414  -0.776  1.00 80.00 ? 110 DG A C6    1 
ATOM 199 O O6    . DG A 1 10 ? 5.870   -2.284  -0.276  1.00 80.00 ? 110 DG A O6    1 
ATOM 200 N N1    . DG A 1 10 ? 5.136   -4.444  -0.328  1.00 80.00 ? 110 DG A N1    1 
ATOM 201 C C2    . DG A 1 10 ? 5.154   -5.732  -0.808  1.00 80.00 ? 110 DG A C2    1 
ATOM 202 N N2    . DG A 1 10 ? 4.287   -6.591  -0.256  1.00 80.00 ? 110 DG A N2    1 
ATOM 203 N N3    . DG A 1 10 ? 5.965   -6.154  -1.768  1.00 80.00 ? 110 DG A N3    1 
ATOM 204 C C4    . DG A 1 10 ? 6.772   -5.165  -2.215  1.00 80.00 ? 110 DG A C4    1 
ATOM 205 P P     . DT A 1 11 ? 5.864   -8.355  -7.930  1.00 80.00 ? 111 DT A P     1 
ATOM 206 O OP1   . DT A 1 11 ? 6.982   -8.806  -8.788  1.00 80.00 ? 111 DT A OP1   1 
ATOM 207 O OP2   . DT A 1 11 ? 5.259   -7.023  -8.147  1.00 80.00 ? 111 DT A OP2   1 
ATOM 208 O "O5'" . DT A 1 11 ? 4.683   -9.430  -7.972  1.00 80.00 ? 111 DT A "O5'" 1 
ATOM 209 C "C5'" . DT A 1 11 ? 3.349   -9.011  -7.726  1.00 80.00 ? 111 DT A "C5'" 1 
ATOM 210 C "C4'" . DT A 1 11 ? 2.953   -9.108  -6.262  1.00 80.00 ? 111 DT A "C4'" 1 
ATOM 211 O "O4'" . DT A 1 11 ? 3.699   -8.157  -5.446  1.00 80.00 ? 111 DT A "O4'" 1 
ATOM 212 C "C3'" . DT A 1 11 ? 1.477   -8.794  -6.048  1.00 80.00 ? 111 DT A "C3'" 1 
ATOM 213 O "O3'" . DT A 1 11 ? 0.824   -9.805  -5.279  1.00 80.00 ? 111 DT A "O3'" 1 
ATOM 214 C "C2'" . DT A 1 11 ? 1.505   -7.450  -5.321  1.00 80.00 ? 111 DT A "C2'" 1 
ATOM 215 C "C1'" . DT A 1 11 ? 2.808   -7.531  -4.544  1.00 80.00 ? 111 DT A "C1'" 1 
ATOM 216 N N1    . DT A 1 11 ? 3.329   -6.184  -4.156  1.00 80.00 ? 111 DT A N1    1 
ATOM 217 C C2    . DT A 1 11 ? 2.865   -5.545  -3.020  1.00 80.00 ? 111 DT A C2    1 
ATOM 218 O O2    . DT A 1 11 ? 2.031   -6.004  -2.259  1.00 80.00 ? 111 DT A O2    1 
ATOM 219 N N3    . DT A 1 11 ? 3.425   -4.313  -2.790  1.00 80.00 ? 111 DT A N3    1 
ATOM 220 C C4    . DT A 1 11 ? 4.374   -3.670  -3.560  1.00 80.00 ? 111 DT A C4    1 
ATOM 221 O O4    . DT A 1 11 ? 4.819   -2.563  -3.274  1.00 80.00 ? 111 DT A O4    1 
ATOM 222 C C5    . DT A 1 11 ? 4.812   -4.389  -4.725  1.00 80.00 ? 111 DT A C5    1 
ATOM 223 C C7    . DT A 1 11 ? 5.841   -3.785  -5.633  1.00 80.00 ? 111 DT A C7    1 
ATOM 224 C C6    . DT A 1 11 ? 4.271   -5.588  -4.964  1.00 80.00 ? 111 DT A C6    1 
ATOM 225 P P     . DA A 1 12 ? -0.309  -9.309  -4.267  1.00 80.00 ? 112 DA A P     1 
ATOM 226 O OP1   . DA A 1 12 ? -1.165  -8.353  -5.001  1.00 80.00 ? 112 DA A OP1   1 
ATOM 227 O OP2   . DA A 1 12 ? 0.397   -8.916  -3.025  1.00 80.00 ? 112 DA A OP2   1 
ATOM 228 O "O5'" . DA A 1 12 ? -1.229  -10.566 -3.925  1.00 80.00 ? 112 DA A "O5'" 1 
ATOM 229 C "C5'" . DA A 1 12 ? -2.618  -10.332 -3.680  1.00 80.00 ? 112 DA A "C5'" 1 
ATOM 230 C "C4'" . DA A 1 12 ? -2.877  -9.401  -2.500  1.00 80.00 ? 112 DA A "C4'" 1 
ATOM 231 O "O4'" . DA A 1 12 ? -1.766  -8.503  -2.254  1.00 80.00 ? 112 DA A "O4'" 1 
ATOM 232 C "C3'" . DA A 1 12 ? -4.081  -8.487  -2.680  1.00 80.00 ? 112 DA A "C3'" 1 
ATOM 233 O "O3'" . DA A 1 12 ? -5.256  -9.140  -2.201  1.00 80.00 ? 112 DA A "O3'" 1 
ATOM 234 C "C2'" . DA A 1 12 ? -3.733  -7.251  -1.852  1.00 80.00 ? 112 DA A "C2'" 1 
ATOM 235 C "C1'" . DA A 1 12 ? -2.214  -7.281  -1.698  1.00 80.00 ? 112 DA A "C1'" 1 
ATOM 236 N N9    . DA A 1 12 ? -1.513  -6.160  -2.338  1.00 80.00 ? 112 DA A N9    1 
ATOM 237 C C8    . DA A 1 12 ? -0.735  -6.211  -3.459  1.00 80.00 ? 112 DA A C8    1 
ATOM 238 N N7    . DA A 1 12 ? -0.219  -5.062  -3.821  1.00 80.00 ? 112 DA A N7    1 
ATOM 239 C C5    . DA A 1 12 ? -0.689  -4.179  -2.865  1.00 80.00 ? 112 DA A C5    1 
ATOM 240 C C6    . DA A 1 12 ? -0.500  -2.794  -2.684  1.00 80.00 ? 112 DA A C6    1 
ATOM 241 N N6    . DA A 1 12 ? 0.244   -2.031  -3.495  1.00 80.00 ? 112 DA A N6    1 
ATOM 242 N N1    . DA A 1 12 ? -1.109  -2.216  -1.629  1.00 80.00 ? 112 DA A N1    1 
ATOM 243 C C2    . DA A 1 12 ? -1.853  -2.976  -0.817  1.00 80.00 ? 112 DA A C2    1 
ATOM 244 N N3    . DA A 1 12 ? -2.103  -4.284  -0.886  1.00 80.00 ? 112 DA A N3    1 
ATOM 245 C C4    . DA A 1 12 ? -1.486  -4.837  -1.943  1.00 80.00 ? 112 DA A C4    1 
ATOM 246 P P     . DC A 1 13 ? -5.570  -9.228  -0.633  1.00 80.00 ? 113 DC A P     1 
ATOM 247 O OP1   . DC A 1 13 ? -4.315  -9.580  0.067   1.00 80.00 ? 113 DC A OP1   1 
ATOM 248 O OP2   . DC A 1 13 ? -6.763  -10.086 -0.463  1.00 80.00 ? 113 DC A OP2   1 
ATOM 249 O "O5'" . DC A 1 13 ? -5.980  -7.729  -0.245  1.00 80.00 ? 113 DC A "O5'" 1 
ATOM 250 C "C5'" . DC A 1 13 ? -5.719  -7.233  1.065   1.00 80.00 ? 113 DC A "C5'" 1 
ATOM 251 C "C4'" . DC A 1 13 ? -6.343  -5.863  1.260   1.00 80.00 ? 113 DC A "C4'" 1 
ATOM 252 O "O4'" . DC A 1 13 ? -5.618  -4.862  0.502   1.00 80.00 ? 113 DC A "O4'" 1 
ATOM 253 C "C3'" . DC A 1 13 ? -7.796  -5.774  0.814   1.00 80.00 ? 113 DC A "C3'" 1 
ATOM 254 O "O3'" . DC A 1 13 ? -8.558  -5.120  1.824   1.00 80.00 ? 113 DC A "O3'" 1 
ATOM 255 C "C2'" . DC A 1 13 ? -7.722  -4.995  -0.501  1.00 80.00 ? 113 DC A "C2'" 1 
ATOM 256 C "C1'" . DC A 1 13 ? -6.516  -4.095  -0.272  1.00 80.00 ? 113 DC A "C1'" 1 
ATOM 257 N N1    . DC A 1 13 ? -5.787  -3.686  -1.511  1.00 80.00 ? 113 DC A N1    1 
ATOM 258 C C2    . DC A 1 13 ? -5.692  -2.336  -1.861  1.00 80.00 ? 113 DC A C2    1 
ATOM 259 O O2    . DC A 1 13 ? -6.227  -1.493  -1.139  1.00 80.00 ? 113 DC A O2    1 
ATOM 260 N N3    . DC A 1 13 ? -5.020  -1.987  -2.986  1.00 80.00 ? 113 DC A N3    1 
ATOM 261 C C4    . DC A 1 13 ? -4.453  -2.925  -3.744  1.00 80.00 ? 113 DC A C4    1 
ATOM 262 N N4    . DC A 1 13 ? -3.798  -2.535  -4.845  1.00 80.00 ? 113 DC A N4    1 
ATOM 263 C C5    . DC A 1 13 ? -4.534  -4.307  -3.405  1.00 80.00 ? 113 DC A C5    1 
ATOM 264 C C6    . DC A 1 13 ? -5.204  -4.634  -2.292  1.00 80.00 ? 113 DC A C6    1 
ATOM 265 P P     . DG A 1 14 ? -9.658  -5.968  2.619   1.00 80.00 ? 114 DG A P     1 
ATOM 266 O OP1   . DG A 1 14 ? -9.167  -7.361  2.696   1.00 80.00 ? 114 DG A OP1   1 
ATOM 267 O OP2   . DG A 1 14 ? -10.970 -5.681  2.002   1.00 80.00 ? 114 DG A OP2   1 
ATOM 268 O "O5'" . DG A 1 14 ? -9.674  -5.349  4.094   1.00 80.00 ? 114 DG A "O5'" 1 
ATOM 269 C "C5'" . DG A 1 14 ? -10.519 -4.246  4.398   1.00 80.00 ? 114 DG A "C5'" 1 
ATOM 270 C "C4'" . DG A 1 14 ? -9.704  -2.970  4.468   1.00 80.00 ? 114 DG A "C4'" 1 
ATOM 271 O "O4'" . DG A 1 14 ? -8.765  -2.973  3.368   1.00 80.00 ? 114 DG A "O4'" 1 
ATOM 272 C "C3'" . DG A 1 14 ? -10.503 -1.678  4.369   1.00 80.00 ? 114 DG A "C3'" 1 
ATOM 273 O "O3'" . DG A 1 14 ? -10.733 -1.185  5.684   1.00 80.00 ? 114 DG A "O3'" 1 
ATOM 274 C "C2'" . DG A 1 14 ? -9.588  -0.748  3.578   1.00 80.00 ? 114 DG A "C2'" 1 
ATOM 275 C "C1'" . DG A 1 14 ? -8.685  -1.690  2.786   1.00 80.00 ? 114 DG A "C1'" 1 
ATOM 276 N N9    . DG A 1 14 ? -8.999  -1.830  1.367   1.00 80.00 ? 114 DG A N9    1 
ATOM 277 C C8    . DG A 1 14 ? -9.649  -2.870  0.749   1.00 80.00 ? 114 DG A C8    1 
ATOM 278 N N7    . DG A 1 14 ? -9.769  -2.719  -0.541  1.00 80.00 ? 114 DG A N7    1 
ATOM 279 C C5    . DG A 1 14 ? -9.158  -1.499  -0.800  1.00 80.00 ? 114 DG A C5    1 
ATOM 280 C C6    . DG A 1 14 ? -8.976  -0.802  -2.018  1.00 80.00 ? 114 DG A C6    1 
ATOM 281 O O6    . DG A 1 14 ? -9.323  -1.124  -3.163  1.00 80.00 ? 114 DG A O6    1 
ATOM 282 N N1    . DG A 1 14 ? -8.304  0.399   -1.819  1.00 80.00 ? 114 DG A N1    1 
ATOM 283 C C2    . DG A 1 14 ? -7.864  0.861   -0.602  1.00 80.00 ? 114 DG A C2    1 
ATOM 284 N N2    . DG A 1 14 ? -7.233  2.043   -0.603  1.00 80.00 ? 114 DG A N2    1 
ATOM 285 N N3    . DG A 1 14 ? -8.027  0.221   0.544   1.00 80.00 ? 114 DG A N3    1 
ATOM 286 C C4    . DG A 1 14 ? -8.679  -0.946  0.367   1.00 80.00 ? 114 DG A C4    1 
ATOM 287 P P     . DG A 1 15 ? -11.562 0.158   5.943   1.00 80.00 ? 115 DG A P     1 
ATOM 288 O OP1   . DG A 1 15 ? -12.484 -0.093  7.072   1.00 80.00 ? 115 DG A OP1   1 
ATOM 289 O OP2   . DG A 1 15 ? -12.094 0.641   4.652   1.00 80.00 ? 115 DG A OP2   1 
ATOM 290 O "O5'" . DG A 1 15 ? -10.439 1.186   6.424   1.00 80.00 ? 115 DG A "O5'" 1 
ATOM 291 C "C5'" . DG A 1 15 ? -10.709 2.574   6.365   1.00 80.00 ? 115 DG A "C5'" 1 
ATOM 292 C "C4'" . DG A 1 15 ? -10.077 3.168   5.123   1.00 80.00 ? 115 DG A "C4'" 1 
ATOM 293 O "O4'" . DG A 1 15 ? -9.852  2.141   4.127   1.00 80.00 ? 115 DG A "O4'" 1 
ATOM 294 C "C3'" . DG A 1 15 ? -10.945 4.161   4.374   1.00 80.00 ? 115 DG A "C3'" 1 
ATOM 295 O "O3'" . DG A 1 15 ? -11.029 5.418   5.063   1.00 80.00 ? 115 DG A "O3'" 1 
ATOM 296 C "C2'" . DG A 1 15 ? -10.200 4.219   3.045   1.00 80.00 ? 115 DG A "C2'" 1 
ATOM 297 C "C1'" . DG A 1 15 ? -9.757  2.769   2.860   1.00 80.00 ? 115 DG A "C1'" 1 
ATOM 298 N N9    . DG A 1 15 ? -10.545 2.029   1.872   1.00 80.00 ? 115 DG A N9    1 
ATOM 299 C C8    . DG A 1 15 ? -11.441 1.020   2.115   1.00 80.00 ? 115 DG A C8    1 
ATOM 300 N N7    . DG A 1 15 ? -11.996 0.537   1.040   1.00 80.00 ? 115 DG A N7    1 
ATOM 301 C C5    . DG A 1 15 ? -11.435 1.277   0.009   1.00 80.00 ? 115 DG A C5    1 
ATOM 302 C C6    . DG A 1 15 ? -11.653 1.207   -1.389  1.00 80.00 ? 115 DG A C6    1 
ATOM 303 O O6    . DG A 1 15 ? -12.408 0.454   -2.014  1.00 80.00 ? 115 DG A O6    1 
ATOM 304 N N1    . DG A 1 15 ? -10.888 2.133   -2.086  1.00 80.00 ? 115 DG A N1    1 
ATOM 305 C C2    . DG A 1 15 ? -10.019 3.019   -1.501  1.00 80.00 ? 115 DG A C2    1 
ATOM 306 N N2    . DG A 1 15 ? -9.368  3.836   -2.342  1.00 80.00 ? 115 DG A N2    1 
ATOM 307 N N3    . DG A 1 15 ? -9.803  3.098   -0.192  1.00 80.00 ? 115 DG A N3    1 
ATOM 308 C C4    . DG A 1 15 ? -10.542 2.200   0.503   1.00 80.00 ? 115 DG A C4    1 
ATOM 309 P P     . DA A 1 16 ? -9.883  6.540   5.060   1.00 80.00 ? 116 DA A P     1 
ATOM 310 O OP1   . DA A 1 16 ? -8.712  6.070   4.290   1.00 80.00 ? 116 DA A OP1   1 
ATOM 311 O OP2   . DA A 1 16 ? -9.701  6.975   6.462   1.00 80.00 ? 116 DA A OP2   1 
ATOM 312 O "O5'" . DA A 1 16 ? -10.570 7.751   4.273   1.00 80.00 ? 116 DA A "O5'" 1 
ATOM 313 C "C5'" . DA A 1 16 ? -9.755  8.636   3.526   1.00 80.00 ? 116 DA A "C5'" 1 
ATOM 314 C "C4'" . DA A 1 16 ? -9.844  8.333   2.043   1.00 80.00 ? 116 DA A "C4'" 1 
ATOM 315 O "O4'" . DA A 1 16 ? -10.343 6.990   1.831   1.00 80.00 ? 116 DA A "O4'" 1 
ATOM 316 C "C3'" . DA A 1 16 ? -10.812 9.237   1.290   1.00 80.00 ? 116 DA A "C3'" 1 
ATOM 317 O "O3'" . DA A 1 16 ? -10.081 10.121  0.468   1.00 80.00 ? 116 DA A "O3'" 1 
ATOM 318 C "C2'" . DA A 1 16 ? -11.671 8.300   0.444   1.00 80.00 ? 116 DA A "C2'" 1 
ATOM 319 C "C1'" . DA A 1 16 ? -10.928 6.975   0.547   1.00 80.00 ? 116 DA A "C1'" 1 
ATOM 320 N N9    . DA A 1 16 ? -11.793 5.809   0.351   1.00 80.00 ? 116 DA A N9    1 
ATOM 321 C C8    . DA A 1 16 ? -12.360 4.984   1.283   1.00 80.00 ? 116 DA A C8    1 
ATOM 322 N N7    . DA A 1 16 ? -13.093 4.018   0.774   1.00 80.00 ? 116 DA A N7    1 
ATOM 323 C C5    . DA A 1 16 ? -13.011 4.227   -0.592  1.00 80.00 ? 116 DA A C5    1 
ATOM 324 C C6    . DA A 1 16 ? -13.564 3.556   -1.702  1.00 80.00 ? 116 DA A C6    1 
ATOM 325 N N6    . DA A 1 16 ? -14.354 2.477   -1.621  1.00 80.00 ? 116 DA A N6    1 
ATOM 326 N N1    . DA A 1 16 ? -13.271 4.040   -2.923  1.00 80.00 ? 116 DA A N1    1 
ATOM 327 C C2    . DA A 1 16 ? -12.483 5.116   -3.025  1.00 80.00 ? 116 DA A C2    1 
ATOM 328 N N3    . DA A 1 16 ? -11.908 5.829   -2.063  1.00 80.00 ? 116 DA A N3    1 
ATOM 329 C C4    . DA A 1 16 ? -12.216 5.326   -0.862  1.00 80.00 ? 116 DA A C4    1 
ATOM 330 P P     . DC A 1 17 ? -10.573 11.636  0.370   1.00 80.00 ? 117 DC A P     1 
ATOM 331 O OP1   . DC A 1 17 ? -9.377  12.495  0.231   1.00 80.00 ? 117 DC A OP1   1 
ATOM 332 O OP2   . DC A 1 17 ? -11.530 11.868  1.473   1.00 80.00 ? 117 DC A OP2   1 
ATOM 333 O "O5'" . DC A 1 17 ? -11.375 11.658  -1.013  1.00 80.00 ? 117 DC A "O5'" 1 
ATOM 334 C "C5'" . DC A 1 17 ? -10.638 11.580  -2.220  1.00 80.00 ? 117 DC A "C5'" 1 
ATOM 335 C "C4'" . DC A 1 17 ? -11.445 10.929  -3.328  1.00 80.00 ? 117 DC A "C4'" 1 
ATOM 336 O "O4'" . DC A 1 17 ? -12.055 9.697   -2.863  1.00 80.00 ? 117 DC A "O4'" 1 
ATOM 337 C "C3'" . DC A 1 17 ? -12.587 11.768  -3.908  1.00 80.00 ? 117 DC A "C3'" 1 
ATOM 338 O "O3'" . DC A 1 17 ? -12.254 12.104  -5.256  1.00 80.00 ? 117 DC A "O3'" 1 
ATOM 339 C "C2'" . DC A 1 17 ? -13.806 10.848  -3.816  1.00 80.00 ? 117 DC A "C2'" 1 
ATOM 340 C "C1'" . DC A 1 17 ? -13.147 9.478   -3.728  1.00 80.00 ? 117 DC A "C1'" 1 
ATOM 341 N N1    . DC A 1 17 ? -14.026 8.381   -3.217  1.00 80.00 ? 117 DC A N1    1 
ATOM 342 C C2    . DC A 1 17 ? -14.547 7.459   -4.131  1.00 80.00 ? 117 DC A C2    1 
ATOM 343 O O2    . DC A 1 17 ? -14.271 7.579   -5.329  1.00 80.00 ? 117 DC A O2    1 
ATOM 344 N N3    . DC A 1 17 ? -15.344 6.460   -3.682  1.00 80.00 ? 117 DC A N3    1 
ATOM 345 C C4    . DC A 1 17 ? -15.620 6.364   -2.382  1.00 80.00 ? 117 DC A C4    1 
ATOM 346 N N4    . DC A 1 17 ? -16.408 5.358   -1.991  1.00 80.00 ? 117 DC A N4    1 
ATOM 347 C C5    . DC A 1 17 ? -15.097 7.292   -1.432  1.00 80.00 ? 117 DC A C5    1 
ATOM 348 C C6    . DC A 1 17 ? -14.313 8.276   -1.889  1.00 80.00 ? 117 DC A C6    1 
ATOM 349 P P     . DA A 1 18 ? -13.225 12.941  -6.218  1.00 80.00 ? 118 DA A P     1 
ATOM 350 O OP1   . DA A 1 18 ? -12.711 14.327  -6.287  1.00 80.00 ? 118 DA A OP1   1 
ATOM 351 O OP2   . DA A 1 18 ? -14.629 12.694  -5.824  1.00 80.00 ? 118 DA A OP2   1 
ATOM 352 O "O5'" . DA A 1 18 ? -12.986 12.231  -7.632  1.00 80.00 ? 118 DA A "O5'" 1 
ATOM 353 C "C5'" . DA A 1 18 ? -12.963 10.810  -7.696  1.00 80.00 ? 118 DA A "C5'" 1 
ATOM 354 C "C4'" . DA A 1 18 ? -13.490 10.293  -9.020  1.00 80.00 ? 118 DA A "C4'" 1 
ATOM 355 O "O4'" . DA A 1 18 ? -14.379 9.189   -8.737  1.00 80.00 ? 118 DA A "O4'" 1 
ATOM 356 C "C3'" . DA A 1 18 ? -14.408 11.232  -9.776  1.00 80.00 ? 118 DA A "C3'" 1 
ATOM 357 O "O3'" . DA A 1 18 ? -14.744 10.625  -11.014 1.00 80.00 ? 118 DA A "O3'" 1 
ATOM 358 C "C2'" . DA A 1 18 ? -15.595 11.207  -8.829  1.00 80.00 ? 118 DA A "C2'" 1 
ATOM 359 C "C1'" . DA A 1 18 ? -15.693 9.702   -8.609  1.00 80.00 ? 118 DA A "C1'" 1 
ATOM 360 N N9    . DA A 1 18 ? -16.197 9.333   -7.293  1.00 80.00 ? 118 DA A N9    1 
ATOM 361 C C8    . DA A 1 18 ? -15.876 9.878   -6.081  1.00 80.00 ? 118 DA A C8    1 
ATOM 362 N N7    . DA A 1 18 ? -16.501 9.319   -5.069  1.00 80.00 ? 118 DA A N7    1 
ATOM 363 C C5    . DA A 1 18 ? -17.281 8.338   -5.658  1.00 80.00 ? 118 DA A C5    1 
ATOM 364 C C6    . DA A 1 18 ? -18.184 7.386   -5.138  1.00 80.00 ? 118 DA A C6    1 
ATOM 365 N N6    . DA A 1 18 ? -18.474 7.246   -3.838  1.00 80.00 ? 118 DA A N6    1 
ATOM 366 N N1    . DA A 1 18 ? -18.785 6.567   -6.023  1.00 80.00 ? 118 DA A N1    1 
ATOM 367 C C2    . DA A 1 18 ? -18.506 6.690   -7.325  1.00 80.00 ? 118 DA A C2    1 
ATOM 368 N N3    . DA A 1 18 ? -17.684 7.539   -7.930  1.00 80.00 ? 118 DA A N3    1 
ATOM 369 C C4    . DA A 1 18 ? -17.101 8.338   -7.029  1.00 80.00 ? 118 DA A C4    1 
ATOM 370 P P     . DT A 1 19 ? -15.898 11.226  -11.945 1.00 80.00 ? 119 DT A P     1 
ATOM 371 O OP1   . DT A 1 19 ? -15.425 12.520  -12.484 1.00 80.00 ? 119 DT A OP1   1 
ATOM 372 O OP2   . DT A 1 19 ? -17.178 11.171  -11.208 1.00 80.00 ? 119 DT A OP2   1 
ATOM 373 O "O5'" . DT A 1 19 ? -15.952 10.164  -13.137 1.00 80.00 ? 119 DT A "O5'" 1 
ATOM 374 C "C5'" . DT A 1 19 ? -16.078 8.781   -12.849 1.00 80.00 ? 119 DT A "C5'" 1 
ATOM 375 C "C4'" . DT A 1 19 ? -17.510 8.432   -12.487 1.00 80.00 ? 119 DT A "C4'" 1 
ATOM 376 O "O4'" . DT A 1 19 ? -17.738 8.627   -11.072 1.00 80.00 ? 119 DT A "O4'" 1 
ATOM 377 C "C3'" . DT A 1 19 ? -18.581 9.272   -13.186 1.00 80.00 ? 119 DT A "C3'" 1 
ATOM 378 O "O3'" . DT A 1 19 ? -19.168 8.532   -14.264 1.00 80.00 ? 119 DT A "O3'" 1 
ATOM 379 C "C2'" . DT A 1 19 ? -19.581 9.625   -12.079 1.00 80.00 ? 119 DT A "C2'" 1 
ATOM 380 C "C1'" . DT A 1 19 ? -19.137 8.716   -10.939 1.00 80.00 ? 119 DT A "C1'" 1 
ATOM 381 N N1    . DT A 1 19 ? -19.494 9.192   -9.578  1.00 80.00 ? 119 DT A N1    1 
ATOM 382 C C2    . DT A 1 19 ? -20.456 8.489   -8.902  1.00 80.00 ? 119 DT A C2    1 
ATOM 383 O O2    . DT A 1 19 ? -21.005 7.518   -9.381  1.00 80.00 ? 119 DT A O2    1 
ATOM 384 N N3    . DT A 1 19 ? -20.748 8.966   -7.650  1.00 80.00 ? 119 DT A N3    1 
ATOM 385 C C4    . DT A 1 19 ? -20.181 10.057  -7.022  1.00 80.00 ? 119 DT A C4    1 
ATOM 386 O O4    . DT A 1 19 ? -20.513 10.406  -5.890  1.00 80.00 ? 119 DT A O4    1 
ATOM 387 C C5    . DT A 1 19 ? -19.175 10.750  -7.789  1.00 80.00 ? 119 DT A C5    1 
ATOM 388 C C7    . DT A 1 19 ? -18.491 11.951  -7.210  1.00 80.00 ? 119 DT A C7    1 
ATOM 389 C C6    . DT A 1 19 ? -18.883 10.293  -9.016  1.00 80.00 ? 119 DT A C6    1 
ATOM 390 P P     . DC A 1 20 ? -20.461 7.606   -14.072 1.00 80.00 ? 120 DC A P     1 
ATOM 391 O OP1   . DC A 1 20 ? -20.254 6.775   -12.865 1.00 80.00 ? 120 DC A OP1   1 
ATOM 392 O OP2   . DC A 1 20 ? -20.743 6.957   -15.372 1.00 80.00 ? 120 DC A OP2   1 
ATOM 393 O "O5'" . DC A 1 20 ? -21.629 8.660   -13.786 1.00 80.00 ? 120 DC A "O5'" 1 
ATOM 394 C "C5'" . DC A 1 20 ? -22.981 8.243   -13.866 1.00 80.00 ? 120 DC A "C5'" 1 
ATOM 395 C "C4'" . DC A 1 20 ? -23.135 6.858   -13.271 1.00 80.00 ? 120 DC A "C4'" 1 
ATOM 396 O "O4'" . DC A 1 20 ? -22.751 6.916   -11.876 1.00 80.00 ? 120 DC A "O4'" 1 
ATOM 397 C "C3'" . DC A 1 20 ? -24.555 6.318   -13.260 1.00 80.00 ? 120 DC A "C3'" 1 
ATOM 398 O "O3'" . DC A 1 20 ? -24.532 4.910   -13.112 1.00 80.00 ? 120 DC A "O3'" 1 
ATOM 399 C "C2'" . DC A 1 20 ? -25.104 6.983   -12.009 1.00 80.00 ? 120 DC A "C2'" 1 
ATOM 400 C "C1'" . DC A 1 20 ? -23.911 6.831   -11.074 1.00 80.00 ? 120 DC A "C1'" 1 
ATOM 401 N N1    . DC A 1 20 ? -23.838 7.886   -10.034 1.00 80.00 ? 120 DC A N1    1 
ATOM 402 C C2    . DC A 1 20 ? -24.423 7.640   -8.793  1.00 80.00 ? 120 DC A C2    1 
ATOM 403 O O2    . DC A 1 20 ? -24.979 6.552   -8.611  1.00 80.00 ? 120 DC A O2    1 
ATOM 404 N N3    . DC A 1 20 ? -24.364 8.593   -7.831  1.00 80.00 ? 120 DC A N3    1 
ATOM 405 C C4    . DC A 1 20 ? -23.751 9.749   -8.081  1.00 80.00 ? 120 DC A C4    1 
ATOM 406 N N4    . DC A 1 20 ? -23.719 10.658  -7.102  1.00 80.00 ? 120 DC A N4    1 
ATOM 407 C C5    . DC A 1 20 ? -23.149 10.020  -9.347  1.00 80.00 ? 120 DC A C5    1 
ATOM 408 C C6    . DC A 1 20 ? -23.215 9.070   -10.288 1.00 80.00 ? 120 DC A C6    1 
ATOM 409 P P     . DA A 1 21 ? -25.834 4.064   -13.490 1.00 80.00 ? 121 DA A P     1 
ATOM 410 O OP1   . DA A 1 21 ? -25.412 2.692   -13.851 1.00 80.00 ? 121 DA A OP1   1 
ATOM 411 O OP2   . DA A 1 21 ? -26.626 4.862   -14.449 1.00 80.00 ? 121 DA A OP2   1 
ATOM 412 O "O5'" . DA A 1 21 ? -26.641 4.025   -12.111 1.00 80.00 ? 121 DA A "O5'" 1 
ATOM 413 C "C5'" . DA A 1 21 ? -27.987 3.576   -12.115 1.00 80.00 ? 121 DA A "C5'" 1 
ATOM 414 C "C4'" . DA A 1 21 ? -28.648 3.883   -10.788 1.00 80.00 ? 121 DA A "C4'" 1 
ATOM 415 O "O4'" . DA A 1 21 ? -27.939 4.973   -10.147 1.00 80.00 ? 121 DA A "O4'" 1 
ATOM 416 C "C3'" . DA A 1 21 ? -30.094 4.356   -10.894 1.00 80.00 ? 121 DA A "C3'" 1 
ATOM 417 O "O3'" . DA A 1 21 ? -30.792 4.009   -9.707  1.00 80.00 ? 121 DA A "O3'" 1 
ATOM 418 C "C2'" . DA A 1 21 ? -29.899 5.862   -10.979 1.00 80.00 ? 121 DA A "C2'" 1 
ATOM 419 C "C1'" . DA A 1 21 ? -28.909 5.948   -9.832  1.00 80.00 ? 121 DA A "C1'" 1 
ATOM 420 N N9    . DA A 1 21 ? -28.269 7.236   -9.599  1.00 80.00 ? 121 DA A N9    1 
ATOM 421 C C8    . DA A 1 21 ? -27.699 8.124   -10.467 1.00 80.00 ? 121 DA A C8    1 
ATOM 422 N N7    . DA A 1 21 ? -27.211 9.192   -9.868  1.00 80.00 ? 121 DA A N7    1 
ATOM 423 C C5    . DA A 1 21 ? -27.479 8.984   -8.521  1.00 80.00 ? 121 DA A C5    1 
ATOM 424 C C6    . DA A 1 21 ? -27.232 9.724   -7.339  1.00 80.00 ? 121 DA A C6    1 
ATOM 425 N N6    . DA A 1 21 ? -26.617 10.911  -7.282  1.00 80.00 ? 121 DA A N6    1 
ATOM 426 N N1    . DA A 1 21 ? -27.653 9.182   -6.177  1.00 80.00 ? 121 DA A N1    1 
ATOM 427 C C2    . DA A 1 21 ? -28.275 7.998   -6.187  1.00 80.00 ? 121 DA A C2    1 
ATOM 428 N N3    . DA A 1 21 ? -28.560 7.217   -7.218  1.00 80.00 ? 121 DA A N3    1 
ATOM 429 C C4    . DA A 1 21 ? -28.131 7.778   -8.355  1.00 80.00 ? 121 DA A C4    1 
ATOM 430 P P     . DC B 2 1  ? -7.948  -1.737  -9.657  1.00 80.00 ? 119 DC B P     1 
ATOM 431 O OP1   . DC B 2 1  ? -7.175  -2.815  -10.309 1.00 80.00 ? 119 DC B OP1   1 
ATOM 432 O OP2   . DC B 2 1  ? -8.749  -2.020  -8.445  1.00 80.00 ? 119 DC B OP2   1 
ATOM 433 O "O5'" . DC B 2 1  ? -6.956  -0.530  -9.313  1.00 80.00 ? 119 DC B "O5'" 1 
ATOM 434 C "C5'" . DC B 2 1  ? -6.770  0.510   -10.264 1.00 80.00 ? 119 DC B "C5'" 1 
ATOM 435 C "C4'" . DC B 2 1  ? -7.583  1.749   -9.925  1.00 80.00 ? 119 DC B "C4'" 1 
ATOM 436 O "O4'" . DC B 2 1  ? -8.818  1.385   -9.257  1.00 80.00 ? 119 DC B "O4'" 1 
ATOM 437 C "C3'" . DC B 2 1  ? -6.878  2.746   -9.011  1.00 80.00 ? 119 DC B "C3'" 1 
ATOM 438 O "O3'" . DC B 2 1  ? -6.997  4.050   -9.566  1.00 80.00 ? 119 DC B "O3'" 1 
ATOM 439 C "C2'" . DC B 2 1  ? -7.626  2.619   -7.685  1.00 80.00 ? 119 DC B "C2'" 1 
ATOM 440 C "C1'" . DC B 2 1  ? -9.023  2.258   -8.165  1.00 80.00 ? 119 DC B "C1'" 1 
ATOM 441 N N1    . DC B 2 1  ? -9.891  1.553   -7.176  1.00 80.00 ? 119 DC B N1    1 
ATOM 442 C C2    . DC B 2 1  ? -9.975  1.960   -5.835  1.00 80.00 ? 119 DC B C2    1 
ATOM 443 O O2    . DC B 2 1  ? -9.315  2.923   -5.428  1.00 80.00 ? 119 DC B O2    1 
ATOM 444 N N3    . DC B 2 1  ? -10.789 1.276   -4.995  1.00 80.00 ? 119 DC B N3    1 
ATOM 445 C C4    . DC B 2 1  ? -11.496 0.240   -5.447  1.00 80.00 ? 119 DC B C4    1 
ATOM 446 N N4    . DC B 2 1  ? -12.286 -0.404  -4.581  1.00 80.00 ? 119 DC B N4    1 
ATOM 447 C C5    . DC B 2 1  ? -11.429 -0.187  -6.803  1.00 80.00 ? 119 DC B C5    1 
ATOM 448 C C6    . DC B 2 1  ? -10.622 0.492   -7.618  1.00 80.00 ? 119 DC B C6    1 
ATOM 449 P P     . DC B 2 2  ? -5.928  5.182   -9.206  1.00 80.00 ? 120 DC B P     1 
ATOM 450 O OP1   . DC B 2 2  ? -6.285  5.735   -7.880  1.00 80.00 ? 120 DC B OP1   1 
ATOM 451 O OP2   . DC B 2 2  ? -5.808  6.086   -10.375 1.00 80.00 ? 120 DC B OP2   1 
ATOM 452 O "O5'" . DC B 2 2  ? -4.577  4.342   -9.054  1.00 80.00 ? 120 DC B "O5'" 1 
ATOM 453 C "C5'" . DC B 2 2  ? -3.424  4.920   -8.454  1.00 80.00 ? 120 DC B "C5'" 1 
ATOM 454 C "C4'" . DC B 2 2  ? -3.545  4.916   -6.941  1.00 80.00 ? 120 DC B "C4'" 1 
ATOM 455 O "O4'" . DC B 2 2  ? -4.640  4.050   -6.540  1.00 80.00 ? 120 DC B "O4'" 1 
ATOM 456 C "C3'" . DC B 2 2  ? -2.302  4.411   -6.214  1.00 80.00 ? 120 DC B "C3'" 1 
ATOM 457 O "O3'" . DC B 2 2  ? -1.983  5.276   -5.126  1.00 80.00 ? 120 DC B "O3'" 1 
ATOM 458 C "C2'" . DC B 2 2  ? -2.720  3.016   -5.764  1.00 80.00 ? 120 DC B "C2'" 1 
ATOM 459 C "C1'" . DC B 2 2  ? -4.195  3.238   -5.475  1.00 80.00 ? 120 DC B "C1'" 1 
ATOM 460 N N1    . DC B 2 2  ? -5.013  1.987   -5.416  1.00 80.00 ? 120 DC B N1    1 
ATOM 461 C C2    . DC B 2 2  ? -5.703  1.698   -4.238  1.00 80.00 ? 120 DC B C2    1 
ATOM 462 O O2    . DC B 2 2  ? -5.609  2.490   -3.295  1.00 80.00 ? 120 DC B O2    1 
ATOM 463 N N3    . DC B 2 2  ? -6.451  0.570   -4.161  1.00 80.00 ? 120 DC B N3    1 
ATOM 464 C C4    . DC B 2 2  ? -6.523  -0.256  -5.204  1.00 80.00 ? 120 DC B C4    1 
ATOM 465 N N4    . DC B 2 2  ? -7.277  -1.354  -5.071  1.00 80.00 ? 120 DC B N4    1 
ATOM 466 C C5    . DC B 2 2  ? -5.823  0.018   -6.418  1.00 80.00 ? 120 DC B C5    1 
ATOM 467 C C6    . DC B 2 2  ? -5.086  1.136   -6.480  1.00 80.00 ? 120 DC B C6    1 
ATOM 468 P P     . DG B 2 3  ? -1.393  6.722   -5.468  1.00 80.00 ? 121 DG B P     1 
ATOM 469 O OP1   . DG B 2 3  ? -2.464  7.705   -5.216  1.00 80.00 ? 121 DG B OP1   1 
ATOM 470 O OP2   . DG B 2 3  ? -0.766  6.647   -6.805  1.00 80.00 ? 121 DG B OP2   1 
ATOM 471 O "O5'" . DG B 2 3  ? -0.248  6.965   -4.379  1.00 80.00 ? 121 DG B "O5'" 1 
ATOM 472 C "C5'" . DG B 2 3  ? -0.497  7.831   -3.277  1.00 80.00 ? 121 DG B "C5'" 1 
ATOM 473 C "C4'" . DG B 2 3  ? -0.711  7.047   -1.998  1.00 80.00 ? 121 DG B "C4'" 1 
ATOM 474 O "O4'" . DG B 2 3  ? -1.527  5.898   -2.311  1.00 80.00 ? 121 DG B "O4'" 1 
ATOM 475 C "C3'" . DG B 2 3  ? 0.574   6.510   -1.378  1.00 80.00 ? 121 DG B "C3'" 1 
ATOM 476 O "O3'" . DG B 2 3  ? 1.057   7.387   -0.332  1.00 80.00 ? 121 DG B "O3'" 1 
ATOM 477 C "C2'" . DG B 2 3  ? 0.227   5.102   -0.894  1.00 80.00 ? 121 DG B "C2'" 1 
ATOM 478 C "C1'" . DG B 2 3  ? -1.126  4.794   -1.528  1.00 80.00 ? 121 DG B "C1'" 1 
ATOM 479 N N9    . DG B 2 3  ? -1.117  3.617   -2.389  1.00 80.00 ? 121 DG B N9    1 
ATOM 480 C C8    . DG B 2 3  ? -0.380  3.396   -3.526  1.00 80.00 ? 121 DG B C8    1 
ATOM 481 N N7    . DG B 2 3  ? -0.604  2.229   -4.068  1.00 80.00 ? 121 DG B N7    1 
ATOM 482 C C5    . DG B 2 3  ? -1.552  1.642   -3.239  1.00 80.00 ? 121 DG B C5    1 
ATOM 483 C C6    . DG B 2 3  ? -2.191  0.378   -3.309  1.00 80.00 ? 121 DG B C6    1 
ATOM 484 O O6    . DG B 2 3  ? -2.049  -0.522  -4.150  1.00 80.00 ? 121 DG B O6    1 
ATOM 485 N N1    . DG B 2 3  ? -3.085  0.198   -2.257  1.00 80.00 ? 121 DG B N1    1 
ATOM 486 C C2    . DG B 2 3  ? -3.330  1.119   -1.266  1.00 80.00 ? 121 DG B C2    1 
ATOM 487 N N2    . DG B 2 3  ? -4.223  0.777   -0.327  1.00 80.00 ? 121 DG B N2    1 
ATOM 488 N N3    . DG B 2 3  ? -2.742  2.302   -1.188  1.00 80.00 ? 121 DG B N3    1 
ATOM 489 C C4    . DG B 2 3  ? -1.873  2.490   -2.205  1.00 80.00 ? 121 DG B C4    1 
ATOM 490 P P     . DT B 2 4  ? 0.622   7.325   1.215   1.00 80.00 ? 122 DT B P     1 
ATOM 491 O OP1   . DT B 2 4  ? 0.250   8.697   1.627   1.00 80.00 ? 122 DT B OP1   1 
ATOM 492 O OP2   . DT B 2 4  ? 1.692   6.619   1.951   1.00 80.00 ? 122 DT B OP2   1 
ATOM 493 O "O5'" . DT B 2 4  ? -0.700  6.426   1.240   1.00 80.00 ? 122 DT B "O5'" 1 
ATOM 494 C "C5'" . DT B 2 4  ? -1.286  6.033   2.476   1.00 80.00 ? 122 DT B "C5'" 1 
ATOM 495 C "C4'" . DT B 2 4  ? -0.937  4.600   2.853   1.00 80.00 ? 122 DT B "C4'" 1 
ATOM 496 O "O4'" . DT B 2 4  ? -0.805  3.772   1.672   1.00 80.00 ? 122 DT B "O4'" 1 
ATOM 497 C "C3'" . DT B 2 4  ? 0.364   4.405   3.632   1.00 80.00 ? 122 DT B "C3'" 1 
ATOM 498 O "O3'" . DT B 2 4  ? 0.046   4.090   4.988   1.00 80.00 ? 122 DT B "O3'" 1 
ATOM 499 C "C2'" . DT B 2 4  ? 1.072   3.245   2.924   1.00 80.00 ? 122 DT B "C2'" 1 
ATOM 500 C "C1'" . DT B 2 4  ? -0.034  2.655   2.059   1.00 80.00 ? 122 DT B "C1'" 1 
ATOM 501 N N1    . DT B 2 4  ? 0.443   1.950   0.837   1.00 80.00 ? 122 DT B N1    1 
ATOM 502 C C2    . DT B 2 4  ? -0.296  0.897   0.345   1.00 80.00 ? 122 DT B C2    1 
ATOM 503 O O2    . DT B 2 4  ? -1.329  0.502   0.855   1.00 80.00 ? 122 DT B O2    1 
ATOM 504 N N3    . DT B 2 4  ? 0.217   0.311   -0.783  1.00 80.00 ? 122 DT B N3    1 
ATOM 505 C C4    . DT B 2 4  ? 1.372   0.665   -1.452  1.00 80.00 ? 122 DT B C4    1 
ATOM 506 O O4    . DT B 2 4  ? 1.745   0.069   -2.461  1.00 80.00 ? 122 DT B O4    1 
ATOM 507 C C5    . DT B 2 4  ? 2.098   1.774   -0.883  1.00 80.00 ? 122 DT B C5    1 
ATOM 508 C C7    . DT B 2 4  ? 3.370   2.248   -1.522  1.00 80.00 ? 122 DT B C7    1 
ATOM 509 C C6    . DT B 2 4  ? 1.607   2.356   0.219   1.00 80.00 ? 122 DT B C6    1 
ATOM 510 P P     . DA B 2 5  ? 1.176   3.673   6.046   1.00 80.00 ? 123 DA B P     1 
ATOM 511 O OP1   . DA B 2 5  ? 0.716   4.087   7.393   1.00 80.00 ? 123 DA B OP1   1 
ATOM 512 O OP2   . DA B 2 5  ? 2.479   4.162   5.539   1.00 80.00 ? 123 DA B OP2   1 
ATOM 513 O "O5'" . DA B 2 5  ? 1.155   2.072   5.989   1.00 80.00 ? 123 DA B "O5'" 1 
ATOM 514 C "C5'" . DA B 2 5  ? -0.064  1.354   6.173   1.00 80.00 ? 123 DA B "C5'" 1 
ATOM 515 C "C4'" . DA B 2 5  ? 0.136   -0.122  5.891   1.00 80.00 ? 123 DA B "C4'" 1 
ATOM 516 O "O4'" . DA B 2 5  ? 0.357   -0.327  4.469   1.00 80.00 ? 123 DA B "O4'" 1 
ATOM 517 C "C3'" . DA B 2 5  ? 1.362   -0.723  6.566   1.00 80.00 ? 123 DA B "C3'" 1 
ATOM 518 O "O3'" . DA B 2 5  ? 1.209   -2.124  6.683   1.00 80.00 ? 123 DA B "O3'" 1 
ATOM 519 C "C2'" . DA B 2 5  ? 2.406   -0.434  5.509   1.00 80.00 ? 123 DA B "C2'" 1 
ATOM 520 C "C1'" . DA B 2 5  ? 1.597   -0.988  4.349   1.00 80.00 ? 123 DA B "C1'" 1 
ATOM 521 N N9    . DA B 2 5  ? 2.214   -0.743  3.058   1.00 80.00 ? 123 DA B N9    1 
ATOM 522 C C8    . DA B 2 5  ? 2.888   0.377   2.664   1.00 80.00 ? 123 DA B C8    1 
ATOM 523 N N7    . DA B 2 5  ? 3.348   0.304   1.439   1.00 80.00 ? 123 DA B N7    1 
ATOM 524 C C5    . DA B 2 5  ? 2.946   -0.950  1.007   1.00 80.00 ? 123 DA B C5    1 
ATOM 525 C C6    . DA B 2 5  ? 3.118   -1.636  -0.210  1.00 80.00 ? 123 DA B C6    1 
ATOM 526 N N6    . DA B 2 5  ? 3.771   -1.120  -1.254  1.00 80.00 ? 123 DA B N6    1 
ATOM 527 N N1    . DA B 2 5  ? 2.594   -2.876  -0.317  1.00 80.00 ? 123 DA B N1    1 
ATOM 528 C C2    . DA B 2 5  ? 1.941   -3.392  0.729   1.00 80.00 ? 123 DA B C2    1 
ATOM 529 N N3    . DA B 2 5  ? 1.715   -2.841  1.924   1.00 80.00 ? 123 DA B N3    1 
ATOM 530 C C4    . DA B 2 5  ? 2.248   -1.610  1.996   1.00 80.00 ? 123 DA B C4    1 
ATOM 531 P P     . DC B 2 6  ? 0.296   -2.726  7.845   1.00 80.00 ? 124 DC B P     1 
ATOM 532 O OP1   . DC B 2 6  ? -0.882  -3.347  7.202   1.00 80.00 ? 124 DC B OP1   1 
ATOM 533 O OP2   . DC B 2 6  ? 0.118   -1.673  8.870   1.00 80.00 ? 124 DC B OP2   1 
ATOM 534 O "O5'" . DC B 2 6  ? 1.187   -3.904  8.458   1.00 80.00 ? 124 DC B "O5'" 1 
ATOM 535 C "C5'" . DC B 2 6  ? 0.764   -5.248  8.287   1.00 80.00 ? 124 DC B "C5'" 1 
ATOM 536 C "C4'" . DC B 2 6  ? 1.193   -5.827  6.951   1.00 80.00 ? 124 DC B "C4'" 1 
ATOM 537 O "O4'" . DC B 2 6  ? 1.712   -4.799  6.072   1.00 80.00 ? 124 DC B "O4'" 1 
ATOM 538 C "C3'" . DC B 2 6  ? 2.289   -6.887  7.036   1.00 80.00 ? 124 DC B "C3'" 1 
ATOM 539 O "O3'" . DC B 2 6  ? 1.775   -8.109  6.536   1.00 80.00 ? 124 DC B "O3'" 1 
ATOM 540 C "C2'" . DC B 2 6  ? 3.412   -6.355  6.150   1.00 80.00 ? 124 DC B "C2'" 1 
ATOM 541 C "C1'" . DC B 2 6  ? 2.624   -5.450  5.218   1.00 80.00 ? 124 DC B "C1'" 1 
ATOM 542 N N1    . DC B 2 6  ? 3.443   -4.450  4.490   1.00 80.00 ? 124 DC B N1    1 
ATOM 543 C C2    . DC B 2 6  ? 3.830   -4.725  3.179   1.00 80.00 ? 124 DC B C2    1 
ATOM 544 O O2    . DC B 2 6  ? 3.481   -5.796  2.674   1.00 80.00 ? 124 DC B O2    1 
ATOM 545 N N3    . DC B 2 6  ? 4.577   -3.818  2.506   1.00 80.00 ? 124 DC B N3    1 
ATOM 546 C C4    . DC B 2 6  ? 4.931   -2.677  3.096   1.00 80.00 ? 124 DC B C4    1 
ATOM 547 N N4    . DC B 2 6  ? 5.666   -1.807  2.396   1.00 80.00 ? 124 DC B N4    1 
ATOM 548 C C5    . DC B 2 6  ? 4.545   -2.382  4.434   1.00 80.00 ? 124 DC B C5    1 
ATOM 549 C C6    . DC B 2 6  ? 3.808   -3.285  5.089   1.00 80.00 ? 124 DC B C6    1 
ATOM 550 P P     . DA B 2 7  ? 2.484   -9.487  6.919   1.00 80.00 ? 125 DA B P     1 
ATOM 551 O OP1   . DA B 2 7  ? 1.489   -10.339 7.602   1.00 80.00 ? 125 DA B OP1   1 
ATOM 552 O OP2   . DA B 2 7  ? 3.768   -9.167  7.577   1.00 80.00 ? 125 DA B OP2   1 
ATOM 553 O "O5'" . DA B 2 7  ? 2.790   -10.140 5.496   1.00 80.00 ? 125 DA B "O5'" 1 
ATOM 554 C "C5'" . DA B 2 7  ? 3.742   -9.533  4.644   1.00 80.00 ? 125 DA B "C5'" 1 
ATOM 555 C "C4'" . DA B 2 7  ? 4.937   -10.451 4.516   1.00 80.00 ? 125 DA B "C4'" 1 
ATOM 556 O "O4'" . DA B 2 7  ? 5.961   -9.801  3.732   1.00 80.00 ? 125 DA B "O4'" 1 
ATOM 557 C "C3'" . DA B 2 7  ? 5.630   -10.748 5.831   1.00 80.00 ? 125 DA B "C3'" 1 
ATOM 558 O "O3'" . DA B 2 7  ? 6.470   -11.888 5.681   1.00 80.00 ? 125 DA B "O3'" 1 
ATOM 559 C "C2'" . DA B 2 7  ? 6.423   -9.462  6.030   1.00 80.00 ? 125 DA B "C2'" 1 
ATOM 560 C "C1'" . DA B 2 7  ? 6.873   -9.165  4.603   1.00 80.00 ? 125 DA B "C1'" 1 
ATOM 561 N N9    . DA B 2 7  ? 6.896   -7.754  4.241   1.00 80.00 ? 125 DA B N9    1 
ATOM 562 C C8    . DA B 2 7  ? 6.210   -6.708  4.788   1.00 80.00 ? 125 DA B C8    1 
ATOM 563 N N7    . DA B 2 7  ? 6.467   -5.557  4.208   1.00 80.00 ? 125 DA B N7    1 
ATOM 564 C C5    . DA B 2 7  ? 7.377   -5.872  3.211   1.00 80.00 ? 125 DA B C5    1 
ATOM 565 C C6    . DA B 2 7  ? 8.051   -5.112  2.231   1.00 80.00 ? 125 DA B C6    1 
ATOM 566 N N6    . DA B 2 7  ? 7.922   -3.791  2.064   1.00 80.00 ? 125 DA B N6    1 
ATOM 567 N N1    . DA B 2 7  ? 8.886   -5.773  1.407   1.00 80.00 ? 125 DA B N1    1 
ATOM 568 C C2    . DA B 2 7  ? 9.035   -7.094  1.549   1.00 80.00 ? 125 DA B C2    1 
ATOM 569 N N3    . DA B 2 7  ? 8.463   -7.909  2.422   1.00 80.00 ? 125 DA B N3    1 
ATOM 570 C C4    . DA B 2 7  ? 7.643   -7.226  3.226   1.00 80.00 ? 125 DA B C4    1 
ATOM 571 P P     . DG C 3 1  ? 10.064  -11.595 9.126   1.00 80.00 ? 209 DG C P     1 
ATOM 572 O OP1   . DG C 3 1  ? 10.328  -10.265 9.717   1.00 80.00 ? 209 DG C OP1   1 
ATOM 573 O OP2   . DG C 3 1  ? 10.885  -12.758 9.519   1.00 80.00 ? 209 DG C OP2   1 
ATOM 574 O "O5'" . DG C 3 1  ? 10.113  -11.472 7.532   1.00 80.00 ? 209 DG C "O5'" 1 
ATOM 575 C "C5'" . DG C 3 1  ? 11.334  -11.159 6.862   1.00 80.00 ? 209 DG C "C5'" 1 
ATOM 576 C "C4'" . DG C 3 1  ? 11.086  -10.871 5.389   1.00 80.00 ? 209 DG C "C4'" 1 
ATOM 577 O "O4'" . DG C 3 1  ? 10.474  -9.568  5.239   1.00 80.00 ? 209 DG C "O4'" 1 
ATOM 578 C "C3'" . DG C 3 1  ? 12.330  -10.821 4.513   1.00 80.00 ? 209 DG C "C3'" 1 
ATOM 579 O "O3'" . DG C 3 1  ? 12.607  -12.136 4.037   1.00 80.00 ? 209 DG C "O3'" 1 
ATOM 580 C "C2'" . DG C 3 1  ? 11.917  -9.884  3.376   1.00 80.00 ? 209 DG C "C2'" 1 
ATOM 581 C "C1'" . DG C 3 1  ? 10.801  -9.025  3.972   1.00 80.00 ? 209 DG C "C1'" 1 
ATOM 582 N N9    . DG C 3 1  ? 11.097  -7.597  4.144   1.00 80.00 ? 209 DG C N9    1 
ATOM 583 C C8    . DG C 3 1  ? 10.875  -6.856  5.282   1.00 80.00 ? 209 DG C C8    1 
ATOM 584 N N7    . DG C 3 1  ? 11.218  -5.604  5.174   1.00 80.00 ? 209 DG C N7    1 
ATOM 585 C C5    . DG C 3 1  ? 11.698  -5.495  3.876   1.00 80.00 ? 209 DG C C5    1 
ATOM 586 C C6    . DG C 3 1  ? 12.212  -4.365  3.195   1.00 80.00 ? 209 DG C C6    1 
ATOM 587 O O6    . DG C 3 1  ? 12.351  -3.205  3.609   1.00 80.00 ? 209 DG C O6    1 
ATOM 588 N N1    . DG C 3 1  ? 12.592  -4.680  1.893   1.00 80.00 ? 209 DG C N1    1 
ATOM 589 C C2    . DG C 3 1  ? 12.486  -5.927  1.327   1.00 80.00 ? 209 DG C C2    1 
ATOM 590 N N2    . DG C 3 1  ? 12.909  -6.029  0.057   1.00 80.00 ? 209 DG C N2    1 
ATOM 591 N N3    . DG C 3 1  ? 12.006  -6.998  1.955   1.00 80.00 ? 209 DG C N3    1 
ATOM 592 C C4    . DG C 3 1  ? 11.631  -6.711  3.227   1.00 80.00 ? 209 DG C C4    1 
ATOM 593 P P     . DG C 3 2  ? 14.097  -12.633 3.723   1.00 80.00 ? 210 DG C P     1 
ATOM 594 O OP1   . DG C 3 2  ? 14.323  -13.890 4.471   1.00 80.00 ? 210 DG C OP1   1 
ATOM 595 O OP2   . DG C 3 2  ? 15.021  -11.497 3.917   1.00 80.00 ? 210 DG C OP2   1 
ATOM 596 O "O5'" . DG C 3 2  ? 14.025  -12.994 2.167   1.00 80.00 ? 210 DG C "O5'" 1 
ATOM 597 C "C5'" . DG C 3 2  ? 15.187  -13.450 1.487   1.00 80.00 ? 210 DG C "C5'" 1 
ATOM 598 C "C4'" . DG C 3 2  ? 15.793  -12.334 0.657   1.00 80.00 ? 210 DG C "C4'" 1 
ATOM 599 O "O4'" . DG C 3 2  ? 15.120  -11.078 0.949   1.00 80.00 ? 210 DG C "O4'" 1 
ATOM 600 C "C3'" . DG C 3 2  ? 17.283  -12.117 0.920   1.00 80.00 ? 210 DG C "C3'" 1 
ATOM 601 O "O3'" . DG C 3 2  ? 18.036  -11.956 -0.300  1.00 80.00 ? 210 DG C "O3'" 1 
ATOM 602 C "C2'" . DG C 3 2  ? 17.259  -10.865 1.790   1.00 80.00 ? 210 DG C "C2'" 1 
ATOM 603 C "C1'" . DG C 3 2  ? 16.115  -10.097 1.141   1.00 80.00 ? 210 DG C "C1'" 1 
ATOM 604 N N9    . DG C 3 2  ? 15.631  -9.000  1.968   1.00 80.00 ? 210 DG C N9    1 
ATOM 605 C C8    . DG C 3 2  ? 14.707  -9.070  2.975   1.00 80.00 ? 210 DG C C8    1 
ATOM 606 N N7    . DG C 3 2  ? 14.471  -7.927  3.553   1.00 80.00 ? 210 DG C N7    1 
ATOM 607 C C5    . DG C 3 2  ? 15.302  -7.037  2.888   1.00 80.00 ? 210 DG C C5    1 
ATOM 608 C C6    . DG C 3 2  ? 15.480  -5.647  3.082   1.00 80.00 ? 210 DG C C6    1 
ATOM 609 O O6    . DG C 3 2  ? 14.917  -4.911  3.909   1.00 80.00 ? 210 DG C O6    1 
ATOM 610 N N1    . DG C 3 2  ? 16.418  -5.123  2.194   1.00 80.00 ? 210 DG C N1    1 
ATOM 611 C C2    . DG C 3 2  ? 17.096  -5.850  1.243   1.00 80.00 ? 210 DG C C2    1 
ATOM 612 N N2    . DG C 3 2  ? 17.961  -5.167  0.476   1.00 80.00 ? 210 DG C N2    1 
ATOM 613 N N3    . DG C 3 2  ? 16.937  -7.155  1.053   1.00 80.00 ? 210 DG C N3    1 
ATOM 614 C C4    . DG C 3 2  ? 16.026  -7.681  1.910   1.00 80.00 ? 210 DG C C4    1 
ATOM 615 P P     . DC C 3 3  ? 18.502  -10.515 -0.836  1.00 80.00 ? 211 DC C P     1 
ATOM 616 O OP1   . DC C 3 3  ? 19.086  -9.768  0.295   1.00 80.00 ? 211 DC C OP1   1 
ATOM 617 O OP2   . DC C 3 3  ? 17.376  -9.946  -1.609  1.00 80.00 ? 211 DC C OP2   1 
ATOM 618 O "O5'" . DC C 3 3  ? 19.722  -10.809 -1.827  1.00 80.00 ? 211 DC C "O5'" 1 
ATOM 619 C "C5'" . DC C 3 3  ? 20.106  -9.821  -2.788  1.00 80.00 ? 211 DC C "C5'" 1 
ATOM 620 C "C4'" . DC C 3 3  ? 20.858  -8.619  -2.216  1.00 80.00 ? 211 DC C "C4'" 1 
ATOM 621 O "O4'" . DC C 3 3  ? 20.133  -7.969  -1.136  1.00 80.00 ? 211 DC C "O4'" 1 
ATOM 622 C "C3'" . DC C 3 3  ? 22.266  -8.894  -1.676  1.00 80.00 ? 211 DC C "C3'" 1 
ATOM 623 O "O3'" . DC C 3 3  ? 23.231  -8.180  -2.471  1.00 80.00 ? 211 DC C "O3'" 1 
ATOM 624 C "C2'" . DC C 3 3  ? 22.198  -8.419  -0.223  1.00 80.00 ? 211 DC C "C2'" 1 
ATOM 625 C "C1'" . DC C 3 3  ? 21.114  -7.357  -0.330  1.00 80.00 ? 211 DC C "C1'" 1 
ATOM 626 N N1    . DC C 3 3  ? 20.543  -6.911  0.972   1.00 80.00 ? 211 DC C N1    1 
ATOM 627 C C2    . DC C 3 3  ? 20.591  -5.553  1.291   1.00 80.00 ? 211 DC C C2    1 
ATOM 628 O O2    . DC C 3 3  ? 21.098  -4.765  0.482   1.00 80.00 ? 211 DC C O2    1 
ATOM 629 N N3    . DC C 3 3  ? 20.073  -5.138  2.471   1.00 80.00 ? 211 DC C N3    1 
ATOM 630 C C4    . DC C 3 3  ? 19.535  -6.021  3.313   1.00 80.00 ? 211 DC C C4    1 
ATOM 631 N N4    . DC C 3 3  ? 19.039  -5.560  4.466   1.00 80.00 ? 211 DC C N4    1 
ATOM 632 C C5    . DC C 3 3  ? 19.480  -7.412  3.008   1.00 80.00 ? 211 DC C C5    1 
ATOM 633 C C6    . DC C 3 3  ? 19.994  -7.808  1.841   1.00 80.00 ? 211 DC C C6    1 
ATOM 634 P P     . DT C 3 4  ? 24.178  -7.019  -1.894  1.00 80.00 ? 212 DT C P     1 
ATOM 635 O OP1   . DT C 3 4  ? 23.318  -5.880  -1.500  1.00 80.00 ? 212 DT C OP1   1 
ATOM 636 O OP2   . DT C 3 4  ? 25.260  -6.789  -2.877  1.00 80.00 ? 212 DT C OP2   1 
ATOM 637 O "O5'" . DT C 3 4  ? 24.810  -7.699  -0.587  1.00 80.00 ? 212 DT C "O5'" 1 
ATOM 638 C "C5'" . DT C 3 4  ? 25.953  -7.150  0.056   1.00 80.00 ? 212 DT C "C5'" 1 
ATOM 639 C "C4'" . DT C 3 4  ? 25.744  -5.678  0.346   1.00 80.00 ? 212 DT C "C4'" 1 
ATOM 640 O "O4'" . DT C 3 4  ? 24.368  -5.457  0.740   1.00 80.00 ? 212 DT C "O4'" 1 
ATOM 641 C "C3'" . DT C 3 4  ? 26.533  -5.126  1.523   1.00 80.00 ? 212 DT C "C3'" 1 
ATOM 642 O "O3'" . DT C 3 4  ? 27.901  -4.865  1.194   1.00 80.00 ? 212 DT C "O3'" 1 
ATOM 643 C "C2'" . DT C 3 4  ? 25.737  -3.863  1.827   1.00 80.00 ? 212 DT C "C2'" 1 
ATOM 644 C "C1'" . DT C 3 4  ? 24.311  -4.378  1.657   1.00 80.00 ? 212 DT C "C1'" 1 
ATOM 645 N N1    . DT C 3 4  ? 23.725  -4.857  2.937   1.00 80.00 ? 212 DT C N1    1 
ATOM 646 C C2    . DT C 3 4  ? 23.231  -3.926  3.823   1.00 80.00 ? 212 DT C C2    1 
ATOM 647 O O2    . DT C 3 4  ? 23.246  -2.726  3.604   1.00 80.00 ? 212 DT C O2    1 
ATOM 648 N N3    . DT C 3 4  ? 22.714  -4.459  4.977   1.00 80.00 ? 212 DT C N3    1 
ATOM 649 C C4    . DT C 3 4  ? 22.645  -5.795  5.328   1.00 80.00 ? 212 DT C C4    1 
ATOM 650 O O4    . DT C 3 4  ? 22.158  -6.168  6.394   1.00 80.00 ? 212 DT C O4    1 
ATOM 651 C C5    . DT C 3 4  ? 23.184  -6.715  4.353   1.00 80.00 ? 212 DT C C5    1 
ATOM 652 C C7    . DT C 3 4  ? 23.169  -8.191  4.617   1.00 80.00 ? 212 DT C C7    1 
ATOM 653 C C6    . DT C 3 4  ? 23.693  -6.209  3.220   1.00 80.00 ? 212 DT C C6    1 
ATOM 654 P P     . DG C 3 5  ? 28.359  -3.982  -0.064  1.00 80.00 ? 213 DG C P     1 
ATOM 655 O OP1   . DG C 3 5  ? 27.279  -3.033  -0.414  1.00 80.00 ? 213 DG C OP1   1 
ATOM 656 O OP2   . DG C 3 5  ? 28.883  -4.903  -1.096  1.00 80.00 ? 213 DG C OP2   1 
ATOM 657 O "O5'" . DG C 3 5  ? 29.575  -3.135  0.547   1.00 80.00 ? 213 DG C "O5'" 1 
ATOM 658 C "C5'" . DG C 3 5  ? 29.369  -1.793  0.976   1.00 80.00 ? 213 DG C "C5'" 1 
ATOM 659 C "C4'" . DG C 3 5  ? 29.020  -1.668  2.453   1.00 80.00 ? 213 DG C "C4'" 1 
ATOM 660 O "O4'" . DG C 3 5  ? 28.154  -2.738  2.907   1.00 80.00 ? 213 DG C "O4'" 1 
ATOM 661 C "C3'" . DG C 3 5  ? 30.200  -1.678  3.428   1.00 80.00 ? 213 DG C "C3'" 1 
ATOM 662 O "O3'" . DG C 3 5  ? 30.312  -0.381  4.008   1.00 80.00 ? 213 DG C "O3'" 1 
ATOM 663 C "C2'" . DG C 3 5  ? 29.818  -2.732  4.470   1.00 80.00 ? 213 DG C "C2'" 1 
ATOM 664 C "C1'" . DG C 3 5  ? 28.305  -2.734  4.308   1.00 80.00 ? 213 DG C "C1'" 1 
ATOM 665 N N9    . DG C 3 5  ? 27.597  -3.855  4.928   1.00 80.00 ? 213 DG C N9    1 
ATOM 666 C C8    . DG C 3 5  ? 27.528  -5.164  4.513   1.00 80.00 ? 213 DG C C8    1 
ATOM 667 N N7    . DG C 3 5  ? 26.805  -5.921  5.294   1.00 80.00 ? 213 DG C N7    1 
ATOM 668 C C5    . DG C 3 5  ? 26.365  -5.060  6.295   1.00 80.00 ? 213 DG C C5    1 
ATOM 669 C C6    . DG C 3 5  ? 25.545  -5.303  7.429   1.00 80.00 ? 213 DG C C6    1 
ATOM 670 O O6    . DG C 3 5  ? 25.019  -6.365  7.794   1.00 80.00 ? 213 DG C O6    1 
ATOM 671 N N1    . DG C 3 5  ? 25.351  -4.143  8.180   1.00 80.00 ? 213 DG C N1    1 
ATOM 672 C C2    . DG C 3 5  ? 25.878  -2.907  7.878   1.00 80.00 ? 213 DG C C2    1 
ATOM 673 N N2    . DG C 3 5  ? 25.581  -1.904  8.721   1.00 80.00 ? 213 DG C N2    1 
ATOM 674 N N3    . DG C 3 5  ? 26.645  -2.671  6.821   1.00 80.00 ? 213 DG C N3    1 
ATOM 675 C C4    . DG C 3 5  ? 26.845  -3.787  6.078   1.00 80.00 ? 213 DG C C4    1 
ATOM 676 P P     . DC C 3 6  ? 31.558  0.023   4.930   1.00 80.00 ? 214 DC C P     1 
ATOM 677 O OP1   . DC C 3 6  ? 32.263  1.146   4.271   1.00 80.00 ? 214 DC C OP1   1 
ATOM 678 O OP2   . DC C 3 6  ? 32.293  -1.217  5.267   1.00 80.00 ? 214 DC C OP2   1 
ATOM 679 O "O5'" . DC C 3 6  ? 30.863  0.601   6.252   1.00 80.00 ? 214 DC C "O5'" 1 
ATOM 680 C "C5'" . DC C 3 6  ? 29.994  -0.224  7.019   1.00 80.00 ? 214 DC C "C5'" 1 
ATOM 681 C "C4'" . DC C 3 6  ? 30.154  0.050   8.502   1.00 80.00 ? 214 DC C "C4'" 1 
ATOM 682 O "O4'" . DC C 3 6  ? 29.439  -0.972  9.239   1.00 80.00 ? 214 DC C "O4'" 1 
ATOM 683 C "C3'" . DC C 3 6  ? 31.575  -0.057  9.029   1.00 80.00 ? 214 DC C "C3'" 1 
ATOM 684 O "O3'" . DC C 3 6  ? 31.672  0.580   10.296  1.00 80.00 ? 214 DC C "O3'" 1 
ATOM 685 C "C2'" . DC C 3 6  ? 31.729  -1.568  9.162   1.00 80.00 ? 214 DC C "C2'" 1 
ATOM 686 C "C1'" . DC C 3 6  ? 30.346  -1.972  9.667   1.00 80.00 ? 214 DC C "C1'" 1 
ATOM 687 N N1    . DC C 3 6  ? 29.865  -3.290  9.157   1.00 80.00 ? 214 DC C N1    1 
ATOM 688 C C2    . DC C 3 6  ? 29.229  -4.163  10.044  1.00 80.00 ? 214 DC C C2    1 
ATOM 689 O O2    . DC C 3 6  ? 29.087  -3.816  11.222  1.00 80.00 ? 214 DC C O2    1 
ATOM 690 N N3    . DC C 3 6  ? 28.786  -5.362  9.591   1.00 80.00 ? 214 DC C N3    1 
ATOM 691 C C4    . DC C 3 6  ? 28.958  -5.699  8.312   1.00 80.00 ? 214 DC C C4    1 
ATOM 692 N N4    . DC C 3 6  ? 28.501  -6.895  7.916   1.00 80.00 ? 214 DC C N4    1 
ATOM 693 C C5    . DC C 3 6  ? 29.605  -4.821  7.390   1.00 80.00 ? 214 DC C C5    1 
ATOM 694 C C6    . DC C 3 6  ? 30.037  -3.638  7.849   1.00 80.00 ? 214 DC C C6    1 
ATOM 695 O "O5'" . DT D 4 1  ? -26.178 21.894  -5.204  1.00 80.00 ? 101 DT D "O5'" 1 
ATOM 696 C "C5'" . DT D 4 1  ? -27.311 21.551  -5.988  1.00 80.00 ? 101 DT D "C5'" 1 
ATOM 697 C "C4'" . DT D 4 1  ? -28.507 21.256  -5.103  1.00 80.00 ? 101 DT D "C4'" 1 
ATOM 698 O "O4'" . DT D 4 1  ? -29.720 21.339  -5.897  1.00 80.00 ? 101 DT D "O4'" 1 
ATOM 699 C "C3'" . DT D 4 1  ? -28.555 19.852  -4.511  1.00 80.00 ? 101 DT D "C3'" 1 
ATOM 700 O "O3'" . DT D 4 1  ? -27.747 19.714  -3.339  1.00 80.00 ? 101 DT D "O3'" 1 
ATOM 701 C "C2'" . DT D 4 1  ? -30.046 19.731  -4.237  1.00 80.00 ? 101 DT D "C2'" 1 
ATOM 702 C "C1'" . DT D 4 1  ? -30.549 20.235  -5.579  1.00 80.00 ? 101 DT D "C1'" 1 
ATOM 703 N N1    . DT D 4 1  ? -30.417 19.198  -6.644  1.00 80.00 ? 101 DT D N1    1 
ATOM 704 C C2    . DT D 4 1  ? -30.847 17.909  -6.391  1.00 80.00 ? 101 DT D C2    1 
ATOM 705 O O2    . DT D 4 1  ? -31.343 17.548  -5.337  1.00 80.00 ? 101 DT D O2    1 
ATOM 706 N N3    . DT D 4 1  ? -30.678 17.034  -7.435  1.00 80.00 ? 101 DT D N3    1 
ATOM 707 C C4    . DT D 4 1  ? -30.134 17.309  -8.676  1.00 80.00 ? 101 DT D C4    1 
ATOM 708 O O4    . DT D 4 1  ? -30.027 16.451  -9.547  1.00 80.00 ? 101 DT D O4    1 
ATOM 709 C C5    . DT D 4 1  ? -29.704 18.671  -8.872  1.00 80.00 ? 101 DT D C5    1 
ATOM 710 C C7    . DT D 4 1  ? -29.098 19.081  -10.181 1.00 80.00 ? 101 DT D C7    1 
ATOM 711 C C6    . DT D 4 1  ? -29.861 19.540  -7.862  1.00 80.00 ? 101 DT D C6    1 
ATOM 712 P P     . DC D 4 2  ? -28.280 19.962  -1.845  1.00 80.00 ? 102 DC D P     1 
ATOM 713 O OP1   . DC D 4 2  ? -29.441 20.880  -1.885  1.00 80.00 ? 102 DC D OP1   1 
ATOM 714 O OP2   . DC D 4 2  ? -27.102 20.338  -1.035  1.00 80.00 ? 102 DC D OP2   1 
ATOM 715 O "O5'" . DC D 4 2  ? -28.739 18.506  -1.350  1.00 80.00 ? 102 DC D "O5'" 1 
ATOM 716 C "C5'" . DC D 4 2  ? -29.116 18.297  0.019   1.00 80.00 ? 102 DC D "C5'" 1 
ATOM 717 C "C4'" . DC D 4 2  ? -29.620 16.885  0.269   1.00 80.00 ? 102 DC D "C4'" 1 
ATOM 718 O "O4'" . DC D 4 2  ? -30.121 16.359  -0.990  1.00 80.00 ? 102 DC D "O4'" 1 
ATOM 719 C "C3'" . DC D 4 2  ? -28.564 15.885  0.735   1.00 80.00 ? 102 DC D "C3'" 1 
ATOM 720 O "O3'" . DC D 4 2  ? -29.132 14.780  1.469   1.00 80.00 ? 102 DC D "O3'" 1 
ATOM 721 C "C2'" . DC D 4 2  ? -28.013 15.439  -0.610  1.00 80.00 ? 102 DC D "C2'" 1 
ATOM 722 C "C1'" . DC D 4 2  ? -29.309 15.274  -1.392  1.00 80.00 ? 102 DC D "C1'" 1 
ATOM 723 N N1    . DC D 4 2  ? -29.105 15.302  -2.866  1.00 80.00 ? 102 DC D N1    1 
ATOM 724 C C2    . DC D 4 2  ? -29.336 14.143  -3.614  1.00 80.00 ? 102 DC D C2    1 
ATOM 725 O O2    . DC D 4 2  ? -29.715 13.119  -3.036  1.00 80.00 ? 102 DC D O2    1 
ATOM 726 N N3    . DC D 4 2  ? -29.141 14.177  -4.953  1.00 80.00 ? 102 DC D N3    1 
ATOM 727 C C4    . DC D 4 2  ? -28.733 15.303  -5.538  1.00 80.00 ? 102 DC D C4    1 
ATOM 728 N N4    . DC D 4 2  ? -28.554 15.287  -6.863  1.00 80.00 ? 102 DC D N4    1 
ATOM 729 C C5    . DC D 4 2  ? -28.489 16.493  -4.793  1.00 80.00 ? 102 DC D C5    1 
ATOM 730 C C6    . DC D 4 2  ? -28.684 16.448  -3.472  1.00 80.00 ? 102 DC D C6    1 
ATOM 731 P P     . DT D 4 3  ? -28.537 13.295  1.274   1.00 80.00 ? 103 DT D P     1 
ATOM 732 O OP1   . DT D 4 3  ? -27.062 13.403  1.314   1.00 80.00 ? 103 DT D OP1   1 
ATOM 733 O OP2   . DT D 4 3  ? -29.212 12.727  0.084   1.00 80.00 ? 103 DT D OP2   1 
ATOM 734 O "O5'" . DT D 4 3  ? -28.996 12.431  2.548   1.00 80.00 ? 103 DT D "O5'" 1 
ATOM 735 C "C5'" . DT D 4 3  ? -28.208 11.312  3.001   1.00 80.00 ? 103 DT D "C5'" 1 
ATOM 736 C "C4'" . DT D 4 3  ? -28.238 10.110  2.063   1.00 80.00 ? 103 DT D "C4'" 1 
ATOM 737 O "O4'" . DT D 4 3  ? -28.351 10.544  0.682   1.00 80.00 ? 103 DT D "O4'" 1 
ATOM 738 C "C3'" . DT D 4 3  ? -26.984 9.231   2.125   1.00 80.00 ? 103 DT D "C3'" 1 
ATOM 739 O "O3'" . DT D 4 3  ? -27.279 7.820   2.312   1.00 80.00 ? 103 DT D "O3'" 1 
ATOM 740 C "C2'" . DT D 4 3  ? -26.254 9.544   0.818   1.00 80.00 ? 103 DT D "C2'" 1 
ATOM 741 C "C1'" . DT D 4 3  ? -27.436 9.809   -0.104  1.00 80.00 ? 103 DT D "C1'" 1 
ATOM 742 N N1    . DT D 4 3  ? -27.119 10.512  -1.394  1.00 80.00 ? 103 DT D N1    1 
ATOM 743 C C2    . DT D 4 3  ? -27.289 9.801   -2.558  1.00 80.00 ? 103 DT D C2    1 
ATOM 744 O O2    . DT D 4 3  ? -27.676 8.649   -2.571  1.00 80.00 ? 103 DT D O2    1 
ATOM 745 N N3    . DT D 4 3  ? -26.987 10.485  -3.707  1.00 80.00 ? 103 DT D N3    1 
ATOM 746 C C4    . DT D 4 3  ? -26.541 11.787  -3.814  1.00 80.00 ? 103 DT D C4    1 
ATOM 747 O O4    . DT D 4 3  ? -26.295 12.317  -4.896  1.00 80.00 ? 103 DT D O4    1 
ATOM 748 C C5    . DT D 4 3  ? -26.384 12.477  -2.560  1.00 80.00 ? 103 DT D C5    1 
ATOM 749 C C7    . DT D 4 3  ? -25.903 13.896  -2.561  1.00 80.00 ? 103 DT D C7    1 
ATOM 750 C C6    . DT D 4 3  ? -26.675 11.819  -1.424  1.00 80.00 ? 103 DT D C6    1 
ATOM 751 P P     . DG D 4 4  ? -28.215 6.914   1.363   1.00 80.00 ? 104 DG D P     1 
ATOM 752 O OP1   . DG D 4 4  ? -27.865 7.134   -0.057  1.00 80.00 ? 104 DG D OP1   1 
ATOM 753 O OP2   . DG D 4 4  ? -29.607 7.119   1.818   1.00 80.00 ? 104 DG D OP2   1 
ATOM 754 O "O5'" . DG D 4 4  ? -27.788 5.414   1.736   1.00 80.00 ? 104 DG D "O5'" 1 
ATOM 755 C "C5'" . DG D 4 4  ? -28.539 4.294   1.250   1.00 80.00 ? 104 DG D "C5'" 1 
ATOM 756 C "C4'" . DG D 4 4  ? -27.947 3.659   -0.001  1.00 80.00 ? 104 DG D "C4'" 1 
ATOM 757 O "O4'" . DG D 4 4  ? -27.591 4.677   -0.974  1.00 80.00 ? 104 DG D "O4'" 1 
ATOM 758 C "C3'" . DG D 4 4  ? -26.661 2.871   0.210   1.00 80.00 ? 104 DG D "C3'" 1 
ATOM 759 O "O3'" . DG D 4 4  ? -26.448 1.968   -0.862  1.00 80.00 ? 104 DG D "O3'" 1 
ATOM 760 C "C2'" . DG D 4 4  ? -25.645 3.992   0.082   1.00 80.00 ? 104 DG D "C2'" 1 
ATOM 761 C "C1'" . DG D 4 4  ? -26.200 4.578   -1.209  1.00 80.00 ? 104 DG D "C1'" 1 
ATOM 762 N N9    . DG D 4 4  ? -25.674 5.884   -1.581  1.00 80.00 ? 104 DG D N9    1 
ATOM 763 C C8    . DG D 4 4  ? -25.174 6.864   -0.762  1.00 80.00 ? 104 DG D C8    1 
ATOM 764 N N7    . DG D 4 4  ? -24.780 7.929   -1.406  1.00 80.00 ? 104 DG D N7    1 
ATOM 765 C C5    . DG D 4 4  ? -25.037 7.633   -2.736  1.00 80.00 ? 104 DG D C5    1 
ATOM 766 C C6    . DG D 4 4  ? -24.820 8.407   -3.898  1.00 80.00 ? 104 DG D C6    1 
ATOM 767 O O6    . DG D 4 4  ? -24.338 9.544   -3.988  1.00 80.00 ? 104 DG D O6    1 
ATOM 768 N N1    . DG D 4 4  ? -25.225 7.721   -5.040  1.00 80.00 ? 104 DG D N1    1 
ATOM 769 C C2    . DG D 4 4  ? -25.769 6.457   -5.050  1.00 80.00 ? 104 DG D C2    1 
ATOM 770 N N2    . DG D 4 4  ? -26.098 5.958   -6.248  1.00 80.00 ? 104 DG D N2    1 
ATOM 771 N N3    . DG D 4 4  ? -25.977 5.723   -3.969  1.00 80.00 ? 104 DG D N3    1 
ATOM 772 C C4    . DG D 4 4  ? -25.589 6.379   -2.855  1.00 80.00 ? 104 DG D C4    1 
ATOM 773 P P     . DA D 4 5  ? -27.515 0.864   -1.314  1.00 80.00 ? 105 DA D P     1 
ATOM 774 O OP1   . DA D 4 5  ? -28.658 0.907   -0.376  1.00 80.00 ? 105 DA D OP1   1 
ATOM 775 O OP2   . DA D 4 5  ? -26.796 -0.412  -1.530  1.00 80.00 ? 105 DA D OP2   1 
ATOM 776 O "O5'" . DA D 4 5  ? -27.979 1.402   -2.748  1.00 80.00 ? 105 DA D "O5'" 1 
ATOM 777 C "C5'" . DA D 4 5  ? -27.256 2.436   -3.402  1.00 80.00 ? 105 DA D "C5'" 1 
ATOM 778 C "C4'" . DA D 4 5  ? -26.048 1.930   -4.165  1.00 80.00 ? 105 DA D "C4'" 1 
ATOM 779 O "O4'" . DA D 4 5  ? -25.228 3.076   -4.506  1.00 80.00 ? 105 DA D "O4'" 1 
ATOM 780 C "C3'" . DA D 4 5  ? -25.109 0.998   -3.409  1.00 80.00 ? 105 DA D "C3'" 1 
ATOM 781 O "O3'" . DA D 4 5  ? -24.385 0.191   -4.327  1.00 80.00 ? 105 DA D "O3'" 1 
ATOM 782 C "C2'" . DA D 4 5  ? -24.207 1.998   -2.703  1.00 80.00 ? 105 DA D "C2'" 1 
ATOM 783 C "C1'" . DA D 4 5  ? -23.966 2.911   -3.892  1.00 80.00 ? 105 DA D "C1'" 1 
ATOM 784 N N9    . DA D 4 5  ? -23.378 4.214   -3.608  1.00 80.00 ? 105 DA D N9    1 
ATOM 785 C C8    . DA D 4 5  ? -22.972 4.744   -2.416  1.00 80.00 ? 105 DA D C8    1 
ATOM 786 N N7    . DA D 4 5  ? -22.471 5.957   -2.526  1.00 80.00 ? 105 DA D N7    1 
ATOM 787 C C5    . DA D 4 5  ? -22.544 6.236   -3.883  1.00 80.00 ? 105 DA D C5    1 
ATOM 788 C C6    . DA D 4 5  ? -22.179 7.351   -4.671  1.00 80.00 ? 105 DA D C6    1 
ATOM 789 N N6    . DA D 4 5  ? -21.631 8.478   -4.201  1.00 80.00 ? 105 DA D N6    1 
ATOM 790 N N1    . DA D 4 5  ? -22.408 7.266   -5.995  1.00 80.00 ? 105 DA D N1    1 
ATOM 791 C C2    . DA D 4 5  ? -22.954 6.152   -6.492  1.00 80.00 ? 105 DA D C2    1 
ATOM 792 N N3    . DA D 4 5  ? -23.335 5.049   -5.863  1.00 80.00 ? 105 DA D N3    1 
ATOM 793 C C4    . DA D 4 5  ? -23.099 5.162   -4.553  1.00 80.00 ? 105 DA D C4    1 
ATOM 794 P P     . DT D 4 6  ? -24.976 -1.226  -4.774  1.00 80.00 ? 106 DT D P     1 
ATOM 795 O OP1   . DT D 4 6  ? -26.273 -1.424  -4.092  1.00 80.00 ? 106 DT D OP1   1 
ATOM 796 O OP2   . DT D 4 6  ? -23.899 -2.227  -4.637  1.00 80.00 ? 106 DT D OP2   1 
ATOM 797 O "O5'" . DT D 4 6  ? -25.230 -1.044  -6.338  1.00 80.00 ? 106 DT D "O5'" 1 
ATOM 798 C "C5'" . DT D 4 6  ? -25.234 0.250   -6.909  1.00 80.00 ? 106 DT D "C5'" 1 
ATOM 799 C "C4'" . DT D 4 6  ? -23.814 0.650   -7.251  1.00 80.00 ? 106 DT D "C4'" 1 
ATOM 800 O "O4'" . DT D 4 6  ? -23.290 1.619   -6.314  1.00 80.00 ? 106 DT D "O4'" 1 
ATOM 801 C "C3'" . DT D 4 6  ? -22.814 -0.502  -7.228  1.00 80.00 ? 106 DT D "C3'" 1 
ATOM 802 O "O3'" . DT D 4 6  ? -22.203 -0.563  -8.490  1.00 80.00 ? 106 DT D "O3'" 1 
ATOM 803 C "C2'" . DT D 4 6  ? -21.808 -0.103  -6.152  1.00 80.00 ? 106 DT D "C2'" 1 
ATOM 804 C "C1'" . DT D 4 6  ? -21.901 1.397   -6.349  1.00 80.00 ? 106 DT D "C1'" 1 
ATOM 805 N N1    . DT D 4 6  ? -21.196 2.257   -5.357  1.00 80.00 ? 106 DT D N1    1 
ATOM 806 C C2    . DT D 4 6  ? -20.735 3.462   -5.821  1.00 80.00 ? 106 DT D C2    1 
ATOM 807 O O2    . DT D 4 6  ? -20.897 3.807   -6.973  1.00 80.00 ? 106 DT D O2    1 
ATOM 808 N N3    . DT D 4 6  ? -20.085 4.240   -4.900  1.00 80.00 ? 106 DT D N3    1 
ATOM 809 C C4    . DT D 4 6  ? -19.851 3.938   -3.574  1.00 80.00 ? 106 DT D C4    1 
ATOM 810 O O4    . DT D 4 6  ? -19.256 4.712   -2.829  1.00 80.00 ? 106 DT D O4    1 
ATOM 811 C C5    . DT D 4 6  ? -20.360 2.655   -3.157  1.00 80.00 ? 106 DT D C5    1 
ATOM 812 C C7    . DT D 4 6  ? -20.177 2.180   -1.712  1.00 30.00 ? 106 DT D C7    1 
ATOM 813 C C6    . DT D 4 6  ? -20.999 1.875   -4.045  1.00 80.00 ? 106 DT D C6    1 
ATOM 814 P P     . DG D 4 7  ? -21.587 -1.952  -8.954  1.00 80.00 ? 107 DG D P     1 
ATOM 815 O OP1   . DG D 4 7  ? -22.445 -2.504  -10.024 1.00 80.00 ? 107 DG D OP1   1 
ATOM 816 O OP2   . DG D 4 7  ? -21.338 -2.751  -7.736  1.00 80.00 ? 107 DG D OP2   1 
ATOM 817 O "O5'" . DG D 4 7  ? -20.184 -1.509  -9.578  1.00 80.00 ? 107 DG D "O5'" 1 
ATOM 818 C "C5'" . DG D 4 7  ? -20.159 -1.005  -10.902 1.00 80.00 ? 107 DG D "C5'" 1 
ATOM 819 C "C4'" . DG D 4 7  ? -19.415 0.312   -10.944 1.00 80.00 ? 107 DG D "C4'" 1 
ATOM 820 O "O4'" . DG D 4 7  ? -19.524 0.943   -9.648  1.00 80.00 ? 107 DG D "O4'" 1 
ATOM 821 C "C3'" . DG D 4 7  ? -17.924 0.213   -11.248 1.00 80.00 ? 107 DG D "C3'" 1 
ATOM 822 O "O3'" . DG D 4 7  ? -17.645 0.942   -12.433 1.00 80.00 ? 107 DG D "O3'" 1 
ATOM 823 C "C2'" . DG D 4 7  ? -17.241 0.845   -10.037 1.00 80.00 ? 107 DG D "C2'" 1 
ATOM 824 C "C1'" . DG D 4 7  ? -18.352 1.692   -9.441  1.00 80.00 ? 107 DG D "C1'" 1 
ATOM 825 N N9    . DG D 4 7  ? -18.215 1.901   -8.008  1.00 80.00 ? 107 DG D N9    1 
ATOM 826 C C8    . DG D 4 7  ? -18.857 1.203   -7.020  1.00 80.00 ? 107 DG D C8    1 
ATOM 827 N N7    . DG D 4 7  ? -18.545 1.605   -5.819  1.00 80.00 ? 107 DG D N7    1 
ATOM 828 C C5    . DG D 4 7  ? -17.639 2.636   -6.024  1.00 80.00 ? 107 DG D C5    1 
ATOM 829 C C6    . DG D 4 7  ? -16.954 3.450   -5.089  1.00 80.00 ? 107 DG D C6    1 
ATOM 830 O O6    . DG D 4 7  ? -17.014 3.427   -3.853  1.00 80.00 ? 107 DG D O6    1 
ATOM 831 N N1    . DG D 4 7  ? -16.127 4.371   -5.724  1.00 80.00 ? 107 DG D N1    1 
ATOM 832 C C2    . DG D 4 7  ? -15.983 4.487   -7.086  1.00 80.00 ? 107 DG D C2    1 
ATOM 833 N N2    . DG D 4 7  ? -15.138 5.435   -7.510  1.00 80.00 ? 107 DG D N2    1 
ATOM 834 N N3    . DG D 4 7  ? -16.615 3.729   -7.973  1.00 80.00 ? 107 DG D N3    1 
ATOM 835 C C4    . DG D 4 7  ? -17.425 2.829   -7.371  1.00 80.00 ? 107 DG D C4    1 
ATOM 836 P P     . DT D 4 8  ? -16.454 0.505   -13.406 1.00 80.00 ? 108 DT D P     1 
ATOM 837 O OP1   . DT D 4 8  ? -16.732 1.030   -14.761 1.00 80.00 ? 108 DT D OP1   1 
ATOM 838 O OP2   . DT D 4 8  ? -16.245 -0.945  -13.232 1.00 80.00 ? 108 DT D OP2   1 
ATOM 839 O "O5'" . DT D 4 8  ? -15.204 1.301   -12.808 1.00 80.00 ? 108 DT D "O5'" 1 
ATOM 840 C "C5'" . DT D 4 8  ? -14.420 0.724   -11.778 1.00 80.00 ? 108 DT D "C5'" 1 
ATOM 841 C "C4'" . DT D 4 8  ? -13.761 1.810   -10.958 1.00 80.00 ? 108 DT D "C4'" 1 
ATOM 842 O "O4'" . DT D 4 8  ? -14.583 2.112   -9.811  1.00 80.00 ? 108 DT D "O4'" 1 
ATOM 843 C "C3'" . DT D 4 8  ? -12.437 1.424   -10.329 1.00 80.00 ? 108 DT D "C3'" 1 
ATOM 844 O "O3'" . DT D 4 8  ? -11.400 1.527   -11.282 1.00 80.00 ? 108 DT D "O3'" 1 
ATOM 845 C "C2'" . DT D 4 8  ? -12.305 2.508   -9.271  1.00 80.00 ? 108 DT D "C2'" 1 
ATOM 846 C "C1'" . DT D 4 8  ? -13.754 2.727   -8.845  1.00 80.00 ? 108 DT D "C1'" 1 
ATOM 847 N N1    . DT D 4 8  ? -14.073 2.203   -7.483  1.00 80.00 ? 108 DT D N1    1 
ATOM 848 C C2    . DT D 4 8  ? -13.468 2.796   -6.402  1.00 80.00 ? 108 DT D C2    1 
ATOM 849 O O2    . DT D 4 8  ? -12.686 3.715   -6.511  1.00 80.00 ? 108 DT D O2    1 
ATOM 850 N N3    . DT D 4 8  ? -13.806 2.277   -5.181  1.00 80.00 ? 108 DT D N3    1 
ATOM 851 C C4    . DT D 4 8  ? -14.677 1.240   -4.932  1.00 80.00 ? 108 DT D C4    1 
ATOM 852 O O4    . DT D 4 8  ? -14.919 0.842   -3.794  1.00 80.00 ? 108 DT D O4    1 
ATOM 853 C C5    . DT D 4 8  ? -15.276 0.662   -6.107  1.00 80.00 ? 108 DT D C5    1 
ATOM 854 C C7    . DT D 4 8  ? -16.239 -0.474  -5.956  1.00 80.00 ? 108 DT D C7    1 
ATOM 855 C C6    . DT D 4 8  ? -14.955 1.159   -7.312  1.00 80.00 ? 108 DT D C6    1 
# 
